data_2WR2
#
_entry.id   2WR2
#
_cell.length_a   69.878
_cell.length_b   142.723
_cell.length_c   199.661
_cell.angle_alpha   90.00
_cell.angle_beta   90.00
_cell.angle_gamma   90.00
#
_symmetry.space_group_name_H-M   'P 21 21 21'
#
loop_
_entity.id
_entity.type
_entity.pdbx_description
1 polymer HEMAGGLUTININ
2 branched 'N-acetyl-alpha-neuraminic acid-(2-3)-beta-D-galactopyranose-(1-3)-2-acetamido-2-deoxy-beta-D-glucopyranose'
3 non-polymer 2-acetamido-2-deoxy-beta-D-glucopyranose
4 water water
#
_entity_poly.entity_id   1
_entity_poly.type   'polypeptide(L)'
_entity_poly.pdbx_seq_one_letter_code
;MTITFLILLFTIVKGDQICIGYHANNSTEKVDTILERNVTVTHAKDILEKTHNGKLCRLSGIPPLELGDCSIAGWLLGNP
ECDRLLSVPEWSYIVEKENPVNGLCYPGSFNDYEELKHLITSVTHFEKVKILPRDQWTQHTTTGGSRACAVLDNPSFFRN
MVWLTKKGSNYPIAKRSYNNTSGEQMLIIWGIHHPNDDAEQRTLYQNVGTYVSVGTSTLNKRSIPEIATRPKVNGQGGRM
EFSWTLLETWDVINFESTGNLIAPEYGFKISKRGSSGIMKTEKTLENCETKCQTPLGAINTTLPFHNIHPLTIGECPKYV
KSDRLVLATGLRNVPQIESRGLFGAIAGFIEGGWQGMVDGWYGYHHSNDQGSGYAADKESTQKAFDGITNKVNSVIEKMN
TQFEAVGKEFSNLERRLENLNKKMEDGFLDVWTYNAELLVLMENERTLDFHDSNVKNLYDKVRMQLRDNVKELGNGCFEF
YHKCDDECMNSVKNGTYDYPKYEEESKAA
;
_entity_poly.pdbx_strand_id   A,B,C
#
# COMPACT_ATOMS: atom_id res chain seq x y z
N ASP A 16 5.03 12.96 -64.11
CA ASP A 16 5.88 13.28 -62.97
C ASP A 16 5.04 13.50 -61.71
N GLN A 17 5.35 12.75 -60.67
CA GLN A 17 4.61 12.85 -59.43
C GLN A 17 5.49 12.67 -58.20
N ILE A 18 5.00 13.16 -57.07
CA ILE A 18 5.67 12.93 -55.80
C ILE A 18 4.66 12.43 -54.77
N CYS A 19 5.05 11.42 -54.01
CA CYS A 19 4.15 10.81 -53.04
C CYS A 19 4.71 10.82 -51.64
N ILE A 20 3.82 10.96 -50.66
CA ILE A 20 4.19 10.86 -49.27
C ILE A 20 3.84 9.47 -48.80
N GLY A 21 4.72 8.87 -48.01
CA GLY A 21 4.47 7.53 -47.51
C GLY A 21 5.18 7.25 -46.20
N TYR A 22 4.95 6.04 -45.67
CA TYR A 22 5.56 5.62 -44.43
C TYR A 22 6.12 4.20 -44.53
N HIS A 23 7.07 3.91 -43.66
CA HIS A 23 7.79 2.64 -43.66
C HIS A 23 6.92 1.45 -43.26
N ALA A 24 7.09 0.35 -43.97
CA ALA A 24 6.51 -0.93 -43.60
C ALA A 24 7.62 -1.96 -43.62
N ASN A 25 7.43 -3.08 -42.93
CA ASN A 25 8.40 -4.17 -42.93
C ASN A 25 7.77 -5.53 -42.73
N ASN A 26 8.60 -6.50 -42.34
CA ASN A 26 8.16 -7.88 -42.19
C ASN A 26 7.78 -8.21 -40.76
N SER A 27 7.79 -7.19 -39.90
CA SER A 27 7.48 -7.37 -38.49
C SER A 27 6.14 -8.07 -38.30
N THR A 28 6.10 -8.96 -37.32
CA THR A 28 4.89 -9.68 -36.97
C THR A 28 4.50 -9.30 -35.54
N GLU A 29 5.28 -8.39 -34.95
CA GLU A 29 5.06 -8.00 -33.57
C GLU A 29 3.73 -7.30 -33.33
N LYS A 30 3.08 -7.67 -32.24
CA LYS A 30 1.73 -7.24 -31.91
C LYS A 30 1.74 -6.37 -30.65
N VAL A 31 0.91 -5.34 -30.62
CA VAL A 31 0.68 -4.59 -29.38
C VAL A 31 -0.81 -4.36 -29.16
N ASP A 32 -1.19 -4.01 -27.93
CA ASP A 32 -2.54 -3.61 -27.64
C ASP A 32 -2.60 -2.11 -27.36
N THR A 33 -3.71 -1.49 -27.71
CA THR A 33 -3.95 -0.11 -27.35
C THR A 33 -5.30 -0.03 -26.66
N ILE A 34 -5.62 1.13 -26.09
CA ILE A 34 -6.86 1.33 -25.38
C ILE A 34 -8.06 1.11 -26.30
N LEU A 35 -7.95 1.51 -27.55
CA LEU A 35 -9.04 1.34 -28.51
C LEU A 35 -8.97 0.06 -29.34
N GLU A 36 -7.80 -0.58 -29.40
CA GLU A 36 -7.59 -1.69 -30.34
C GLU A 36 -6.80 -2.85 -29.76
N ARG A 37 -7.18 -4.06 -30.15
CA ARG A 37 -6.45 -5.25 -29.77
C ARG A 37 -5.62 -5.78 -30.94
N ASN A 38 -4.48 -6.38 -30.63
CA ASN A 38 -3.63 -7.05 -31.62
C ASN A 38 -3.32 -6.27 -32.91
N VAL A 39 -2.66 -5.13 -32.74
CA VAL A 39 -2.22 -4.32 -33.85
C VAL A 39 -0.78 -4.66 -34.18
N THR A 40 -0.49 -4.89 -35.46
CA THR A 40 0.89 -5.17 -35.86
C THR A 40 1.66 -3.87 -36.05
N VAL A 41 2.82 -3.78 -35.41
CA VAL A 41 3.65 -2.58 -35.54
C VAL A 41 5.03 -2.92 -36.10
N THR A 42 5.65 -1.97 -36.76
CA THR A 42 6.96 -2.17 -37.37
C THR A 42 8.01 -2.48 -36.30
N HIS A 43 7.90 -1.82 -35.15
CA HIS A 43 8.86 -2.02 -34.06
C HIS A 43 8.18 -1.97 -32.68
N ALA A 44 8.79 -2.63 -31.70
CA ALA A 44 8.19 -2.73 -30.39
C ALA A 44 9.24 -2.98 -29.31
N LYS A 45 8.92 -2.64 -28.07
CA LYS A 45 9.84 -2.88 -26.97
C LYS A 45 9.11 -3.29 -25.71
N ASP A 46 9.56 -4.39 -25.11
CA ASP A 46 8.94 -4.97 -23.93
C ASP A 46 9.53 -4.32 -22.70
N ILE A 47 8.67 -3.78 -21.83
CA ILE A 47 9.13 -3.23 -20.57
C ILE A 47 8.80 -4.15 -19.39
N LEU A 48 8.55 -5.42 -19.67
CA LEU A 48 8.35 -6.41 -18.62
C LEU A 48 9.55 -7.34 -18.62
N GLU A 49 10.32 -7.34 -17.54
CA GLU A 49 11.44 -8.27 -17.42
C GLU A 49 10.92 -9.67 -17.14
N LYS A 50 11.17 -10.59 -18.07
CA LYS A 50 10.68 -11.96 -17.96
C LYS A 50 11.80 -12.98 -17.80
N THR A 51 13.05 -12.55 -17.99
CA THR A 51 14.17 -13.48 -17.91
C THR A 51 15.05 -13.26 -16.69
N HIS A 52 15.69 -14.33 -16.27
CA HIS A 52 16.64 -14.32 -15.16
C HIS A 52 17.75 -15.30 -15.54
N ASN A 53 18.89 -15.22 -14.86
CA ASN A 53 20.07 -16.03 -15.20
C ASN A 53 20.03 -17.44 -14.64
N GLY A 54 18.96 -17.77 -13.91
CA GLY A 54 18.78 -19.11 -13.38
C GLY A 54 19.77 -19.50 -12.31
N LYS A 55 20.41 -18.51 -11.69
CA LYS A 55 21.38 -18.81 -10.63
C LYS A 55 21.19 -18.05 -9.32
N LEU A 56 21.79 -18.60 -8.27
CA LEU A 56 21.90 -18.01 -6.94
C LEU A 56 23.20 -17.20 -6.92
N CYS A 57 23.10 -15.90 -6.65
CA CYS A 57 24.26 -15.01 -6.76
C CYS A 57 24.63 -14.22 -5.49
N ARG A 58 25.82 -13.63 -5.53
CA ARG A 58 26.24 -12.65 -4.53
C ARG A 58 25.42 -11.38 -4.74
N LEU A 59 24.96 -10.79 -3.64
CA LEU A 59 24.16 -9.57 -3.71
C LEU A 59 25.04 -8.37 -3.40
N SER A 60 25.27 -7.52 -4.39
CA SER A 60 26.19 -6.39 -4.25
C SER A 60 27.54 -6.83 -3.70
N GLY A 61 28.10 -7.91 -4.25
CA GLY A 61 29.41 -8.37 -3.85
C GLY A 61 29.42 -9.34 -2.69
N ILE A 62 28.37 -9.33 -1.88
CA ILE A 62 28.37 -10.10 -0.64
C ILE A 62 27.57 -11.39 -0.83
N PRO A 63 28.14 -12.52 -0.38
CA PRO A 63 27.49 -13.83 -0.53
C PRO A 63 26.38 -14.02 0.48
N PRO A 64 25.40 -14.90 0.16
CA PRO A 64 24.44 -15.31 1.17
C PRO A 64 25.02 -16.40 2.08
N LEU A 65 24.42 -16.58 3.24
CA LEU A 65 24.77 -17.68 4.10
C LEU A 65 23.92 -18.87 3.63
N GLU A 66 24.57 -19.98 3.31
CA GLU A 66 23.85 -21.15 2.80
C GLU A 66 23.69 -22.19 3.90
N LEU A 67 22.45 -22.44 4.31
CA LEU A 67 22.21 -23.36 5.42
C LEU A 67 21.70 -24.71 4.94
N GLY A 68 21.20 -24.76 3.71
CA GLY A 68 20.75 -26.00 3.14
C GLY A 68 19.54 -26.58 3.86
N ASP A 69 19.73 -27.74 4.48
CA ASP A 69 18.64 -28.42 5.17
C ASP A 69 18.67 -28.15 6.68
N CYS A 70 19.48 -27.18 7.08
CA CYS A 70 19.55 -26.80 8.48
C CYS A 70 18.77 -25.51 8.76
N SER A 71 18.12 -25.45 9.92
CA SER A 71 17.48 -24.22 10.36
C SER A 71 18.48 -23.32 11.09
N ILE A 72 18.16 -22.04 11.14
CA ILE A 72 18.99 -21.08 11.87
C ILE A 72 19.19 -21.52 13.32
N ALA A 73 18.15 -22.08 13.94
CA ALA A 73 18.29 -22.52 15.32
C ALA A 73 19.26 -23.71 15.41
N GLY A 74 19.04 -24.70 14.53
CA GLY A 74 19.93 -25.83 14.42
C GLY A 74 21.38 -25.37 14.32
N TRP A 75 21.60 -24.38 13.47
CA TRP A 75 22.96 -23.90 13.23
C TRP A 75 23.58 -23.21 14.46
N LEU A 76 22.86 -22.24 15.05
CA LEU A 76 23.37 -21.48 16.21
C LEU A 76 23.57 -22.32 17.48
N LEU A 77 22.74 -23.33 17.71
CA LEU A 77 22.95 -24.20 18.86
C LEU A 77 23.99 -25.28 18.55
N GLY A 78 24.27 -25.51 17.27
CA GLY A 78 25.26 -26.50 16.92
C GLY A 78 24.73 -27.94 16.91
N ASN A 79 23.52 -28.12 16.40
CA ASN A 79 23.02 -29.44 16.08
C ASN A 79 24.12 -30.24 15.34
N PRO A 80 24.42 -31.46 15.80
CA PRO A 80 25.48 -32.29 15.20
C PRO A 80 25.45 -32.36 13.68
N GLU A 81 24.27 -32.46 13.07
CA GLU A 81 24.19 -32.49 11.63
C GLU A 81 24.38 -31.10 11.01
N CYS A 82 24.44 -30.07 11.86
CA CYS A 82 24.52 -28.69 11.41
C CYS A 82 25.86 -28.00 11.70
N ASP A 83 26.62 -28.54 12.65
CA ASP A 83 27.77 -27.83 13.23
C ASP A 83 28.85 -27.40 12.23
N ARG A 84 29.32 -28.33 11.42
CA ARG A 84 30.42 -28.06 10.50
C ARG A 84 29.97 -27.30 9.26
N LEU A 85 28.81 -26.69 9.36
CA LEU A 85 28.18 -25.91 8.29
C LEU A 85 29.16 -25.09 7.43
N LEU A 86 30.25 -24.62 8.04
CA LEU A 86 31.23 -23.82 7.33
C LEU A 86 30.60 -22.54 6.76
N SER A 87 30.62 -21.49 7.58
CA SER A 87 29.97 -20.23 7.24
C SER A 87 30.95 -19.21 6.65
N VAL A 88 30.40 -18.08 6.22
CA VAL A 88 31.19 -16.93 5.83
C VAL A 88 31.22 -15.93 7.00
N PRO A 89 32.16 -14.97 6.99
CA PRO A 89 32.25 -13.99 8.08
C PRO A 89 31.28 -12.84 7.86
N GLU A 90 30.69 -12.78 6.66
CA GLU A 90 29.85 -11.68 6.25
C GLU A 90 28.86 -12.19 5.21
N TRP A 91 27.59 -11.86 5.37
CA TRP A 91 26.59 -12.24 4.38
C TRP A 91 25.51 -11.19 4.16
N SER A 92 24.80 -11.31 3.05
CA SER A 92 23.87 -10.27 2.65
C SER A 92 22.45 -10.76 2.73
N TYR A 93 22.28 -12.08 2.73
CA TYR A 93 20.99 -12.73 2.94
C TYR A 93 21.22 -14.20 3.33
N ILE A 94 20.16 -14.91 3.66
CA ILE A 94 20.29 -16.30 4.09
C ILE A 94 19.49 -17.16 3.14
N VAL A 95 20.00 -18.36 2.86
CA VAL A 95 19.31 -19.32 2.02
C VAL A 95 19.05 -20.63 2.77
N GLU A 96 17.79 -21.08 2.72
CA GLU A 96 17.40 -22.34 3.32
C GLU A 96 16.59 -23.15 2.32
N LYS A 97 16.44 -24.45 2.59
CA LYS A 97 15.48 -25.28 1.86
C LYS A 97 14.09 -24.92 2.38
N GLU A 98 13.08 -25.17 1.56
CA GLU A 98 11.71 -24.88 1.95
C GLU A 98 11.43 -25.43 3.35
N ASN A 99 11.62 -26.73 3.53
CA ASN A 99 11.41 -27.35 4.83
C ASN A 99 12.66 -28.08 5.33
N PRO A 100 13.50 -27.36 6.08
CA PRO A 100 14.78 -27.85 6.61
C PRO A 100 14.57 -29.00 7.59
N VAL A 101 15.37 -30.05 7.44
CA VAL A 101 15.21 -31.26 8.23
C VAL A 101 15.83 -31.16 9.62
N ASN A 102 16.79 -30.26 9.80
CA ASN A 102 17.55 -30.19 11.05
C ASN A 102 17.35 -28.92 11.87
N GLY A 103 16.94 -29.08 13.12
CA GLY A 103 16.67 -27.96 14.00
C GLY A 103 16.91 -28.29 15.46
N LEU A 104 15.83 -28.39 16.21
CA LEU A 104 15.92 -28.80 17.61
C LEU A 104 15.85 -30.32 17.72
N CYS A 105 17.00 -30.99 17.66
CA CYS A 105 17.03 -32.44 17.71
C CYS A 105 16.47 -32.91 19.03
N TYR A 106 16.85 -32.23 20.11
CA TYR A 106 16.12 -32.39 21.35
C TYR A 106 14.93 -31.44 21.24
N PRO A 107 13.71 -31.95 21.43
CA PRO A 107 12.54 -31.12 21.11
C PRO A 107 12.43 -29.93 22.08
N GLY A 108 11.75 -28.88 21.64
CA GLY A 108 11.58 -27.71 22.46
C GLY A 108 11.09 -26.56 21.61
N SER A 109 11.47 -25.35 22.02
CA SER A 109 10.97 -24.14 21.40
C SER A 109 12.03 -23.07 21.58
N PHE A 110 11.89 -22.00 20.82
CA PHE A 110 12.85 -20.90 20.81
C PHE A 110 12.03 -19.61 20.99
N ASN A 111 12.27 -18.87 22.08
CA ASN A 111 11.52 -17.65 22.34
C ASN A 111 11.93 -16.52 21.40
N ASP A 112 10.94 -15.78 20.88
CA ASP A 112 11.21 -14.69 19.94
C ASP A 112 12.13 -15.11 18.80
N TYR A 113 11.85 -16.29 18.24
CA TYR A 113 12.69 -16.88 17.19
C TYR A 113 12.67 -16.09 15.88
N GLU A 114 11.48 -15.72 15.42
CA GLU A 114 11.37 -14.94 14.19
C GLU A 114 12.16 -13.63 14.25
N GLU A 115 12.13 -12.96 15.40
CA GLU A 115 12.91 -11.73 15.56
C GLU A 115 14.42 -12.02 15.46
N LEU A 116 14.84 -13.12 16.06
CA LEU A 116 16.23 -13.53 15.95
C LEU A 116 16.62 -13.74 14.48
N LYS A 117 15.77 -14.42 13.73
CA LYS A 117 16.07 -14.73 12.35
C LYS A 117 16.14 -13.45 11.54
N HIS A 118 15.33 -12.48 11.93
CA HIS A 118 15.31 -11.23 11.18
C HIS A 118 16.59 -10.44 11.44
N LEU A 119 17.10 -10.55 12.66
CA LEU A 119 18.31 -9.87 13.10
C LEU A 119 19.62 -10.30 12.38
N ILE A 120 19.78 -11.60 12.13
CA ILE A 120 21.03 -12.10 11.56
C ILE A 120 20.88 -12.28 10.06
N THR A 121 19.84 -11.67 9.52
CA THR A 121 19.47 -11.85 8.14
C THR A 121 20.55 -11.24 7.22
N SER A 122 21.23 -10.20 7.71
CA SER A 122 22.25 -9.50 6.95
C SER A 122 23.29 -8.92 7.89
N VAL A 123 24.54 -9.37 7.77
CA VAL A 123 25.54 -8.99 8.76
C VAL A 123 26.88 -8.58 8.20
N THR A 124 27.72 -8.11 9.10
CA THR A 124 29.05 -7.61 8.79
C THR A 124 29.38 -6.89 10.08
N HIS A 125 29.93 -7.59 11.05
CA HIS A 125 30.67 -8.84 10.90
C HIS A 125 30.04 -9.98 11.76
N PHE A 126 30.49 -11.22 11.58
CA PHE A 126 29.96 -12.35 12.38
C PHE A 126 31.04 -13.34 12.81
N GLU A 127 31.10 -13.67 14.09
CA GLU A 127 32.17 -14.54 14.58
C GLU A 127 31.91 -15.22 15.93
N LYS A 128 31.87 -16.54 15.91
CA LYS A 128 31.67 -17.34 17.11
C LYS A 128 32.89 -17.24 18.02
N VAL A 129 32.67 -16.97 19.30
CA VAL A 129 33.78 -16.93 20.23
C VAL A 129 33.45 -17.73 21.50
N LYS A 130 34.46 -18.42 22.03
CA LYS A 130 34.27 -19.20 23.25
C LYS A 130 34.24 -18.26 24.45
N ILE A 131 33.06 -18.03 25.00
CA ILE A 131 32.91 -17.05 26.07
C ILE A 131 32.90 -17.69 27.46
N LEU A 132 32.49 -18.95 27.54
CA LEU A 132 32.41 -19.65 28.83
C LEU A 132 32.92 -21.10 28.72
N PRO A 133 34.24 -21.27 28.69
CA PRO A 133 34.89 -22.58 28.53
C PRO A 133 34.21 -23.65 29.37
N ARG A 134 33.68 -24.64 28.67
CA ARG A 134 33.03 -25.81 29.25
C ARG A 134 33.70 -26.36 30.52
N ASP A 135 35.03 -26.26 30.58
CA ASP A 135 35.80 -26.90 31.64
C ASP A 135 35.83 -26.15 32.97
N GLN A 136 35.39 -24.90 32.97
CA GLN A 136 35.42 -24.10 34.20
C GLN A 136 34.15 -24.26 35.02
N TRP A 137 33.23 -25.10 34.57
CA TRP A 137 32.14 -25.58 35.41
C TRP A 137 32.65 -26.72 36.29
N THR A 138 33.55 -26.42 37.22
CA THR A 138 34.23 -27.46 37.99
C THR A 138 33.31 -28.29 38.89
N GLN A 139 32.25 -27.67 39.40
CA GLN A 139 31.36 -28.31 40.35
C GLN A 139 30.19 -29.03 39.70
N HIS A 140 30.25 -29.22 38.40
CA HIS A 140 29.12 -29.82 37.70
C HIS A 140 29.59 -30.77 36.62
N THR A 141 28.73 -31.72 36.29
CA THR A 141 28.97 -32.59 35.15
C THR A 141 28.54 -31.88 33.88
N THR A 142 29.28 -32.15 32.81
CA THR A 142 29.29 -31.26 31.67
C THR A 142 29.16 -32.01 30.35
N THR A 143 29.30 -33.34 30.44
CA THR A 143 29.33 -34.21 29.27
C THR A 143 27.96 -34.82 28.89
N GLY A 144 26.89 -34.37 29.55
CA GLY A 144 25.57 -34.93 29.33
C GLY A 144 25.08 -34.77 27.90
N GLY A 145 24.33 -35.76 27.42
CA GLY A 145 23.79 -35.74 26.07
C GLY A 145 22.48 -36.51 25.95
N SER A 146 21.97 -36.65 24.73
CA SER A 146 20.70 -37.33 24.54
C SER A 146 20.70 -38.28 23.34
N ARG A 147 19.87 -39.32 23.42
CA ARG A 147 19.69 -40.22 22.29
C ARG A 147 19.01 -39.46 21.16
N ALA A 148 18.34 -38.37 21.52
CA ALA A 148 17.65 -37.53 20.55
C ALA A 148 18.64 -36.78 19.65
N CYS A 149 19.87 -36.64 20.11
CA CYS A 149 20.91 -35.99 19.31
C CYS A 149 22.00 -36.98 18.90
N ALA A 150 21.68 -38.26 18.94
CA ALA A 150 22.66 -39.32 18.72
C ALA A 150 23.49 -39.10 17.46
N VAL A 151 24.80 -39.17 17.62
CA VAL A 151 25.69 -39.11 16.47
C VAL A 151 25.71 -40.46 15.76
N LEU A 152 26.55 -41.39 16.22
CA LEU A 152 26.63 -42.69 15.57
C LEU A 152 27.18 -43.80 16.45
N ASP A 153 26.31 -44.42 17.25
CA ASP A 153 24.99 -43.88 17.49
C ASP A 153 24.94 -43.57 18.98
N ASN A 154 25.95 -42.82 19.42
CA ASN A 154 26.09 -42.44 20.81
C ASN A 154 25.33 -41.17 21.12
N PRO A 155 24.79 -41.07 22.35
CA PRO A 155 24.12 -39.84 22.77
C PRO A 155 25.06 -38.64 22.60
N SER A 156 24.58 -37.59 21.96
CA SER A 156 25.36 -36.37 21.84
C SER A 156 24.48 -35.17 22.19
N PHE A 157 24.93 -33.97 21.85
CA PHE A 157 24.20 -32.77 22.22
C PHE A 157 24.57 -31.59 21.34
N PHE A 158 23.76 -30.52 21.44
CA PHE A 158 24.04 -29.27 20.75
C PHE A 158 25.47 -28.89 21.06
N ARG A 159 26.30 -28.80 20.03
CA ARG A 159 27.75 -28.65 20.23
C ARG A 159 28.18 -27.28 20.76
N ASN A 160 27.30 -26.29 20.67
CA ASN A 160 27.62 -24.95 21.16
C ASN A 160 27.13 -24.71 22.59
N MET A 161 26.42 -25.69 23.14
CA MET A 161 25.81 -25.57 24.46
C MET A 161 26.33 -26.61 25.44
N VAL A 162 26.04 -26.40 26.71
CA VAL A 162 26.48 -27.30 27.77
C VAL A 162 25.30 -27.72 28.62
N TRP A 163 25.04 -29.03 28.65
CA TRP A 163 24.02 -29.58 29.52
C TRP A 163 24.62 -29.81 30.90
N LEU A 164 24.40 -28.88 31.82
CA LEU A 164 24.92 -29.01 33.18
C LEU A 164 24.09 -30.02 33.96
N THR A 165 24.76 -31.01 34.54
CA THR A 165 24.06 -31.96 35.39
C THR A 165 24.84 -32.19 36.68
N LYS A 166 24.24 -32.95 37.59
CA LYS A 166 24.87 -33.17 38.89
C LYS A 166 26.22 -33.87 38.81
N LYS A 167 27.06 -33.55 39.79
CA LYS A 167 28.34 -34.19 40.00
C LYS A 167 28.20 -35.15 41.18
N GLY A 168 28.24 -36.45 40.90
CA GLY A 168 27.92 -37.45 41.90
C GLY A 168 26.46 -37.29 42.32
N SER A 169 26.24 -36.91 43.56
CA SER A 169 24.88 -36.66 44.04
C SER A 169 24.61 -35.19 44.35
N ASN A 170 25.45 -34.29 43.85
CA ASN A 170 25.29 -32.86 44.13
C ASN A 170 25.19 -31.97 42.90
N TYR A 171 24.17 -31.12 42.89
CA TYR A 171 24.12 -29.98 41.98
C TYR A 171 24.19 -28.70 42.83
N PRO A 172 25.41 -28.19 43.06
CA PRO A 172 25.60 -26.94 43.80
C PRO A 172 25.17 -25.79 42.90
N ILE A 173 24.96 -24.63 43.48
CA ILE A 173 24.56 -23.48 42.69
C ILE A 173 25.60 -23.21 41.61
N ALA A 174 25.13 -23.11 40.37
CA ALA A 174 25.98 -22.78 39.24
C ALA A 174 25.90 -21.27 38.98
N LYS A 175 27.07 -20.62 39.02
CA LYS A 175 27.19 -19.17 38.83
C LYS A 175 28.43 -18.79 38.02
N ARG A 176 28.21 -18.21 36.85
CA ARG A 176 29.31 -17.72 36.04
C ARG A 176 28.86 -16.48 35.30
N SER A 177 29.79 -15.57 35.04
CA SER A 177 29.49 -14.39 34.24
C SER A 177 30.53 -14.17 33.17
N TYR A 178 30.18 -13.30 32.23
CA TYR A 178 31.06 -12.97 31.12
C TYR A 178 30.93 -11.50 30.80
N ASN A 179 32.06 -10.82 30.73
CA ASN A 179 32.10 -9.43 30.32
C ASN A 179 32.40 -9.34 28.84
N ASN A 180 31.54 -8.66 28.08
CA ASN A 180 31.73 -8.55 26.64
C ASN A 180 32.85 -7.57 26.26
N THR A 181 34.08 -8.07 26.25
CA THR A 181 35.24 -7.26 25.88
C THR A 181 35.60 -7.53 24.42
N SER A 182 34.63 -8.00 23.64
CA SER A 182 34.92 -8.50 22.30
C SER A 182 35.09 -7.39 21.28
N GLY A 183 34.45 -6.25 21.54
CA GLY A 183 34.51 -5.12 20.62
C GLY A 183 33.20 -4.88 19.89
N GLU A 184 32.33 -5.90 19.90
CA GLU A 184 31.05 -5.81 19.20
C GLU A 184 29.90 -6.30 20.07
N GLN A 185 28.67 -5.99 19.68
CA GLN A 185 27.52 -6.59 20.33
C GLN A 185 27.61 -8.10 20.21
N MET A 186 27.13 -8.82 21.22
CA MET A 186 27.25 -10.27 21.18
C MET A 186 25.92 -11.00 21.40
N LEU A 187 25.58 -11.85 20.46
CA LEU A 187 24.39 -12.68 20.58
C LEU A 187 24.72 -13.86 21.46
N ILE A 188 23.92 -14.05 22.51
CA ILE A 188 24.11 -15.15 23.45
C ILE A 188 22.77 -15.88 23.63
N ILE A 189 22.84 -17.20 23.64
CA ILE A 189 21.65 -18.02 23.74
C ILE A 189 21.77 -18.94 24.94
N TRP A 190 20.65 -19.22 25.60
CA TRP A 190 20.64 -20.19 26.69
C TRP A 190 19.28 -20.87 26.73
N GLY A 191 19.17 -21.92 27.53
CA GLY A 191 17.93 -22.66 27.57
C GLY A 191 17.62 -23.22 28.95
N ILE A 192 16.41 -23.71 29.10
CA ILE A 192 16.03 -24.38 30.32
C ILE A 192 15.39 -25.71 29.94
N HIS A 193 15.72 -26.75 30.69
CA HIS A 193 15.17 -28.07 30.46
C HIS A 193 13.86 -28.26 31.23
N HIS A 194 12.78 -28.60 30.53
CA HIS A 194 11.51 -28.97 31.16
C HIS A 194 11.32 -30.49 31.08
N PRO A 195 11.72 -31.22 32.13
CA PRO A 195 11.73 -32.68 32.10
C PRO A 195 10.34 -33.29 32.01
N ASN A 196 10.30 -34.56 31.64
CA ASN A 196 9.06 -35.31 31.50
C ASN A 196 8.47 -35.73 32.85
N ASP A 197 9.33 -35.94 33.86
CA ASP A 197 8.84 -36.38 35.16
C ASP A 197 9.84 -36.14 36.28
N ASP A 198 9.40 -36.33 37.51
CA ASP A 198 10.24 -36.07 38.68
C ASP A 198 11.48 -36.94 38.71
N ALA A 199 11.34 -38.19 38.28
CA ALA A 199 12.47 -39.11 38.30
C ALA A 199 13.58 -38.58 37.39
N GLU A 200 13.22 -38.06 36.22
CA GLU A 200 14.22 -37.50 35.32
C GLU A 200 14.88 -36.26 35.94
N GLN A 201 14.08 -35.44 36.63
CA GLN A 201 14.58 -34.24 37.31
C GLN A 201 15.62 -34.63 38.34
N ARG A 202 15.32 -35.67 39.11
CA ARG A 202 16.21 -36.07 40.17
C ARG A 202 17.46 -36.76 39.63
N THR A 203 17.30 -37.58 38.59
CA THR A 203 18.45 -38.23 37.99
C THR A 203 19.46 -37.21 37.46
N LEU A 204 18.96 -36.20 36.77
CA LEU A 204 19.81 -35.19 36.15
C LEU A 204 20.34 -34.13 37.11
N TYR A 205 19.45 -33.60 37.97
CA TYR A 205 19.77 -32.39 38.73
C TYR A 205 19.75 -32.54 40.25
N GLN A 206 19.33 -33.71 40.74
CA GLN A 206 19.19 -33.94 42.19
C GLN A 206 18.10 -33.06 42.83
N ASN A 207 18.30 -31.75 42.78
CA ASN A 207 17.39 -30.80 43.42
C ASN A 207 15.99 -30.76 42.83
N VAL A 208 15.03 -30.40 43.66
CA VAL A 208 13.68 -30.10 43.20
C VAL A 208 13.45 -28.60 43.42
N GLY A 209 12.44 -28.03 42.77
CA GLY A 209 12.15 -26.62 42.96
C GLY A 209 13.35 -25.76 42.61
N THR A 210 13.92 -26.00 41.44
CA THR A 210 15.09 -25.29 40.96
C THR A 210 14.65 -24.06 40.20
N TYR A 211 15.62 -23.25 39.78
CA TYR A 211 15.33 -22.10 38.94
C TYR A 211 16.52 -21.81 38.05
N VAL A 212 16.29 -21.05 36.97
CA VAL A 212 17.37 -20.55 36.14
C VAL A 212 17.28 -19.03 36.04
N SER A 213 18.40 -18.35 36.30
CA SER A 213 18.42 -16.90 36.32
C SER A 213 19.49 -16.32 35.41
N VAL A 214 19.11 -15.29 34.64
CA VAL A 214 20.01 -14.59 33.74
C VAL A 214 19.77 -13.08 33.78
N GLY A 215 20.86 -12.32 33.88
CA GLY A 215 20.75 -10.88 34.00
C GLY A 215 21.88 -10.12 33.32
N THR A 216 21.51 -9.04 32.64
CA THR A 216 22.46 -8.13 32.04
C THR A 216 21.98 -6.75 32.44
N SER A 217 22.50 -5.71 31.80
CA SER A 217 22.11 -4.33 32.13
C SER A 217 20.64 -4.08 31.83
N THR A 218 20.12 -4.75 30.81
CA THR A 218 18.77 -4.50 30.34
C THR A 218 17.87 -5.72 30.52
N LEU A 219 18.47 -6.90 30.56
CA LEU A 219 17.70 -8.14 30.63
C LEU A 219 17.63 -8.68 32.07
N ASN A 220 16.46 -9.15 32.47
CA ASN A 220 16.28 -9.71 33.79
C ASN A 220 15.23 -10.80 33.72
N LYS A 221 15.63 -12.03 34.02
CA LYS A 221 14.75 -13.16 33.80
C LYS A 221 14.97 -14.29 34.79
N ARG A 222 13.89 -14.89 35.26
CA ARG A 222 13.97 -16.05 36.14
C ARG A 222 12.90 -17.04 35.70
N SER A 223 13.33 -18.26 35.43
CA SER A 223 12.43 -19.28 34.91
C SER A 223 12.46 -20.48 35.82
N ILE A 224 11.31 -21.13 35.98
CA ILE A 224 11.28 -22.38 36.73
C ILE A 224 10.90 -23.51 35.79
N PRO A 225 11.63 -24.63 35.87
CA PRO A 225 11.39 -25.80 35.02
C PRO A 225 9.95 -26.29 35.15
N GLU A 226 9.38 -26.79 34.05
CA GLU A 226 8.06 -27.37 34.08
C GLU A 226 8.12 -28.89 33.88
N ILE A 227 7.98 -29.62 34.96
CA ILE A 227 8.00 -31.07 34.91
C ILE A 227 6.61 -31.55 34.61
N ALA A 228 6.44 -32.23 33.47
CA ALA A 228 5.11 -32.74 33.08
C ALA A 228 5.21 -33.78 31.95
N THR A 229 4.26 -34.71 31.93
CA THR A 229 4.19 -35.75 30.92
C THR A 229 3.76 -35.19 29.56
N ARG A 230 4.54 -35.48 28.52
CA ARG A 230 4.22 -35.01 27.16
C ARG A 230 4.52 -36.09 26.13
N PRO A 231 3.83 -36.03 24.98
CA PRO A 231 4.13 -36.97 23.90
C PRO A 231 5.62 -36.93 23.58
N LYS A 232 6.21 -38.10 23.39
CA LYS A 232 7.61 -38.20 23.00
C LYS A 232 7.81 -37.63 21.62
N VAL A 233 8.88 -36.87 21.46
CA VAL A 233 9.28 -36.33 20.18
C VAL A 233 10.76 -36.65 20.06
N ASN A 234 11.12 -37.36 18.99
CA ASN A 234 12.45 -37.92 18.87
C ASN A 234 12.79 -38.70 20.13
N GLY A 235 11.80 -39.41 20.66
CA GLY A 235 11.97 -40.23 21.84
C GLY A 235 11.87 -39.53 23.18
N GLN A 236 11.82 -38.19 23.21
CA GLN A 236 11.85 -37.45 24.47
C GLN A 236 10.53 -36.81 24.89
N GLY A 237 10.21 -36.92 26.17
CA GLY A 237 9.03 -36.28 26.74
C GLY A 237 9.35 -34.89 27.28
N GLY A 238 10.61 -34.67 27.60
CA GLY A 238 11.04 -33.38 28.09
C GLY A 238 11.14 -32.40 26.94
N ARG A 239 11.47 -31.15 27.27
CA ARG A 239 11.57 -30.10 26.27
C ARG A 239 12.63 -29.10 26.69
N MET A 240 13.25 -28.45 25.72
CA MET A 240 14.18 -27.39 26.04
C MET A 240 13.73 -26.07 25.42
N GLU A 241 13.49 -25.09 26.28
CA GLU A 241 13.08 -23.77 25.86
C GLU A 241 14.29 -22.85 25.83
N PHE A 242 14.56 -22.29 24.66
CA PHE A 242 15.74 -21.45 24.48
C PHE A 242 15.36 -19.99 24.42
N SER A 243 16.23 -19.16 24.97
CA SER A 243 16.08 -17.71 24.85
C SER A 243 17.39 -17.11 24.38
N TRP A 244 17.32 -15.88 23.89
CA TRP A 244 18.50 -15.16 23.44
C TRP A 244 18.49 -13.70 23.91
N THR A 245 19.67 -13.07 23.89
CA THR A 245 19.78 -11.65 24.14
C THR A 245 20.96 -11.10 23.35
N LEU A 246 20.98 -9.79 23.15
CA LEU A 246 22.16 -9.10 22.64
C LEU A 246 22.88 -8.46 23.80
N LEU A 247 24.11 -8.85 24.03
CA LEU A 247 24.91 -8.27 25.09
C LEU A 247 25.75 -7.14 24.51
N GLU A 248 25.60 -5.95 25.08
CA GLU A 248 26.31 -4.78 24.58
C GLU A 248 27.78 -4.86 24.93
N THR A 249 28.61 -4.12 24.20
CA THR A 249 30.02 -3.99 24.52
C THR A 249 30.18 -3.51 25.96
N TRP A 250 31.05 -4.21 26.70
CA TRP A 250 31.42 -3.84 28.06
C TRP A 250 30.33 -4.12 29.09
N ASP A 251 29.26 -4.78 28.66
CA ASP A 251 28.23 -5.22 29.61
C ASP A 251 28.52 -6.61 30.13
N VAL A 252 27.92 -6.98 31.26
CA VAL A 252 28.10 -8.32 31.82
C VAL A 252 26.79 -9.13 31.81
N ILE A 253 26.91 -10.42 31.50
CA ILE A 253 25.78 -11.34 31.62
C ILE A 253 26.06 -12.27 32.79
N ASN A 254 25.07 -12.46 33.65
CA ASN A 254 25.21 -13.33 34.81
C ASN A 254 24.24 -14.51 34.75
N PHE A 255 24.80 -15.71 34.87
CA PHE A 255 24.00 -16.92 34.92
C PHE A 255 23.99 -17.47 36.34
N GLU A 256 22.84 -17.92 36.81
CA GLU A 256 22.73 -18.52 38.12
C GLU A 256 21.65 -19.58 38.04
N SER A 257 21.94 -20.80 38.51
CA SER A 257 20.97 -21.89 38.41
C SER A 257 21.16 -22.91 39.52
N THR A 258 20.07 -23.41 40.07
CA THR A 258 20.17 -24.55 40.98
C THR A 258 19.73 -25.81 40.26
N GLY A 259 19.60 -25.71 38.94
CA GLY A 259 19.34 -26.85 38.11
C GLY A 259 18.58 -26.51 36.84
N ASN A 260 18.77 -27.32 35.79
CA ASN A 260 17.96 -27.23 34.58
C ASN A 260 18.46 -26.18 33.57
N LEU A 261 19.60 -25.57 33.90
CA LEU A 261 20.23 -24.63 32.98
C LEU A 261 20.90 -25.36 31.82
N ILE A 262 20.65 -24.89 30.60
CA ILE A 262 21.44 -25.28 29.43
C ILE A 262 22.26 -24.05 29.04
N ALA A 263 23.53 -24.07 29.40
CA ALA A 263 24.39 -22.89 29.25
C ALA A 263 25.01 -22.76 27.87
N PRO A 264 25.29 -21.52 27.46
CA PRO A 264 26.11 -21.35 26.25
C PRO A 264 27.56 -21.63 26.60
N GLU A 265 28.33 -22.17 25.66
CA GLU A 265 29.78 -22.14 25.78
C GLU A 265 30.30 -21.00 24.89
N TYR A 266 29.57 -20.72 23.82
CA TYR A 266 29.99 -19.72 22.85
C TYR A 266 29.00 -18.57 22.75
N GLY A 267 29.48 -17.45 22.20
CA GLY A 267 28.65 -16.33 21.85
C GLY A 267 28.97 -15.92 20.42
N PHE A 268 28.21 -14.99 19.86
CA PHE A 268 28.44 -14.59 18.49
C PHE A 268 28.62 -13.08 18.35
N LYS A 269 29.85 -12.66 18.05
CA LYS A 269 30.10 -11.26 17.72
C LYS A 269 29.33 -10.91 16.46
N ILE A 270 28.54 -9.84 16.52
CA ILE A 270 27.71 -9.47 15.39
C ILE A 270 27.64 -7.95 15.13
N SER A 271 27.92 -7.56 13.90
CA SER A 271 27.69 -6.19 13.44
C SER A 271 26.70 -6.20 12.29
N LYS A 272 25.72 -5.30 12.36
CA LYS A 272 24.66 -5.21 11.36
C LYS A 272 24.82 -3.95 10.53
N ARG A 273 24.32 -3.98 9.29
CA ARG A 273 24.36 -2.81 8.44
C ARG A 273 23.06 -2.67 7.65
N GLY A 274 21.95 -3.03 8.29
CA GLY A 274 20.66 -3.07 7.62
C GLY A 274 20.05 -4.44 7.73
N SER A 275 18.84 -4.59 7.21
CA SER A 275 18.13 -5.86 7.27
C SER A 275 17.90 -6.45 5.89
N SER A 276 17.76 -7.76 5.85
CA SER A 276 17.57 -8.48 4.60
C SER A 276 16.46 -9.50 4.80
N GLY A 277 16.65 -10.71 4.31
CA GLY A 277 15.65 -11.73 4.49
C GLY A 277 16.18 -13.13 4.28
N ILE A 278 15.31 -14.11 4.52
CA ILE A 278 15.62 -15.50 4.25
C ILE A 278 14.99 -15.89 2.92
N MET A 279 15.76 -16.57 2.08
CA MET A 279 15.27 -17.04 0.81
C MET A 279 15.18 -18.56 0.78
N LYS A 280 14.04 -19.06 0.33
CA LYS A 280 13.79 -20.49 0.30
C LYS A 280 13.91 -21.04 -1.12
N THR A 281 14.98 -21.77 -1.36
CA THR A 281 15.27 -22.34 -2.67
C THR A 281 16.15 -23.58 -2.53
N GLU A 282 16.09 -24.45 -3.52
CA GLU A 282 16.96 -25.62 -3.59
C GLU A 282 18.31 -25.18 -4.15
N LYS A 283 18.31 -24.08 -4.88
CA LYS A 283 19.53 -23.58 -5.53
C LYS A 283 20.69 -23.36 -4.57
N THR A 284 21.91 -23.44 -5.11
CA THR A 284 23.11 -23.17 -4.34
C THR A 284 23.92 -22.05 -5.03
N LEU A 285 24.83 -21.45 -4.28
CA LEU A 285 25.56 -20.28 -4.76
C LEU A 285 26.40 -20.56 -6.00
N GLU A 286 26.19 -19.76 -7.05
CA GLU A 286 27.05 -19.80 -8.21
C GLU A 286 28.02 -18.62 -8.16
N ASN A 287 28.79 -18.44 -9.22
CA ASN A 287 29.75 -17.35 -9.27
C ASN A 287 29.24 -16.23 -10.17
N CYS A 288 28.31 -15.44 -9.64
CA CYS A 288 27.76 -14.29 -10.34
C CYS A 288 27.34 -13.20 -9.37
N GLU A 289 27.02 -12.03 -9.91
CA GLU A 289 26.67 -10.87 -9.11
C GLU A 289 25.31 -10.32 -9.52
N THR A 290 24.56 -9.79 -8.56
CA THR A 290 23.25 -9.25 -8.86
C THR A 290 22.84 -8.15 -7.88
N LYS A 291 21.92 -7.30 -8.32
CA LYS A 291 21.31 -6.31 -7.46
C LYS A 291 19.95 -6.81 -6.99
N CYS A 292 19.49 -7.88 -7.64
CA CYS A 292 18.16 -8.42 -7.39
C CYS A 292 18.15 -9.95 -7.52
N GLN A 293 17.85 -10.63 -6.41
CA GLN A 293 17.83 -12.09 -6.40
C GLN A 293 16.43 -12.67 -6.25
N THR A 294 16.22 -13.77 -6.96
CA THR A 294 14.97 -14.50 -6.98
C THR A 294 15.26 -15.97 -6.68
N PRO A 295 14.28 -16.68 -6.10
CA PRO A 295 14.47 -18.12 -5.88
C PRO A 295 14.67 -18.93 -7.18
N LEU A 296 14.35 -18.32 -8.31
CA LEU A 296 14.51 -19.00 -9.60
C LEU A 296 15.81 -18.61 -10.30
N GLY A 297 16.40 -17.49 -9.88
CA GLY A 297 17.55 -16.94 -10.57
C GLY A 297 17.65 -15.43 -10.38
N ALA A 298 18.80 -14.87 -10.71
CA ALA A 298 19.04 -13.44 -10.58
C ALA A 298 18.49 -12.62 -11.73
N ILE A 299 17.93 -11.45 -11.40
CA ILE A 299 17.47 -10.52 -12.43
C ILE A 299 18.48 -9.42 -12.63
N ASN A 300 18.72 -9.06 -13.89
CA ASN A 300 19.61 -7.96 -14.23
C ASN A 300 18.99 -7.16 -15.37
N THR A 301 18.23 -6.14 -15.00
CA THR A 301 17.42 -5.39 -15.94
C THR A 301 17.30 -3.94 -15.46
N THR A 302 16.99 -3.03 -16.37
CA THR A 302 16.65 -1.67 -15.99
C THR A 302 15.14 -1.51 -16.04
N LEU A 303 14.47 -2.47 -16.66
CA LEU A 303 13.02 -2.42 -16.85
C LEU A 303 12.31 -2.18 -15.51
N PRO A 304 11.12 -1.57 -15.56
CA PRO A 304 10.33 -1.15 -14.38
C PRO A 304 9.51 -2.28 -13.76
N PHE A 305 9.14 -3.29 -14.55
CA PHE A 305 8.28 -4.35 -14.08
C PHE A 305 8.86 -5.73 -14.37
N HIS A 306 8.47 -6.71 -13.56
CA HIS A 306 8.87 -8.09 -13.81
C HIS A 306 7.78 -9.03 -13.29
N ASN A 307 7.78 -10.26 -13.81
CA ASN A 307 6.78 -11.25 -13.43
C ASN A 307 7.41 -12.59 -13.05
N ILE A 308 8.70 -12.57 -12.74
CA ILE A 308 9.43 -13.80 -12.48
C ILE A 308 8.98 -14.51 -11.20
N HIS A 309 8.90 -13.78 -10.10
CA HIS A 309 8.60 -14.36 -8.79
C HIS A 309 8.36 -13.27 -7.74
N PRO A 310 7.38 -13.48 -6.86
CA PRO A 310 7.05 -12.45 -5.85
C PRO A 310 8.10 -12.29 -4.75
N LEU A 311 8.75 -13.39 -4.33
CA LEU A 311 9.68 -13.33 -3.20
C LEU A 311 11.12 -12.97 -3.59
N THR A 312 11.37 -11.70 -3.82
CA THR A 312 12.69 -11.24 -4.21
C THR A 312 13.46 -10.67 -3.04
N ILE A 313 14.75 -10.43 -3.28
CA ILE A 313 15.60 -9.72 -2.34
C ILE A 313 16.56 -8.84 -3.12
N GLY A 314 16.52 -7.53 -2.86
CA GLY A 314 17.43 -6.61 -3.51
C GLY A 314 16.72 -5.35 -3.97
N GLU A 315 17.27 -4.70 -4.98
CA GLU A 315 16.63 -3.54 -5.58
C GLU A 315 15.93 -3.99 -6.85
N CYS A 316 14.65 -4.29 -6.73
CA CYS A 316 13.94 -5.01 -7.77
C CYS A 316 12.90 -4.15 -8.49
N PRO A 317 12.61 -4.50 -9.74
CA PRO A 317 11.50 -3.92 -10.50
C PRO A 317 10.20 -4.27 -9.76
N LYS A 318 9.09 -3.63 -10.10
CA LYS A 318 7.84 -3.93 -9.43
C LYS A 318 7.21 -5.18 -10.03
N TYR A 319 6.83 -6.11 -9.16
CA TYR A 319 6.23 -7.36 -9.58
C TYR A 319 4.78 -7.17 -9.96
N VAL A 320 4.40 -7.71 -11.12
CA VAL A 320 3.03 -7.62 -11.63
C VAL A 320 2.53 -8.97 -12.15
N LYS A 321 1.22 -9.11 -12.31
CA LYS A 321 0.61 -10.37 -12.71
C LYS A 321 0.62 -10.66 -14.21
N SER A 322 1.10 -9.73 -15.02
CA SER A 322 1.03 -9.89 -16.47
C SER A 322 2.15 -10.73 -17.08
N ASP A 323 1.94 -11.21 -18.30
CA ASP A 323 2.96 -11.96 -19.00
C ASP A 323 3.51 -11.16 -20.17
N ARG A 324 3.02 -9.93 -20.33
CA ARG A 324 3.32 -9.16 -21.53
C ARG A 324 3.01 -7.65 -21.37
N LEU A 325 4.03 -6.81 -21.48
CA LEU A 325 3.84 -5.36 -21.52
C LEU A 325 4.62 -4.72 -22.67
N VAL A 326 4.04 -4.74 -23.86
CA VAL A 326 4.78 -4.32 -25.03
C VAL A 326 4.38 -2.94 -25.52
N LEU A 327 5.35 -2.03 -25.49
CA LEU A 327 5.18 -0.67 -25.99
C LEU A 327 5.46 -0.60 -27.48
N ALA A 328 4.59 0.08 -28.22
CA ALA A 328 4.87 0.37 -29.61
C ALA A 328 5.99 1.41 -29.69
N THR A 329 6.92 1.22 -30.62
CA THR A 329 7.90 2.25 -30.93
C THR A 329 7.79 2.68 -32.38
N GLY A 330 7.63 1.69 -33.27
CA GLY A 330 7.40 1.95 -34.67
C GLY A 330 5.93 2.23 -34.94
N LEU A 331 5.58 2.40 -36.21
CA LEU A 331 4.21 2.75 -36.53
C LEU A 331 3.39 1.49 -36.83
N ARG A 332 2.13 1.68 -37.17
CA ARG A 332 1.29 0.54 -37.52
C ARG A 332 1.84 -0.08 -38.80
N ASN A 333 1.97 -1.40 -38.81
CA ASN A 333 2.54 -2.08 -39.97
C ASN A 333 1.45 -2.42 -40.98
N VAL A 334 1.44 -1.70 -42.09
CA VAL A 334 0.45 -1.95 -43.13
C VAL A 334 1.18 -2.39 -44.40
N PRO A 335 1.64 -3.65 -44.45
CA PRO A 335 2.37 -4.10 -45.64
C PRO A 335 1.51 -3.92 -46.88
N GLN A 336 2.14 -3.76 -48.04
CA GLN A 336 1.40 -3.59 -49.29
C GLN A 336 2.09 -4.30 -50.46
N GLY A 341 -6.49 6.13 -37.20
CA GLY A 341 -5.70 7.08 -36.43
C GLY A 341 -6.42 8.40 -36.29
N LEU A 342 -6.05 9.18 -35.27
CA LEU A 342 -6.66 10.49 -35.10
C LEU A 342 -6.45 11.39 -36.30
N PHE A 343 -5.36 11.18 -37.04
CA PHE A 343 -5.02 12.12 -38.09
C PHE A 343 -5.34 11.68 -39.51
N GLY A 344 -5.77 10.44 -39.66
CA GLY A 344 -6.35 9.98 -40.92
C GLY A 344 -5.42 9.67 -42.08
N ALA A 345 -4.11 9.71 -41.85
CA ALA A 345 -3.16 9.39 -42.93
C ALA A 345 -2.77 7.91 -42.95
N ILE A 346 -2.06 7.46 -41.92
CA ILE A 346 -1.62 6.07 -41.82
C ILE A 346 -2.82 5.15 -41.84
N ALA A 347 -2.75 4.12 -42.69
CA ALA A 347 -3.88 3.23 -42.94
C ALA A 347 -5.18 4.01 -43.16
N GLY A 348 -5.04 5.25 -43.60
CA GLY A 348 -6.18 6.12 -43.85
C GLY A 348 -6.25 6.50 -45.32
N PHE A 349 -6.04 7.76 -45.65
CA PHE A 349 -6.08 8.17 -47.04
C PHE A 349 -4.80 7.77 -47.78
N ILE A 350 -3.73 7.53 -47.02
CA ILE A 350 -2.54 6.90 -47.56
C ILE A 350 -2.60 5.45 -47.13
N GLU A 351 -3.12 4.59 -48.01
CA GLU A 351 -3.66 3.29 -47.61
C GLU A 351 -2.67 2.25 -47.08
N GLY A 352 -1.43 2.28 -47.57
CA GLY A 352 -0.44 1.31 -47.17
C GLY A 352 0.97 1.85 -46.99
N GLY A 353 1.81 1.09 -46.30
CA GLY A 353 3.20 1.46 -46.10
C GLY A 353 4.07 0.95 -47.23
N TRP A 354 5.36 1.32 -47.19
CA TRP A 354 6.29 0.93 -48.23
C TRP A 354 7.37 0.00 -47.69
N GLN A 355 7.35 -1.25 -48.12
CA GLN A 355 8.40 -2.20 -47.80
C GLN A 355 9.72 -1.65 -48.35
N GLY A 356 9.61 -0.78 -49.36
CA GLY A 356 10.76 -0.29 -50.09
C GLY A 356 11.47 0.91 -49.53
N MET A 357 10.90 1.54 -48.51
CA MET A 357 11.59 2.64 -47.84
C MET A 357 12.26 2.16 -46.56
N VAL A 358 13.55 1.87 -46.65
CA VAL A 358 14.29 1.21 -45.59
C VAL A 358 15.14 2.19 -44.79
N ASP A 359 15.24 3.42 -45.26
CA ASP A 359 16.13 4.41 -44.65
C ASP A 359 15.42 5.48 -43.82
N GLY A 360 14.27 5.15 -43.24
CA GLY A 360 13.53 6.09 -42.42
C GLY A 360 12.10 5.66 -42.17
N TRP A 361 11.41 6.35 -41.26
CA TRP A 361 10.02 6.01 -40.95
C TRP A 361 9.05 6.64 -41.94
N TYR A 362 9.36 7.84 -42.42
CA TYR A 362 8.51 8.53 -43.37
C TYR A 362 9.33 9.13 -44.51
N GLY A 363 8.68 9.36 -45.65
CA GLY A 363 9.40 9.90 -46.78
C GLY A 363 8.63 10.02 -48.09
N TYR A 364 9.38 10.04 -49.18
CA TYR A 364 8.81 10.33 -50.49
C TYR A 364 9.18 9.28 -51.52
N HIS A 365 8.28 9.07 -52.47
CA HIS A 365 8.55 8.16 -53.57
C HIS A 365 9.13 8.92 -54.76
N HIS A 366 8.26 9.58 -55.51
CA HIS A 366 8.65 10.34 -56.73
C HIS A 366 8.88 9.48 -57.98
N SER A 367 8.11 9.79 -59.02
CA SER A 367 8.24 9.15 -60.32
C SER A 367 8.67 10.19 -61.34
N ASN A 368 9.71 9.88 -62.10
CA ASN A 368 10.35 10.88 -62.96
C ASN A 368 10.63 10.39 -64.37
N ASP A 369 11.13 11.31 -65.20
CA ASP A 369 11.67 10.94 -66.51
C ASP A 369 13.02 10.26 -66.33
N GLN A 370 13.63 10.49 -65.18
CA GLN A 370 14.93 9.93 -64.87
C GLN A 370 14.80 8.69 -63.98
N GLY A 371 13.56 8.26 -63.75
CA GLY A 371 13.30 7.01 -63.04
C GLY A 371 12.97 7.14 -61.56
N SER A 372 13.44 6.16 -60.78
CA SER A 372 13.32 6.18 -59.31
C SER A 372 11.86 6.15 -58.85
N GLY A 373 11.62 6.06 -57.55
CA GLY A 373 12.64 5.95 -56.52
C GLY A 373 12.12 6.21 -55.12
N TYR A 374 12.98 6.08 -54.12
CA TYR A 374 12.60 6.33 -52.72
C TYR A 374 13.61 7.24 -52.00
N ALA A 375 13.14 7.97 -51.00
CA ALA A 375 13.98 8.81 -50.18
C ALA A 375 13.26 9.19 -48.90
N ALA A 376 13.91 8.97 -47.76
CA ALA A 376 13.27 9.26 -46.49
C ALA A 376 13.49 10.71 -46.04
N ASP A 377 12.50 11.27 -45.34
CA ASP A 377 12.60 12.59 -44.74
C ASP A 377 13.36 12.43 -43.43
N LYS A 378 14.68 12.62 -43.48
CA LYS A 378 15.53 12.43 -42.31
C LYS A 378 15.07 13.23 -41.09
N GLU A 379 14.71 14.50 -41.29
CA GLU A 379 14.36 15.36 -40.16
C GLU A 379 13.16 14.84 -39.37
N SER A 380 12.06 14.58 -40.06
CA SER A 380 10.87 13.99 -39.44
C SER A 380 11.19 12.67 -38.73
N THR A 381 11.84 11.76 -39.45
CA THR A 381 12.26 10.48 -38.88
C THR A 381 13.09 10.71 -37.62
N GLN A 382 14.06 11.61 -37.70
CA GLN A 382 14.93 11.88 -36.56
C GLN A 382 14.17 12.44 -35.36
N LYS A 383 13.24 13.37 -35.61
CA LYS A 383 12.44 13.93 -34.52
C LYS A 383 11.56 12.86 -33.88
N ALA A 384 11.02 11.99 -34.74
CA ALA A 384 10.19 10.90 -34.25
C ALA A 384 11.01 9.94 -33.37
N PHE A 385 12.20 9.56 -33.82
CA PHE A 385 13.07 8.69 -33.04
C PHE A 385 13.40 9.30 -31.67
N ASP A 386 13.67 10.59 -31.66
CA ASP A 386 13.94 11.31 -30.41
C ASP A 386 12.75 11.29 -29.45
N GLY A 387 11.56 11.56 -29.97
CA GLY A 387 10.35 11.52 -29.17
C GLY A 387 10.13 10.15 -28.53
N ILE A 388 10.13 9.11 -29.37
CA ILE A 388 9.88 7.75 -28.93
C ILE A 388 10.89 7.28 -27.90
N THR A 389 12.14 7.66 -28.09
CA THR A 389 13.22 7.33 -27.16
C THR A 389 12.97 8.00 -25.80
N ASN A 390 12.61 9.28 -25.81
CA ASN A 390 12.27 9.96 -24.57
C ASN A 390 11.12 9.26 -23.86
N LYS A 391 10.13 8.87 -24.65
CA LYS A 391 8.95 8.19 -24.16
C LYS A 391 9.39 6.98 -23.37
N VAL A 392 10.08 6.07 -24.06
CA VAL A 392 10.56 4.83 -23.48
C VAL A 392 11.39 5.05 -22.24
N ASN A 393 12.36 5.96 -22.33
CA ASN A 393 13.20 6.30 -21.19
C ASN A 393 12.41 6.91 -20.01
N SER A 394 11.36 7.69 -20.29
CA SER A 394 10.52 8.25 -19.23
C SER A 394 9.89 7.13 -18.39
N VAL A 395 9.24 6.19 -19.08
CA VAL A 395 8.58 5.08 -18.42
C VAL A 395 9.56 4.25 -17.57
N ILE A 396 10.80 4.15 -18.01
CA ILE A 396 11.83 3.40 -17.32
C ILE A 396 12.50 4.17 -16.18
N GLU A 397 12.93 5.40 -16.44
CA GLU A 397 13.76 6.17 -15.52
C GLU A 397 13.01 6.74 -14.32
N LYS A 398 11.72 6.98 -14.49
CA LYS A 398 10.96 7.61 -13.41
C LYS A 398 10.65 6.63 -12.29
N MET A 399 10.89 5.34 -12.53
CA MET A 399 10.61 4.31 -11.55
C MET A 399 11.67 4.28 -10.45
N ASN A 400 11.22 4.50 -9.21
CA ASN A 400 12.10 4.47 -8.04
C ASN A 400 12.23 3.05 -7.48
N THR A 401 13.47 2.61 -7.30
CA THR A 401 13.72 1.27 -6.79
C THR A 401 14.34 1.33 -5.40
N GLN A 402 13.90 0.45 -4.52
CA GLN A 402 14.43 0.42 -3.16
C GLN A 402 14.82 -1.01 -2.76
N PHE A 403 15.84 -1.12 -1.91
CA PHE A 403 16.18 -2.42 -1.33
C PHE A 403 15.03 -2.98 -0.47
N GLU A 404 14.63 -4.21 -0.76
CA GLU A 404 13.57 -4.85 0.02
C GLU A 404 13.69 -6.37 -0.02
N ALA A 405 13.33 -7.01 1.10
CA ALA A 405 13.27 -8.46 1.17
C ALA A 405 11.82 -8.86 1.34
N VAL A 406 11.22 -9.43 0.30
CA VAL A 406 9.77 -9.63 0.32
C VAL A 406 9.30 -10.77 1.26
N GLY A 407 9.96 -11.92 1.23
CA GLY A 407 9.57 -13.04 2.07
C GLY A 407 9.82 -12.76 3.54
N LYS A 408 8.82 -13.05 4.38
CA LYS A 408 8.89 -12.80 5.82
C LYS A 408 8.62 -14.07 6.67
N GLU A 409 9.05 -14.04 7.94
CA GLU A 409 8.81 -15.14 8.88
C GLU A 409 7.80 -14.77 9.98
N PHE A 410 6.74 -15.57 10.08
CA PHE A 410 5.74 -15.44 11.12
C PHE A 410 5.51 -16.80 11.79
N SER A 411 5.30 -16.79 13.11
CA SER A 411 5.05 -18.04 13.82
C SER A 411 3.59 -18.45 13.66
N ASN A 412 3.27 -19.58 14.28
CA ASN A 412 1.96 -20.20 14.20
C ASN A 412 0.86 -19.33 14.83
N LEU A 413 1.24 -18.46 15.75
CA LEU A 413 0.27 -17.58 16.41
C LEU A 413 0.34 -16.16 15.88
N GLU A 414 0.85 -16.02 14.66
CA GLU A 414 0.90 -14.71 14.04
C GLU A 414 0.19 -14.72 12.70
N ARG A 415 -0.90 -15.48 12.62
CA ARG A 415 -1.65 -15.59 11.37
C ARG A 415 -2.22 -14.26 10.92
N ARG A 416 -2.71 -13.47 11.87
CA ARG A 416 -3.31 -12.20 11.51
C ARG A 416 -2.26 -11.26 10.96
N LEU A 417 -1.08 -11.30 11.57
CA LEU A 417 0.01 -10.44 11.13
C LEU A 417 0.45 -10.85 9.72
N GLU A 418 0.58 -12.17 9.54
CA GLU A 418 0.94 -12.74 8.24
C GLU A 418 -0.08 -12.36 7.17
N ASN A 419 -1.36 -12.45 7.52
CA ASN A 419 -2.41 -12.07 6.62
C ASN A 419 -2.38 -10.57 6.29
N LEU A 420 -1.90 -9.77 7.22
CA LEU A 420 -1.81 -8.34 6.98
C LEU A 420 -0.71 -8.04 5.96
N ASN A 421 0.39 -8.77 6.08
CA ASN A 421 1.50 -8.64 5.16
C ASN A 421 1.08 -9.05 3.75
N LYS A 422 0.29 -10.11 3.66
CA LYS A 422 -0.18 -10.64 2.38
C LYS A 422 -1.13 -9.64 1.73
N LYS A 423 -1.99 -9.06 2.55
CA LYS A 423 -2.99 -8.12 2.07
C LYS A 423 -2.30 -6.90 1.47
N MET A 424 -1.17 -6.51 2.08
CA MET A 424 -0.38 -5.39 1.59
C MET A 424 0.32 -5.71 0.27
N GLU A 425 0.94 -6.89 0.19
CA GLU A 425 1.59 -7.31 -1.06
C GLU A 425 0.57 -7.42 -2.18
N ASP A 426 -0.57 -8.04 -1.86
CA ASP A 426 -1.63 -8.17 -2.85
C ASP A 426 -2.15 -6.80 -3.28
N GLY A 427 -2.25 -5.87 -2.32
CA GLY A 427 -2.66 -4.51 -2.60
C GLY A 427 -1.75 -3.83 -3.61
N PHE A 428 -0.44 -3.88 -3.35
CA PHE A 428 0.52 -3.32 -4.30
C PHE A 428 0.51 -4.04 -5.64
N LEU A 429 0.41 -5.36 -5.62
CA LEU A 429 0.36 -6.15 -6.85
C LEU A 429 -0.79 -5.68 -7.74
N ASP A 430 -1.96 -5.47 -7.15
CA ASP A 430 -3.11 -5.00 -7.92
C ASP A 430 -2.91 -3.59 -8.48
N VAL A 431 -2.31 -2.71 -7.67
CA VAL A 431 -2.07 -1.33 -8.08
C VAL A 431 -1.09 -1.29 -9.25
N TRP A 432 0.04 -1.98 -9.11
CA TRP A 432 1.05 -1.94 -10.15
C TRP A 432 0.61 -2.63 -11.45
N THR A 433 -0.09 -3.75 -11.32
CA THR A 433 -0.52 -4.51 -12.48
C THR A 433 -1.54 -3.72 -13.30
N TYR A 434 -2.54 -3.18 -12.63
CA TYR A 434 -3.58 -2.38 -13.29
C TYR A 434 -3.02 -1.14 -13.96
N ASN A 435 -2.10 -0.46 -13.30
CA ASN A 435 -1.52 0.75 -13.87
C ASN A 435 -0.46 0.49 -14.96
N ALA A 436 0.35 -0.56 -14.82
CA ALA A 436 1.30 -0.91 -15.87
C ALA A 436 0.57 -1.22 -17.18
N GLU A 437 -0.48 -2.02 -17.10
CA GLU A 437 -1.20 -2.44 -18.29
C GLU A 437 -2.00 -1.30 -18.92
N LEU A 438 -2.69 -0.51 -18.10
CA LEU A 438 -3.39 0.65 -18.62
C LEU A 438 -2.43 1.69 -19.20
N LEU A 439 -1.29 1.88 -18.55
CA LEU A 439 -0.26 2.78 -19.06
C LEU A 439 0.17 2.36 -20.46
N VAL A 440 0.45 1.08 -20.63
CA VAL A 440 0.90 0.55 -21.90
C VAL A 440 -0.14 0.80 -22.99
N LEU A 441 -1.39 0.49 -22.69
CA LEU A 441 -2.46 0.70 -23.66
C LEU A 441 -2.59 2.18 -24.02
N MET A 442 -2.62 3.04 -22.99
CA MET A 442 -2.77 4.46 -23.24
C MET A 442 -1.63 4.98 -24.11
N GLU A 443 -0.40 4.68 -23.72
CA GLU A 443 0.75 5.21 -24.45
C GLU A 443 0.86 4.65 -25.89
N ASN A 444 0.38 3.43 -26.11
CA ASN A 444 0.40 2.85 -27.45
C ASN A 444 -0.58 3.56 -28.36
N GLU A 445 -1.70 3.99 -27.80
CA GLU A 445 -2.65 4.78 -28.55
C GLU A 445 -1.98 6.07 -29.00
N ARG A 446 -1.31 6.75 -28.07
CA ARG A 446 -0.69 8.05 -28.37
C ARG A 446 0.49 7.93 -29.31
N THR A 447 1.23 6.83 -29.20
CA THR A 447 2.36 6.57 -30.08
C THR A 447 1.94 6.36 -31.54
N LEU A 448 0.93 5.52 -31.75
CA LEU A 448 0.39 5.35 -33.09
C LEU A 448 -0.10 6.66 -33.69
N ASP A 449 -0.74 7.48 -32.86
CA ASP A 449 -1.28 8.77 -33.33
C ASP A 449 -0.18 9.77 -33.58
N PHE A 450 0.87 9.73 -32.76
CA PHE A 450 2.09 10.53 -32.97
C PHE A 450 2.61 10.32 -34.40
N HIS A 451 2.82 9.06 -34.79
CA HIS A 451 3.28 8.76 -36.14
C HIS A 451 2.30 9.28 -37.18
N ASP A 452 1.02 9.09 -36.93
CA ASP A 452 0.00 9.44 -37.90
C ASP A 452 0.15 10.93 -38.16
N SER A 453 0.32 11.68 -37.07
CA SER A 453 0.44 13.12 -37.12
C SER A 453 1.70 13.56 -37.86
N ASN A 454 2.82 12.88 -37.62
CA ASN A 454 4.06 13.20 -38.35
C ASN A 454 3.87 13.05 -39.86
N VAL A 455 3.11 12.04 -40.25
CA VAL A 455 2.85 11.77 -41.64
C VAL A 455 1.94 12.84 -42.24
N LYS A 456 0.87 13.15 -41.52
CA LYS A 456 -0.05 14.17 -41.96
C LYS A 456 0.65 15.53 -42.10
N ASN A 457 1.63 15.80 -41.24
CA ASN A 457 2.30 17.10 -41.23
C ASN A 457 3.29 17.21 -42.37
N LEU A 458 3.93 16.09 -42.71
CA LEU A 458 4.84 16.03 -43.85
C LEU A 458 4.09 16.24 -45.16
N TYR A 459 2.93 15.60 -45.28
CA TYR A 459 2.11 15.69 -46.48
C TYR A 459 1.61 17.12 -46.71
N ASP A 460 1.15 17.76 -45.63
CA ASP A 460 0.69 19.14 -45.71
C ASP A 460 1.82 20.09 -46.08
N LYS A 461 2.99 19.86 -45.51
CA LYS A 461 4.17 20.68 -45.81
C LYS A 461 4.43 20.67 -47.32
N VAL A 462 4.25 19.50 -47.94
CA VAL A 462 4.39 19.35 -49.39
C VAL A 462 3.26 20.04 -50.13
N ARG A 463 2.05 19.91 -49.60
CA ARG A 463 0.87 20.51 -50.21
C ARG A 463 0.96 22.04 -50.27
N MET A 464 1.55 22.64 -49.24
CA MET A 464 1.62 24.11 -49.15
C MET A 464 2.69 24.70 -50.07
N GLN A 465 3.75 23.94 -50.33
CA GLN A 465 4.77 24.35 -51.30
C GLN A 465 4.23 24.26 -52.73
N LEU A 466 3.73 23.08 -53.09
CA LEU A 466 3.28 22.83 -54.45
C LEU A 466 2.06 23.66 -54.85
N ARG A 467 1.16 23.89 -53.88
CA ARG A 467 -0.06 24.65 -54.15
C ARG A 467 -0.79 24.13 -55.38
N ASP A 468 -1.04 25.00 -56.36
CA ASP A 468 -1.80 24.62 -57.54
C ASP A 468 -0.91 24.25 -58.73
N ASN A 469 0.40 24.20 -58.51
CA ASN A 469 1.30 23.69 -59.52
C ASN A 469 1.16 22.18 -59.67
N VAL A 470 0.36 21.56 -58.79
CA VAL A 470 0.15 20.12 -58.83
C VAL A 470 -1.27 19.69 -58.45
N LYS A 471 -1.66 18.51 -58.90
CA LYS A 471 -2.93 17.89 -58.56
C LYS A 471 -2.84 17.13 -57.23
N GLU A 472 -3.73 17.43 -56.31
CA GLU A 472 -3.87 16.65 -55.09
C GLU A 472 -4.84 15.48 -55.35
N LEU A 473 -4.27 14.28 -55.51
CA LEU A 473 -5.08 13.10 -55.86
C LEU A 473 -6.04 12.67 -54.76
N GLY A 474 -5.52 12.56 -53.53
CA GLY A 474 -6.33 12.13 -52.40
C GLY A 474 -5.79 10.86 -51.76
N ASN A 475 -4.71 10.33 -52.33
CA ASN A 475 -4.09 9.08 -51.86
C ASN A 475 -2.64 9.28 -51.47
N GLY A 476 -2.27 10.53 -51.19
CA GLY A 476 -0.91 10.85 -50.79
C GLY A 476 -0.02 11.32 -51.91
N CYS A 477 -0.47 11.16 -53.15
CA CYS A 477 0.34 11.54 -54.30
C CYS A 477 0.01 12.94 -54.80
N PHE A 478 1.00 13.58 -55.41
CA PHE A 478 0.79 14.84 -56.10
C PHE A 478 1.22 14.69 -57.56
N GLU A 479 0.32 15.02 -58.48
CA GLU A 479 0.65 15.05 -59.91
C GLU A 479 1.07 16.44 -60.32
N PHE A 480 2.29 16.58 -60.83
CA PHE A 480 2.81 17.88 -61.23
C PHE A 480 2.16 18.39 -62.52
N TYR A 481 1.90 19.69 -62.57
CA TYR A 481 1.43 20.33 -63.80
C TYR A 481 2.62 20.81 -64.62
N HIS A 482 3.79 20.26 -64.32
CA HIS A 482 5.01 20.68 -65.00
C HIS A 482 6.09 19.63 -64.83
N LYS A 483 6.94 19.48 -65.83
CA LYS A 483 8.05 18.55 -65.71
C LYS A 483 8.85 18.92 -64.48
N CYS A 484 9.20 17.92 -63.68
CA CYS A 484 9.95 18.14 -62.45
C CYS A 484 11.12 17.15 -62.36
N ASP A 485 12.33 17.64 -62.64
CA ASP A 485 13.50 16.76 -62.63
C ASP A 485 13.97 16.44 -61.21
N ASP A 486 15.10 15.74 -61.11
CA ASP A 486 15.61 15.33 -59.81
C ASP A 486 15.96 16.51 -58.91
N GLU A 487 16.42 17.61 -59.49
CA GLU A 487 16.80 18.79 -58.73
C GLU A 487 15.57 19.44 -58.10
N CYS A 488 14.50 19.51 -58.88
CA CYS A 488 13.23 20.10 -58.42
C CYS A 488 12.53 19.18 -57.43
N MET A 489 12.52 17.89 -57.72
CA MET A 489 12.00 16.90 -56.78
C MET A 489 12.69 17.03 -55.44
N ASN A 490 13.95 17.43 -55.47
CA ASN A 490 14.71 17.58 -54.23
C ASN A 490 14.27 18.81 -53.46
N SER A 491 14.01 19.91 -54.16
CA SER A 491 13.57 21.13 -53.51
C SER A 491 12.27 20.91 -52.74
N VAL A 492 11.40 20.07 -53.28
CA VAL A 492 10.16 19.71 -52.59
C VAL A 492 10.50 18.96 -51.30
N LYS A 493 11.27 17.89 -51.42
CA LYS A 493 11.83 17.19 -50.27
C LYS A 493 12.55 18.18 -49.34
N ASN A 494 13.10 19.22 -49.95
CA ASN A 494 14.01 20.15 -49.29
C ASN A 494 13.30 21.23 -48.47
N GLY A 495 12.16 21.69 -48.98
CA GLY A 495 11.45 22.80 -48.39
C GLY A 495 11.78 24.12 -49.08
N THR A 496 12.23 24.06 -50.33
CA THR A 496 12.61 25.25 -51.08
C THR A 496 12.12 25.20 -52.53
N TYR A 497 10.92 24.68 -52.73
CA TYR A 497 10.42 24.32 -54.05
C TYR A 497 10.46 25.41 -55.15
N ASP A 498 10.13 26.65 -54.80
CA ASP A 498 10.12 27.74 -55.79
C ASP A 498 8.91 27.64 -56.73
N TYR A 499 7.75 27.98 -56.22
CA TYR A 499 6.50 27.92 -56.98
C TYR A 499 6.47 28.83 -58.20
N PRO A 500 6.91 30.09 -58.07
CA PRO A 500 6.85 31.03 -59.20
C PRO A 500 7.70 30.60 -60.39
N LYS A 501 8.72 29.79 -60.16
CA LYS A 501 9.61 29.35 -61.23
C LYS A 501 8.90 28.46 -62.23
N TYR A 502 7.97 27.64 -61.75
CA TYR A 502 7.21 26.75 -62.62
C TYR A 502 5.78 27.22 -62.79
N GLU A 503 5.44 28.33 -62.13
CA GLU A 503 4.07 28.86 -62.20
C GLU A 503 3.63 29.04 -63.65
N GLU A 504 4.53 29.55 -64.48
CA GLU A 504 4.26 29.63 -65.91
C GLU A 504 4.37 28.23 -66.46
N GLU A 505 3.22 27.62 -66.74
CA GLU A 505 3.12 26.22 -67.14
C GLU A 505 2.38 25.39 -66.09
N SER A 506 1.05 25.38 -66.15
CA SER A 506 0.23 24.59 -65.22
C SER A 506 -1.18 24.40 -65.78
N LYS A 507 -1.74 23.20 -65.60
CA LYS A 507 -3.01 22.83 -66.22
C LYS A 507 -2.80 22.93 -67.73
N ALA A 508 -3.06 24.11 -68.26
CA ALA A 508 -2.60 24.47 -69.60
C ALA A 508 -1.68 25.67 -69.42
N ALA A 509 -2.11 26.62 -68.60
CA ALA A 509 -1.36 27.83 -68.33
C ALA A 509 -0.90 27.87 -66.87
N ASP B 16 -4.13 44.33 -48.21
CA ASP B 16 -4.75 44.09 -46.92
C ASP B 16 -4.57 42.64 -46.49
N GLN B 17 -4.39 42.42 -45.20
CA GLN B 17 -4.19 41.07 -44.70
C GLN B 17 -4.50 40.88 -43.23
N ILE B 18 -4.78 39.63 -42.89
CA ILE B 18 -4.88 39.26 -41.49
C ILE B 18 -4.03 38.02 -41.22
N CYS B 19 -3.42 37.99 -40.04
CA CYS B 19 -2.49 36.94 -39.68
C CYS B 19 -2.87 36.33 -38.34
N ILE B 20 -2.90 35.00 -38.29
CA ILE B 20 -3.15 34.27 -37.05
C ILE B 20 -1.84 34.01 -36.30
N GLY B 21 -1.88 34.17 -34.98
CA GLY B 21 -0.66 34.01 -34.21
C GLY B 21 -0.90 33.71 -32.74
N TYR B 22 0.20 33.56 -31.99
CA TYR B 22 0.12 33.18 -30.59
C TYR B 22 1.14 33.89 -29.71
N HIS B 23 0.86 33.92 -28.42
CA HIS B 23 1.63 34.65 -27.43
C HIS B 23 3.03 34.09 -27.21
N ALA B 24 3.98 35.00 -27.07
CA ALA B 24 5.35 34.68 -26.68
C ALA B 24 5.77 35.72 -25.66
N ASN B 25 6.80 35.42 -24.87
CA ASN B 25 7.26 36.38 -23.87
C ASN B 25 8.70 36.09 -23.48
N ASN B 26 9.11 36.60 -22.32
CA ASN B 26 10.51 36.47 -21.90
C ASN B 26 10.77 35.36 -20.89
N SER B 27 9.78 34.49 -20.69
CA SER B 27 9.94 33.34 -19.79
C SER B 27 11.04 32.39 -20.26
N THR B 28 11.84 31.90 -19.33
CA THR B 28 12.82 30.87 -19.64
C THR B 28 12.49 29.62 -18.84
N GLU B 29 11.26 29.59 -18.32
CA GLU B 29 10.76 28.45 -17.56
C GLU B 29 10.70 27.20 -18.41
N LYS B 30 11.17 26.07 -17.86
CA LYS B 30 11.22 24.83 -18.62
C LYS B 30 10.39 23.72 -17.97
N VAL B 31 9.88 22.82 -18.81
CA VAL B 31 9.11 21.67 -18.34
C VAL B 31 9.53 20.48 -19.18
N ASP B 32 9.23 19.29 -18.70
CA ASP B 32 9.48 18.08 -19.46
C ASP B 32 8.14 17.51 -19.92
N THR B 33 8.13 16.89 -21.09
CA THR B 33 6.97 16.15 -21.53
C THR B 33 7.42 14.72 -21.77
N ILE B 34 6.48 13.85 -22.09
CA ILE B 34 6.80 12.47 -22.42
C ILE B 34 7.72 12.37 -23.64
N LEU B 35 7.57 13.29 -24.59
CA LEU B 35 8.32 13.24 -25.86
C LEU B 35 9.56 14.14 -25.89
N GLU B 36 9.60 15.13 -25.00
CA GLU B 36 10.60 16.19 -25.05
C GLU B 36 11.06 16.58 -23.66
N ARG B 37 12.33 16.98 -23.55
CA ARG B 37 12.87 17.48 -22.30
C ARG B 37 13.20 18.97 -22.43
N ASN B 38 13.08 19.67 -21.31
CA ASN B 38 13.46 21.07 -21.21
C ASN B 38 12.82 21.96 -22.28
N VAL B 39 11.49 21.88 -22.39
CA VAL B 39 10.74 22.76 -23.29
C VAL B 39 10.44 24.09 -22.58
N THR B 40 10.77 25.18 -23.23
CA THR B 40 10.51 26.49 -22.64
C THR B 40 9.06 26.86 -22.87
N VAL B 41 8.35 27.18 -21.80
CA VAL B 41 6.94 27.55 -21.91
C VAL B 41 6.72 28.98 -21.44
N THR B 42 5.61 29.58 -21.84
CA THR B 42 5.33 30.97 -21.49
C THR B 42 5.03 31.08 -20.00
N HIS B 43 4.34 30.08 -19.47
CA HIS B 43 3.96 30.02 -18.06
C HIS B 43 3.92 28.58 -17.55
N ALA B 44 4.16 28.42 -16.25
CA ALA B 44 4.13 27.10 -15.65
C ALA B 44 3.78 27.19 -14.17
N LYS B 45 3.27 26.09 -13.62
CA LYS B 45 2.92 26.01 -12.20
C LYS B 45 3.59 24.81 -11.53
N ASP B 46 4.25 25.06 -10.40
CA ASP B 46 4.91 24.01 -9.62
C ASP B 46 3.86 23.40 -8.72
N ILE B 47 3.69 22.08 -8.80
CA ILE B 47 2.74 21.39 -7.92
C ILE B 47 3.46 20.66 -6.79
N LEU B 48 4.75 20.94 -6.62
CA LEU B 48 5.55 20.29 -5.59
C LEU B 48 5.98 21.29 -4.52
N GLU B 49 5.47 21.13 -3.32
CA GLU B 49 5.81 21.99 -2.19
C GLU B 49 7.17 21.62 -1.59
N LYS B 50 8.11 22.56 -1.58
CA LYS B 50 9.46 22.27 -1.10
C LYS B 50 9.86 23.08 0.13
N THR B 51 9.06 24.08 0.49
CA THR B 51 9.44 25.00 1.56
C THR B 51 8.64 24.79 2.84
N HIS B 52 9.31 25.01 3.96
CA HIS B 52 8.68 24.98 5.27
C HIS B 52 9.08 26.26 6.00
N ASN B 53 8.30 26.64 7.01
CA ASN B 53 8.56 27.90 7.70
C ASN B 53 9.66 27.78 8.75
N GLY B 54 10.15 26.57 8.98
CA GLY B 54 11.22 26.34 9.93
C GLY B 54 10.76 26.39 11.38
N LYS B 55 9.45 26.50 11.60
CA LYS B 55 8.92 26.59 12.95
C LYS B 55 8.24 25.30 13.39
N LEU B 56 8.29 25.05 14.70
CA LEU B 56 7.47 24.03 15.32
C LEU B 56 6.21 24.73 15.80
N CYS B 57 5.06 24.37 15.23
CA CYS B 57 3.83 25.13 15.47
C CYS B 57 2.75 24.37 16.24
N ARG B 58 1.60 25.03 16.40
CA ARG B 58 0.41 24.42 16.95
C ARG B 58 -0.36 23.78 15.81
N LEU B 59 -1.20 22.80 16.13
CA LEU B 59 -1.92 22.05 15.12
C LEU B 59 -3.43 22.20 15.33
N SER B 60 -4.06 22.98 14.45
CA SER B 60 -5.48 23.29 14.57
C SER B 60 -5.80 23.96 15.90
N GLY B 61 -4.94 24.89 16.29
CA GLY B 61 -5.12 25.64 17.52
C GLY B 61 -4.53 24.95 18.75
N ILE B 62 -4.51 23.62 18.71
CA ILE B 62 -4.07 22.84 19.86
C ILE B 62 -2.57 22.54 19.81
N PRO B 63 -1.85 22.94 20.87
CA PRO B 63 -0.39 22.80 20.97
C PRO B 63 0.02 21.35 21.18
N PRO B 64 1.32 21.07 21.00
CA PRO B 64 1.97 19.81 21.32
C PRO B 64 2.49 19.81 22.76
N LEU B 65 2.52 18.64 23.39
CA LEU B 65 3.19 18.47 24.67
C LEU B 65 4.70 18.47 24.39
N GLU B 66 5.42 19.36 25.06
CA GLU B 66 6.87 19.47 24.84
C GLU B 66 7.67 18.75 25.92
N LEU B 67 8.21 17.58 25.58
CA LEU B 67 8.90 16.75 26.55
C LEU B 67 10.40 17.01 26.63
N GLY B 68 10.97 17.59 25.58
CA GLY B 68 12.40 17.85 25.54
C GLY B 68 13.24 16.60 25.78
N ASP B 69 13.94 16.59 26.91
CA ASP B 69 14.88 15.52 27.22
C ASP B 69 14.24 14.37 27.99
N CYS B 70 12.97 14.49 28.31
CA CYS B 70 12.30 13.47 29.09
C CYS B 70 11.52 12.52 28.18
N SER B 71 11.46 11.25 28.57
CA SER B 71 10.61 10.30 27.87
C SER B 71 9.24 10.29 28.54
N ILE B 72 8.26 9.73 27.84
CA ILE B 72 6.89 9.64 28.36
C ILE B 72 6.87 8.90 29.70
N ALA B 73 7.65 7.82 29.81
CA ALA B 73 7.75 7.13 31.09
C ALA B 73 8.37 8.05 32.15
N GLY B 74 9.43 8.75 31.78
CA GLY B 74 10.08 9.65 32.72
C GLY B 74 9.10 10.65 33.26
N TRP B 75 8.32 11.25 32.37
CA TRP B 75 7.30 12.23 32.70
C TRP B 75 6.20 11.65 33.60
N LEU B 76 5.65 10.49 33.23
CA LEU B 76 4.53 9.92 33.98
C LEU B 76 4.92 9.38 35.36
N LEU B 77 6.09 8.79 35.46
CA LEU B 77 6.52 8.30 36.77
C LEU B 77 6.99 9.48 37.62
N GLY B 78 7.32 10.60 36.97
CA GLY B 78 7.81 11.76 37.68
C GLY B 78 9.27 11.62 38.02
N ASN B 79 10.08 11.28 37.03
CA ASN B 79 11.52 11.36 37.13
C ASN B 79 11.88 12.79 37.55
N PRO B 80 12.59 12.93 38.67
CA PRO B 80 12.89 14.27 39.22
C PRO B 80 13.42 15.26 38.18
N GLU B 81 14.03 14.76 37.11
CA GLU B 81 14.63 15.61 36.09
C GLU B 81 13.60 16.15 35.09
N CYS B 82 12.34 15.80 35.29
CA CYS B 82 11.25 16.26 34.43
C CYS B 82 10.30 17.19 35.19
N ASP B 83 10.74 17.63 36.38
CA ASP B 83 9.90 18.44 37.27
C ASP B 83 9.30 19.68 36.61
N ARG B 84 10.13 20.44 35.90
CA ARG B 84 9.67 21.71 35.32
C ARG B 84 9.06 21.55 33.94
N LEU B 85 8.44 20.39 33.71
CA LEU B 85 7.70 20.14 32.50
C LEU B 85 6.45 21.01 32.52
N LEU B 86 6.15 21.68 31.42
CA LEU B 86 5.02 22.60 31.36
C LEU B 86 3.68 21.87 31.47
N SER B 87 3.52 20.79 30.71
CA SER B 87 2.35 19.93 30.86
C SER B 87 1.03 20.64 30.61
N VAL B 88 0.75 20.89 29.34
CA VAL B 88 -0.53 21.47 28.89
C VAL B 88 -1.73 20.63 29.33
N PRO B 89 -2.94 21.20 29.23
CA PRO B 89 -4.15 20.46 29.61
C PRO B 89 -4.68 19.68 28.41
N GLU B 90 -4.17 20.04 27.24
CA GLU B 90 -4.73 19.60 25.97
C GLU B 90 -3.62 19.57 24.94
N TRP B 91 -3.55 18.50 24.15
CA TRP B 91 -2.51 18.45 23.11
C TRP B 91 -2.84 17.60 21.87
N SER B 92 -2.24 17.99 20.74
CA SER B 92 -2.55 17.39 19.45
C SER B 92 -1.50 16.38 19.05
N TYR B 93 -0.27 16.61 19.50
CA TYR B 93 0.80 15.66 19.27
C TYR B 93 1.88 15.81 20.34
N ILE B 94 2.89 14.96 20.32
CA ILE B 94 3.94 15.03 21.33
C ILE B 94 5.29 15.26 20.66
N VAL B 95 6.08 16.14 21.27
CA VAL B 95 7.39 16.49 20.75
C VAL B 95 8.49 16.02 21.68
N GLU B 96 9.44 15.29 21.13
CA GLU B 96 10.49 14.68 21.93
C GLU B 96 11.79 14.87 21.18
N LYS B 97 12.90 14.69 21.87
CA LYS B 97 14.20 14.70 21.19
C LYS B 97 14.54 13.27 20.78
N GLU B 98 15.50 13.12 19.87
CA GLU B 98 15.78 11.84 19.25
C GLU B 98 15.94 10.69 20.24
N ASN B 99 16.88 10.85 21.18
CA ASN B 99 17.10 9.84 22.22
C ASN B 99 17.01 10.46 23.61
N PRO B 100 15.79 10.59 24.14
CA PRO B 100 15.54 11.31 25.40
C PRO B 100 16.32 10.67 26.54
N VAL B 101 17.07 11.50 27.26
CA VAL B 101 17.99 10.98 28.26
C VAL B 101 17.36 10.70 29.63
N ASN B 102 16.21 11.31 29.91
CA ASN B 102 15.57 11.15 31.21
C ASN B 102 14.34 10.23 31.19
N GLY B 103 14.53 8.96 31.56
CA GLY B 103 13.42 8.03 31.62
C GLY B 103 13.37 7.33 32.97
N LEU B 104 13.66 6.04 32.96
CA LEU B 104 13.73 5.29 34.21
C LEU B 104 15.05 5.58 34.91
N CYS B 105 15.04 6.57 35.79
CA CYS B 105 16.25 6.91 36.53
C CYS B 105 16.65 5.71 37.36
N TYR B 106 15.69 5.14 38.09
CA TYR B 106 15.96 3.86 38.71
C TYR B 106 15.78 2.81 37.64
N PRO B 107 16.81 1.99 37.41
CA PRO B 107 16.85 1.11 36.24
C PRO B 107 15.75 0.04 36.29
N GLY B 108 15.28 -0.39 35.12
CA GLY B 108 14.30 -1.46 35.04
C GLY B 108 13.61 -1.45 33.70
N SER B 109 12.34 -1.85 33.68
CA SER B 109 11.59 -1.92 32.42
C SER B 109 10.14 -1.48 32.57
N PHE B 110 9.46 -1.43 31.44
CA PHE B 110 8.09 -0.93 31.37
C PHE B 110 7.28 -1.76 30.37
N ASN B 111 6.41 -2.61 30.90
CA ASN B 111 5.57 -3.47 30.05
C ASN B 111 4.62 -2.69 29.17
N ASP B 112 4.53 -3.10 27.91
CA ASP B 112 3.58 -2.52 26.97
C ASP B 112 3.75 -1.01 26.86
N TYR B 113 5.00 -0.58 26.91
CA TYR B 113 5.33 0.83 26.88
C TYR B 113 4.80 1.49 25.61
N GLU B 114 4.98 0.84 24.47
CA GLU B 114 4.64 1.44 23.17
C GLU B 114 3.13 1.61 22.99
N GLU B 115 2.36 0.65 23.46
CA GLU B 115 0.91 0.79 23.49
C GLU B 115 0.48 1.96 24.38
N LEU B 116 1.19 2.16 25.49
CA LEU B 116 0.87 3.27 26.37
C LEU B 116 1.08 4.59 25.64
N LYS B 117 2.23 4.72 25.00
CA LYS B 117 2.57 5.94 24.27
C LYS B 117 1.53 6.26 23.21
N HIS B 118 1.26 5.29 22.35
CA HIS B 118 0.27 5.46 21.29
C HIS B 118 -1.10 5.92 21.83
N LEU B 119 -1.40 5.57 23.08
CA LEU B 119 -2.68 5.90 23.67
C LEU B 119 -2.79 7.37 24.12
N ILE B 120 -1.71 7.90 24.70
CA ILE B 120 -1.73 9.25 25.27
C ILE B 120 -1.15 10.25 24.30
N THR B 121 -1.39 10.02 23.02
CA THR B 121 -0.73 10.77 21.98
C THR B 121 -1.50 12.04 21.65
N SER B 122 -2.81 12.00 21.88
CA SER B 122 -3.67 13.14 21.62
C SER B 122 -4.81 13.18 22.64
N VAL B 123 -4.77 14.15 23.55
CA VAL B 123 -5.61 14.13 24.74
C VAL B 123 -6.44 15.42 24.90
N THR B 124 -7.52 15.38 25.69
CA THR B 124 -8.48 16.49 25.66
C THR B 124 -8.21 17.80 26.45
N HIS B 125 -8.17 17.87 27.79
CA HIS B 125 -8.55 16.92 28.85
C HIS B 125 -7.52 15.92 29.37
N PHE B 126 -6.69 16.39 30.31
CA PHE B 126 -5.72 15.55 31.00
C PHE B 126 -5.48 16.06 32.41
N GLU B 127 -5.81 15.23 33.40
CA GLU B 127 -5.83 15.70 34.79
C GLU B 127 -5.29 14.67 35.78
N LYS B 128 -4.24 15.06 36.49
CA LYS B 128 -3.69 14.25 37.57
C LYS B 128 -4.73 14.06 38.69
N VAL B 129 -4.68 12.94 39.38
CA VAL B 129 -5.56 12.68 40.53
C VAL B 129 -4.84 11.91 41.63
N LYS B 130 -4.90 12.43 42.86
CA LYS B 130 -4.19 11.81 43.97
C LYS B 130 -4.97 10.61 44.50
N ILE B 131 -4.87 9.49 43.79
CA ILE B 131 -5.69 8.32 44.06
C ILE B 131 -5.31 7.58 45.35
N LEU B 132 -4.04 7.65 45.73
CA LEU B 132 -3.55 6.91 46.89
C LEU B 132 -2.53 7.74 47.66
N PRO B 133 -3.01 8.75 48.40
CA PRO B 133 -2.15 9.67 49.16
C PRO B 133 -1.03 8.98 49.93
N ARG B 134 0.19 9.37 49.60
CA ARG B 134 1.41 8.98 50.30
C ARG B 134 1.18 8.78 51.80
N ASP B 135 0.55 9.78 52.42
CA ASP B 135 0.42 9.83 53.88
C ASP B 135 -0.41 8.70 54.51
N GLN B 136 -1.26 8.05 53.72
CA GLN B 136 -2.17 7.06 54.27
C GLN B 136 -1.64 5.62 54.31
N TRP B 137 -0.41 5.43 53.83
CA TRP B 137 0.29 4.16 54.09
C TRP B 137 0.86 4.22 55.50
N THR B 138 -0.02 4.40 56.48
CA THR B 138 0.41 4.71 57.85
C THR B 138 1.29 3.63 58.48
N GLN B 139 1.17 2.39 58.01
CA GLN B 139 1.91 1.29 58.61
C GLN B 139 3.10 0.84 57.76
N HIS B 140 3.63 1.76 56.96
CA HIS B 140 4.79 1.51 56.13
C HIS B 140 5.66 2.76 56.02
N THR B 141 6.95 2.57 55.81
CA THR B 141 7.84 3.68 55.50
C THR B 141 7.64 4.09 54.04
N THR B 142 7.72 5.39 53.81
CA THR B 142 7.21 5.95 52.56
C THR B 142 8.25 6.85 51.88
N THR B 143 9.37 7.05 52.57
CA THR B 143 10.40 7.99 52.13
C THR B 143 11.57 7.29 51.43
N GLY B 144 11.39 6.00 51.14
CA GLY B 144 12.40 5.24 50.43
C GLY B 144 12.85 5.94 49.17
N GLY B 145 14.15 6.07 48.98
CA GLY B 145 14.68 6.75 47.81
C GLY B 145 15.91 6.08 47.24
N SER B 146 16.47 6.64 46.18
CA SER B 146 17.65 6.07 45.54
C SER B 146 18.61 7.14 45.05
N ARG B 147 19.90 6.81 45.03
CA ARG B 147 20.92 7.71 44.54
C ARG B 147 20.91 7.81 43.01
N ALA B 148 20.17 6.90 42.37
CA ALA B 148 20.01 6.92 40.92
C ALA B 148 19.03 8.01 40.48
N CYS B 149 18.15 8.39 41.41
CA CYS B 149 17.20 9.47 41.18
C CYS B 149 17.58 10.67 42.05
N ALA B 150 18.89 10.84 42.25
CA ALA B 150 19.43 11.82 43.18
C ALA B 150 18.99 13.25 42.90
N VAL B 151 18.69 13.99 43.96
CA VAL B 151 18.38 15.42 43.86
C VAL B 151 19.14 16.22 44.90
N LEU B 152 20.10 17.06 44.45
CA LEU B 152 20.72 18.10 45.29
C LEU B 152 22.22 18.04 45.63
N ASP B 153 22.81 16.86 45.85
CA ASP B 153 22.19 15.57 45.63
C ASP B 153 21.95 14.79 46.93
N ASN B 154 20.76 14.24 47.04
CA ASN B 154 20.44 13.26 48.07
C ASN B 154 19.64 12.15 47.41
N PRO B 155 19.53 11.00 48.08
CA PRO B 155 18.61 9.97 47.56
C PRO B 155 17.21 10.55 47.34
N SER B 156 16.66 10.37 46.14
CA SER B 156 15.28 10.78 45.86
C SER B 156 14.54 9.66 45.12
N PHE B 157 13.42 9.99 44.46
CA PHE B 157 12.62 8.96 43.82
C PHE B 157 11.62 9.54 42.83
N PHE B 158 11.00 8.68 42.03
CA PHE B 158 9.88 9.09 41.17
C PHE B 158 8.84 9.80 42.04
N ARG B 159 8.46 11.02 41.65
CA ARG B 159 7.57 11.83 42.49
C ARG B 159 6.12 11.38 42.44
N ASN B 160 5.76 10.68 41.37
CA ASN B 160 4.38 10.22 41.24
C ASN B 160 4.19 8.83 41.85
N MET B 161 5.25 8.33 42.50
CA MET B 161 5.24 6.94 42.98
C MET B 161 5.73 6.83 44.43
N VAL B 162 5.34 5.73 45.09
CA VAL B 162 5.73 5.50 46.46
C VAL B 162 6.45 4.16 46.59
N LEU B 164 7.19 1.60 49.02
CA LEU B 164 6.88 1.10 50.35
C LEU B 164 8.01 0.23 50.89
N THR B 165 8.44 0.53 52.12
CA THR B 165 9.45 -0.27 52.81
C THR B 165 8.97 -0.48 54.24
N LYS B 166 9.62 -1.39 54.96
CA LYS B 166 9.16 -1.75 56.29
C LYS B 166 9.22 -0.57 57.27
N LYS B 167 8.21 -0.46 58.12
CA LYS B 167 8.17 0.57 59.15
C LYS B 167 8.81 0.05 60.43
N GLY B 168 10.05 0.46 60.67
CA GLY B 168 10.81 -0.08 61.77
C GLY B 168 11.31 -1.47 61.45
N SER B 169 10.51 -2.48 61.80
CA SER B 169 10.89 -3.87 61.56
C SER B 169 9.70 -4.71 61.11
N ASN B 170 8.61 -4.04 60.71
CA ASN B 170 7.41 -4.75 60.30
C ASN B 170 6.87 -4.27 58.95
N TYR B 171 6.65 -5.20 58.04
CA TYR B 171 5.95 -4.89 56.79
C TYR B 171 4.59 -5.55 56.77
N PRO B 172 3.59 -4.90 57.39
CA PRO B 172 2.23 -5.43 57.38
C PRO B 172 1.71 -5.52 55.96
N ILE B 173 0.80 -6.46 55.69
CA ILE B 173 0.22 -6.57 54.37
C ILE B 173 -0.39 -5.23 53.96
N ALA B 174 -0.05 -4.76 52.77
CA ALA B 174 -0.52 -3.48 52.28
C ALA B 174 -1.76 -3.66 51.43
N LYS B 175 -2.89 -3.15 51.91
CA LYS B 175 -4.17 -3.30 51.22
C LYS B 175 -4.84 -1.95 51.08
N ARG B 176 -4.83 -1.43 49.87
CA ARG B 176 -5.55 -0.19 49.59
C ARG B 176 -6.27 -0.29 48.26
N SER B 177 -7.32 0.51 48.12
CA SER B 177 -8.17 0.45 46.94
C SER B 177 -8.54 1.85 46.47
N TYR B 178 -9.16 1.92 45.31
CA TYR B 178 -9.59 3.20 44.76
C TYR B 178 -10.70 2.98 43.76
N ASN B 179 -11.81 3.69 43.98
CA ASN B 179 -12.93 3.69 43.06
C ASN B 179 -12.74 4.90 42.14
N ASN B 180 -12.84 4.68 40.84
CA ASN B 180 -12.71 5.79 39.92
C ASN B 180 -13.98 6.64 39.90
N THR B 181 -13.96 7.73 40.67
CA THR B 181 -15.11 8.64 40.75
C THR B 181 -14.79 9.97 40.09
N SER B 182 -13.76 9.96 39.25
CA SER B 182 -13.24 11.18 38.62
C SER B 182 -14.08 11.59 37.41
N GLY B 183 -14.95 10.69 36.95
CA GLY B 183 -15.75 10.95 35.78
C GLY B 183 -15.02 10.68 34.47
N GLU B 184 -13.91 9.96 34.54
CA GLU B 184 -13.19 9.61 33.32
C GLU B 184 -12.26 8.41 33.47
N GLN B 185 -11.98 7.75 32.35
CA GLN B 185 -10.99 6.68 32.27
C GLN B 185 -9.69 7.14 32.93
N MET B 186 -9.15 6.30 33.81
CA MET B 186 -7.92 6.66 34.48
C MET B 186 -6.75 5.74 34.15
N LEU B 187 -5.65 6.33 33.70
CA LEU B 187 -4.42 5.59 33.48
C LEU B 187 -3.71 5.45 34.83
N ILE B 188 -3.38 4.21 35.20
CA ILE B 188 -2.70 3.94 36.47
C ILE B 188 -1.49 3.05 36.28
N ILE B 189 -0.35 3.52 36.79
CA ILE B 189 0.91 2.83 36.69
C ILE B 189 1.34 2.32 38.06
N TRP B 190 1.93 1.13 38.09
CA TRP B 190 2.47 0.57 39.32
C TRP B 190 3.70 -0.28 39.00
N GLY B 191 4.49 -0.58 40.02
CA GLY B 191 5.73 -1.30 39.81
C GLY B 191 6.01 -2.35 40.85
N ILE B 192 7.01 -3.17 40.55
CA ILE B 192 7.49 -4.16 41.50
C ILE B 192 9.02 -4.06 41.51
N HIS B 193 9.60 -4.10 42.71
CA HIS B 193 11.05 -4.03 42.86
C HIS B 193 11.72 -5.40 42.83
N HIS B 194 12.71 -5.57 41.97
CA HIS B 194 13.51 -6.80 41.96
C HIS B 194 14.86 -6.57 42.64
N PRO B 195 14.98 -7.02 43.90
CA PRO B 195 16.18 -6.77 44.71
C PRO B 195 17.43 -7.46 44.16
N ASN B 196 18.58 -7.08 44.72
N ASN B 196 18.58 -7.07 44.72
CA ASN B 196 19.87 -7.62 44.32
CA ASN B 196 19.87 -7.64 44.32
C ASN B 196 20.15 -8.97 44.97
C ASN B 196 20.12 -9.00 44.96
N ASP B 197 19.77 -9.11 46.24
CA ASP B 197 20.01 -10.35 46.98
C ASP B 197 18.99 -10.54 48.10
N ASP B 198 19.10 -11.65 48.82
CA ASP B 198 18.14 -11.98 49.86
C ASP B 198 18.20 -11.03 51.05
N ALA B 199 19.41 -10.60 51.40
CA ALA B 199 19.60 -9.72 52.54
C ALA B 199 18.94 -8.38 52.29
N GLU B 200 19.01 -7.94 51.04
CA GLU B 200 18.42 -6.67 50.62
C GLU B 200 16.90 -6.74 50.66
N GLN B 201 16.35 -7.86 50.23
CA GLN B 201 14.92 -8.13 50.35
C GLN B 201 14.47 -7.98 51.80
N ARG B 202 15.15 -8.71 52.70
CA ARG B 202 14.76 -8.76 54.10
C ARG B 202 14.98 -7.44 54.84
N THR B 203 15.96 -6.65 54.40
CA THR B 203 16.22 -5.36 55.03
C THR B 203 15.26 -4.27 54.54
N LEU B 204 14.74 -4.44 53.33
CA LEU B 204 13.79 -3.47 52.77
C LEU B 204 12.35 -3.81 53.14
N TYR B 205 12.01 -5.10 53.09
CA TYR B 205 10.61 -5.52 53.22
C TYR B 205 10.37 -6.49 54.36
N GLN B 206 11.41 -6.84 55.09
CA GLN B 206 11.31 -7.75 56.23
C GLN B 206 10.91 -9.13 55.78
N ASN B 207 9.69 -9.25 55.24
CA ASN B 207 9.19 -10.51 54.74
C ASN B 207 9.98 -10.98 53.52
N VAL B 208 10.03 -12.30 53.33
CA VAL B 208 10.61 -12.87 52.11
C VAL B 208 9.51 -13.70 51.45
N GLY B 209 9.74 -14.12 50.21
CA GLY B 209 8.72 -14.83 49.47
C GLY B 209 7.45 -13.99 49.31
N THR B 210 7.60 -12.79 48.76
CA THR B 210 6.48 -11.86 48.66
C THR B 210 5.79 -11.88 47.30
N TYR B 211 4.75 -11.06 47.17
CA TYR B 211 4.01 -10.89 45.93
C TYR B 211 3.45 -9.48 45.84
N VAL B 212 3.01 -9.10 44.64
CA VAL B 212 2.23 -7.89 44.44
C VAL B 212 1.07 -8.28 43.53
N SER B 213 -0.14 -8.01 43.98
CA SER B 213 -1.31 -8.36 43.16
C SER B 213 -2.17 -7.13 42.90
N VAL B 214 -2.76 -7.10 41.72
CA VAL B 214 -3.56 -5.97 41.30
C VAL B 214 -4.77 -6.47 40.58
N GLY B 215 -5.94 -5.99 40.97
CA GLY B 215 -7.17 -6.46 40.36
C GLY B 215 -8.16 -5.35 40.07
N THR B 216 -8.80 -5.46 38.91
CA THR B 216 -9.93 -4.61 38.56
C THR B 216 -10.98 -5.55 37.96
N SER B 217 -11.97 -5.00 37.27
CA SER B 217 -12.96 -5.84 36.61
C SER B 217 -12.43 -6.50 35.32
N THR B 218 -11.26 -6.08 34.85
CA THR B 218 -10.65 -6.69 33.65
C THR B 218 -9.19 -7.06 33.85
N LEU B 219 -8.51 -6.42 34.79
CA LEU B 219 -7.12 -6.73 35.06
C LEU B 219 -6.98 -7.76 36.17
N ASN B 220 -6.18 -8.80 35.92
CA ASN B 220 -5.83 -9.75 36.96
C ASN B 220 -4.34 -9.99 36.91
N LYS B 221 -3.63 -9.64 37.98
CA LYS B 221 -2.19 -9.79 37.98
C LYS B 221 -1.57 -9.96 39.35
N ARG B 222 -0.65 -10.91 39.43
CA ARG B 222 0.15 -11.14 40.61
C ARG B 222 1.57 -11.33 40.13
N SER B 223 2.48 -10.50 40.63
CA SER B 223 3.89 -10.59 40.27
C SER B 223 4.69 -11.05 41.47
N ILE B 224 5.72 -11.84 41.23
CA ILE B 224 6.64 -12.22 42.31
C ILE B 224 7.98 -11.57 42.07
N PRO B 225 8.62 -11.06 43.14
CA PRO B 225 9.91 -10.37 43.02
C PRO B 225 10.98 -11.34 42.54
N GLU B 226 11.87 -10.89 41.64
CA GLU B 226 12.96 -11.71 41.15
C GLU B 226 14.31 -11.21 41.66
N ILE B 227 14.86 -11.94 42.63
CA ILE B 227 16.10 -11.57 43.28
C ILE B 227 17.30 -12.22 42.59
N ALA B 228 18.04 -11.44 41.81
CA ALA B 228 19.16 -11.96 41.01
C ALA B 228 20.38 -11.02 40.96
N THR B 229 21.44 -11.47 40.31
CA THR B 229 22.68 -10.72 40.21
C THR B 229 22.84 -10.06 38.83
N ARG B 230 22.99 -8.73 38.84
CA ARG B 230 23.03 -7.95 37.61
C ARG B 230 24.07 -6.86 37.72
N PRO B 231 24.52 -6.35 36.59
CA PRO B 231 25.46 -5.22 36.58
C PRO B 231 24.77 -3.96 37.09
N LYS B 232 25.55 -2.99 37.54
CA LYS B 232 24.98 -1.73 38.02
C LYS B 232 24.63 -0.83 36.85
N VAL B 233 23.46 -0.21 36.94
CA VAL B 233 23.01 0.77 35.97
C VAL B 233 22.60 1.98 36.81
N ASN B 234 23.16 3.14 36.50
CA ASN B 234 23.02 4.31 37.37
C ASN B 234 23.36 3.98 38.81
N GLY B 235 24.34 3.09 38.97
CA GLY B 235 24.85 2.73 40.28
C GLY B 235 24.07 1.66 41.02
N GLN B 236 23.05 1.10 40.37
CA GLN B 236 22.17 0.16 41.05
C GLN B 236 22.01 -1.19 40.36
N GLY B 237 22.14 -2.27 41.13
CA GLY B 237 21.96 -3.61 40.60
C GLY B 237 20.52 -4.08 40.62
N GLY B 238 19.67 -3.35 41.36
CA GLY B 238 18.27 -3.69 41.45
C GLY B 238 17.49 -3.18 40.26
N ARG B 239 16.31 -3.73 40.06
CA ARG B 239 15.48 -3.30 38.95
C ARG B 239 14.06 -3.02 39.42
N MET B 240 13.39 -2.14 38.69
CA MET B 240 11.98 -1.90 38.90
C MET B 240 11.24 -2.09 37.60
N GLU B 241 10.19 -2.92 37.66
CA GLU B 241 9.39 -3.21 36.49
C GLU B 241 8.00 -2.60 36.64
N PHE B 242 7.61 -1.78 35.68
CA PHE B 242 6.34 -1.09 35.74
C PHE B 242 5.33 -1.66 34.78
N SER B 243 4.05 -1.63 35.18
CA SER B 243 2.93 -2.00 34.33
C SER B 243 1.88 -0.91 34.47
N TRP B 244 0.87 -0.94 33.61
CA TRP B 244 -0.17 0.08 33.61
C TRP B 244 -1.49 -0.56 33.20
N THR B 245 -2.59 0.13 33.49
CA THR B 245 -3.92 -0.31 33.10
C THR B 245 -4.83 0.91 32.96
N LEU B 246 -5.93 0.77 32.23
CA LEU B 246 -6.93 1.81 32.16
C LEU B 246 -8.07 1.44 33.08
N LEU B 247 -8.28 2.24 34.12
CA LEU B 247 -9.34 2.00 35.08
C LEU B 247 -10.61 2.70 34.62
N GLU B 248 -11.64 1.91 34.33
CA GLU B 248 -12.90 2.45 33.87
C GLU B 248 -13.63 3.23 34.97
N THR B 249 -14.56 4.09 34.56
CA THR B 249 -15.33 4.88 35.52
C THR B 249 -16.11 3.96 36.46
N TRP B 250 -16.15 4.35 37.73
CA TRP B 250 -16.92 3.64 38.74
C TRP B 250 -16.38 2.24 39.04
N ASP B 251 -15.28 1.88 38.40
CA ASP B 251 -14.62 0.61 38.69
C ASP B 251 -13.60 0.78 39.81
N VAL B 252 -13.24 -0.33 40.45
CA VAL B 252 -12.30 -0.33 41.54
C VAL B 252 -11.01 -1.03 41.15
N ILE B 253 -9.89 -0.55 41.69
CA ILE B 253 -8.62 -1.23 41.57
C ILE B 253 -8.13 -1.52 42.97
N ASN B 254 -7.67 -2.75 43.19
CA ASN B 254 -7.26 -3.15 44.52
C ASN B 254 -5.81 -3.58 44.48
N PHE B 255 -4.99 -2.96 45.31
CA PHE B 255 -3.61 -3.37 45.47
C PHE B 255 -3.47 -4.21 46.73
N GLU B 256 -2.61 -5.22 46.67
CA GLU B 256 -2.31 -6.01 47.85
C GLU B 256 -0.86 -6.47 47.72
N SER B 257 -0.09 -6.30 48.77
CA SER B 257 1.31 -6.68 48.70
C SER B 257 1.88 -7.03 50.06
N THR B 258 2.82 -7.96 50.05
CA THR B 258 3.56 -8.33 51.24
C THR B 258 4.98 -7.78 51.12
N GLY B 259 5.22 -7.04 50.04
CA GLY B 259 6.49 -6.39 49.83
C GLY B 259 6.86 -6.27 48.37
N ASN B 260 7.75 -5.32 48.08
CA ASN B 260 8.26 -5.08 46.73
C ASN B 260 7.32 -4.21 45.86
N LEU B 261 6.19 -3.80 46.43
CA LEU B 261 5.26 -2.93 45.71
C LEU B 261 5.81 -1.50 45.52
N ILE B 262 5.79 -1.04 44.28
CA ILE B 262 6.07 0.35 44.00
C ILE B 262 4.73 0.98 43.64
N ALA B 263 4.13 1.66 44.61
CA ALA B 263 2.75 2.14 44.47
C ALA B 263 2.68 3.49 43.81
N PRO B 264 1.61 3.76 43.07
CA PRO B 264 1.39 5.10 42.51
C PRO B 264 0.74 5.97 43.59
N GLU B 265 0.95 7.27 43.51
CA GLU B 265 0.21 8.18 44.38
C GLU B 265 -0.85 8.84 43.53
N TYR B 266 -0.53 9.01 42.25
CA TYR B 266 -1.40 9.65 41.29
C TYR B 266 -1.81 8.71 40.15
N GLY B 267 -3.05 8.90 39.69
CA GLY B 267 -3.50 8.31 38.45
C GLY B 267 -3.73 9.46 37.47
N PHE B 268 -4.02 9.13 36.22
CA PHE B 268 -4.21 10.17 35.20
C PHE B 268 -5.52 9.98 34.45
N LYS B 269 -6.37 11.00 34.51
CA LYS B 269 -7.65 11.02 33.80
C LYS B 269 -7.42 11.33 32.33
N ILE B 270 -7.84 10.40 31.46
CA ILE B 270 -7.59 10.50 30.03
C ILE B 270 -8.88 10.60 29.24
N SER B 271 -9.00 11.65 28.44
CA SER B 271 -10.03 11.71 27.42
C SER B 271 -9.37 11.77 26.06
N LYS B 272 -9.43 10.66 25.30
CA LYS B 272 -8.82 10.62 23.98
C LYS B 272 -9.55 11.52 23.01
N ARG B 273 -8.82 12.48 22.44
CA ARG B 273 -9.36 13.27 21.35
C ARG B 273 -9.48 12.36 20.13
N GLY B 274 -8.34 12.08 19.51
CA GLY B 274 -8.28 11.09 18.46
C GLY B 274 -7.04 10.24 18.64
N SER B 275 -6.26 10.11 17.56
CA SER B 275 -4.98 9.43 17.64
C SER B 275 -3.94 10.18 16.81
N SER B 276 -2.80 10.47 17.44
CA SER B 276 -1.75 11.25 16.78
C SER B 276 -0.43 10.47 16.85
N GLY B 277 0.67 11.17 17.06
CA GLY B 277 1.95 10.50 17.17
C GLY B 277 3.00 11.32 17.88
N ILE B 278 4.23 10.82 17.90
CA ILE B 278 5.32 11.54 18.51
C ILE B 278 6.28 12.07 17.44
N MET B 279 6.63 13.34 17.54
CA MET B 279 7.57 13.95 16.62
C MET B 279 8.94 14.13 17.26
N LYS B 280 9.97 13.64 16.58
CA LYS B 280 11.34 13.75 17.08
C LYS B 280 12.05 14.92 16.41
N THR B 281 12.48 15.87 17.22
CA THR B 281 13.04 17.12 16.74
C THR B 281 13.61 17.87 17.94
N GLU B 282 14.47 18.86 17.67
CA GLU B 282 15.09 19.64 18.73
C GLU B 282 14.44 21.00 18.85
N LYS B 283 13.42 21.24 18.03
CA LYS B 283 12.75 22.53 17.99
C LYS B 283 11.71 22.67 19.09
N THR B 284 11.32 23.91 19.38
CA THR B 284 10.29 24.16 20.40
C THR B 284 9.14 25.00 19.85
N LEU B 285 8.02 24.98 20.59
CA LEU B 285 6.79 25.63 20.13
C LEU B 285 6.97 27.12 19.86
N GLU B 286 6.13 27.68 18.97
CA GLU B 286 6.23 29.10 18.63
C GLU B 286 4.90 29.80 18.37
N ASN B 287 4.04 29.21 17.54
CA ASN B 287 2.80 29.86 17.13
C ASN B 287 3.02 31.19 16.43
N CYS B 288 2.77 31.32 15.13
CA CYS B 288 2.44 30.27 14.14
C CYS B 288 1.36 29.18 14.38
N GLU B 289 0.82 28.72 13.26
CA GLU B 289 -0.27 27.76 13.22
C GLU B 289 -0.11 26.92 11.94
N THR B 290 -0.57 25.68 11.95
CA THR B 290 -0.45 24.81 10.78
C THR B 290 -1.44 23.63 10.76
N LYS B 291 -1.65 23.07 9.59
CA LYS B 291 -2.49 21.89 9.42
C LYS B 291 -1.60 20.69 9.19
N CYS B 292 -0.31 20.95 9.07
CA CYS B 292 0.66 19.92 8.74
C CYS B 292 2.05 20.31 9.25
N GLN B 293 2.57 19.52 10.18
CA GLN B 293 3.87 19.80 10.79
C GLN B 293 4.90 18.75 10.38
N THR B 294 6.15 19.17 10.19
CA THR B 294 7.25 18.23 9.97
C THR B 294 8.34 18.51 10.99
N PRO B 295 9.23 17.53 11.23
CA PRO B 295 10.34 17.76 12.17
C PRO B 295 11.24 18.93 11.76
N LEU B 296 11.17 19.33 10.49
CA LEU B 296 11.97 20.43 9.96
C LEU B 296 11.28 21.78 10.14
N GLY B 297 9.95 21.75 10.21
CA GLY B 297 9.16 22.96 10.22
C GLY B 297 7.79 22.68 9.62
N ALA B 298 6.90 23.65 9.68
CA ALA B 298 5.54 23.46 9.24
C ALA B 298 5.41 23.67 7.73
N ILE B 299 4.30 23.18 7.19
CA ILE B 299 3.99 23.29 5.78
C ILE B 299 2.62 23.93 5.61
N ASN B 300 2.56 25.01 4.83
CA ASN B 300 1.30 25.63 4.44
C ASN B 300 1.13 25.57 2.92
N THR B 301 0.19 24.75 2.44
CA THR B 301 0.12 24.51 1.01
C THR B 301 -1.21 23.99 0.49
N THR B 302 -1.42 24.22 -0.81
CA THR B 302 -2.55 23.69 -1.55
C THR B 302 -2.10 22.50 -2.37
N LEU B 303 -0.80 22.42 -2.62
CA LEU B 303 -0.23 21.47 -3.58
C LEU B 303 -0.39 20.02 -3.13
N PRO B 304 -0.56 19.11 -4.10
CA PRO B 304 -0.82 17.70 -3.83
C PRO B 304 0.39 16.94 -3.29
N PHE B 305 1.58 17.47 -3.46
CA PHE B 305 2.79 16.73 -3.14
C PHE B 305 3.79 17.63 -2.47
N HIS B 306 4.69 17.02 -1.69
CA HIS B 306 5.80 17.72 -1.07
C HIS B 306 6.98 16.77 -0.95
N ASN B 307 8.17 17.32 -0.74
CA ASN B 307 9.38 16.50 -0.58
C ASN B 307 10.21 16.96 0.60
N ILE B 308 9.57 17.52 1.61
CA ILE B 308 10.28 18.09 2.76
C ILE B 308 10.77 17.06 3.76
N HIS B 309 9.88 16.19 4.23
CA HIS B 309 10.25 15.17 5.21
C HIS B 309 9.16 14.12 5.25
N PRO B 310 9.54 12.83 5.29
CA PRO B 310 8.56 11.75 5.33
C PRO B 310 7.76 11.68 6.64
N LEU B 311 8.35 12.07 7.77
CA LEU B 311 7.68 11.93 9.07
C LEU B 311 6.81 13.15 9.45
N THR B 312 5.58 13.20 8.93
CA THR B 312 4.72 14.36 9.21
C THR B 312 3.53 14.03 10.11
N ILE B 313 2.82 15.08 10.51
CA ILE B 313 1.63 14.94 11.34
C ILE B 313 0.60 16.02 10.99
N GLY B 314 -0.61 15.59 10.67
CA GLY B 314 -1.65 16.49 10.21
C GLY B 314 -2.24 15.98 8.91
N GLU B 315 -2.90 16.86 8.17
CA GLU B 315 -3.37 16.54 6.82
C GLU B 315 -2.37 17.08 5.81
N CYS B 316 -1.51 16.21 5.32
CA CYS B 316 -0.38 16.64 4.51
C CYS B 316 -0.53 16.24 3.04
N PRO B 317 0.20 16.93 2.15
CA PRO B 317 0.33 16.52 0.75
C PRO B 317 1.03 15.17 0.70
N LYS B 318 0.81 14.40 -0.37
CA LYS B 318 1.54 13.15 -0.54
C LYS B 318 3.02 13.43 -0.66
N TYR B 319 3.80 12.80 0.22
CA TYR B 319 5.24 12.86 0.17
C TYR B 319 5.75 12.06 -1.03
N VAL B 320 6.72 12.61 -1.76
CA VAL B 320 7.29 11.98 -2.96
C VAL B 320 8.80 12.20 -3.03
N LYS B 321 9.50 11.25 -3.64
CA LYS B 321 10.94 11.35 -3.76
C LYS B 321 11.27 12.05 -5.06
N SER B 322 10.99 13.34 -5.09
CA SER B 322 11.07 14.15 -6.29
C SER B 322 11.65 15.50 -5.92
N ASP B 323 12.38 16.13 -6.83
CA ASP B 323 12.91 17.45 -6.55
C ASP B 323 12.28 18.52 -7.43
N ARG B 324 11.22 18.16 -8.13
CA ARG B 324 10.63 19.06 -9.12
C ARG B 324 9.45 18.44 -9.85
N LEU B 325 8.28 19.06 -9.74
CA LEU B 325 7.12 18.66 -10.53
C LEU B 325 6.44 19.88 -11.12
N VAL B 326 6.81 20.27 -12.33
CA VAL B 326 6.29 21.50 -12.89
C VAL B 326 5.32 21.26 -14.04
N LEU B 327 4.10 21.76 -13.90
CA LEU B 327 3.08 21.66 -14.95
C LEU B 327 3.14 22.85 -15.90
N ALA B 328 3.09 22.59 -17.19
CA ALA B 328 2.90 23.63 -18.20
C ALA B 328 1.50 24.21 -18.14
N THR B 329 1.39 25.53 -18.14
CA THR B 329 0.06 26.13 -18.25
C THR B 329 -0.06 26.90 -19.56
N GLY B 330 0.99 27.63 -19.90
CA GLY B 330 1.03 28.35 -21.16
C GLY B 330 1.49 27.43 -22.29
N LEU B 331 1.80 28.03 -23.43
CA LEU B 331 2.22 27.28 -24.59
C LEU B 331 3.74 27.30 -24.74
N ARG B 332 4.25 26.60 -25.74
CA ARG B 332 5.66 26.66 -26.05
C ARG B 332 6.08 28.11 -26.33
N ASN B 333 7.12 28.57 -25.64
CA ASN B 333 7.59 29.95 -25.86
C ASN B 333 8.56 30.07 -27.04
N VAL B 334 8.08 30.69 -28.12
CA VAL B 334 8.88 30.83 -29.33
C VAL B 334 9.07 32.30 -29.74
N PRO B 335 9.81 33.06 -28.94
CA PRO B 335 10.00 34.48 -29.30
C PRO B 335 10.75 34.65 -30.61
N GLN B 336 10.49 35.74 -31.32
CA GLN B 336 11.19 36.03 -32.56
C GLN B 336 11.95 37.34 -32.44
N ILE B 337 12.83 37.60 -33.41
CA ILE B 337 13.53 38.88 -33.48
C ILE B 337 12.51 40.01 -33.62
N GLY B 341 4.82 19.55 -32.77
CA GLY B 341 3.45 19.56 -32.28
C GLY B 341 2.54 18.69 -33.13
N LEU B 342 1.69 17.92 -32.47
CA LEU B 342 0.75 17.05 -33.17
C LEU B 342 -0.02 17.77 -34.26
N PHE B 343 -0.29 19.06 -34.05
CA PHE B 343 -1.15 19.82 -34.98
C PHE B 343 -0.38 20.69 -36.00
N GLY B 344 0.91 20.86 -35.77
CA GLY B 344 1.78 21.46 -36.76
C GLY B 344 1.72 22.95 -36.90
N ALA B 345 1.00 23.62 -35.99
CA ALA B 345 0.85 25.08 -35.99
C ALA B 345 2.01 25.79 -35.27
N ILE B 346 1.99 25.75 -33.94
CA ILE B 346 3.05 26.32 -33.13
C ILE B 346 4.45 25.78 -33.47
N ALA B 347 5.40 26.69 -33.62
CA ALA B 347 6.76 26.33 -34.00
C ALA B 347 6.73 25.44 -35.24
N GLY B 348 5.71 25.64 -36.06
CA GLY B 348 5.46 24.82 -37.23
C GLY B 348 5.14 25.73 -38.39
N PHE B 349 3.96 25.58 -38.97
CA PHE B 349 3.64 26.39 -40.13
C PHE B 349 3.40 27.88 -39.80
N ILE B 350 3.19 28.17 -38.51
CA ILE B 350 3.31 29.55 -38.02
C ILE B 350 4.57 29.57 -37.14
N GLU B 351 5.66 30.10 -37.68
CA GLU B 351 7.00 29.77 -37.14
C GLU B 351 7.36 30.31 -35.75
N GLY B 352 6.73 31.40 -35.31
CA GLY B 352 7.04 31.95 -34.01
C GLY B 352 5.88 32.68 -33.34
N GLY B 353 6.03 32.95 -32.05
CA GLY B 353 5.04 33.69 -31.30
C GLY B 353 5.21 35.20 -31.35
N TRP B 354 4.20 35.92 -30.87
CA TRP B 354 4.22 37.38 -30.88
C TRP B 354 4.39 37.94 -29.48
N GLN B 355 5.48 38.67 -29.27
CA GLN B 355 5.69 39.32 -27.98
C GLN B 355 4.78 40.55 -27.82
N GLY B 356 4.42 41.16 -28.96
CA GLY B 356 3.53 42.31 -28.97
C GLY B 356 2.09 42.01 -28.56
N MET B 357 1.67 40.75 -28.66
CA MET B 357 0.30 40.37 -28.28
C MET B 357 0.21 39.91 -26.82
N VAL B 358 -0.10 40.87 -25.94
CA VAL B 358 0.00 40.66 -24.50
C VAL B 358 -1.34 40.40 -23.83
N ASP B 359 -2.44 40.61 -24.54
CA ASP B 359 -3.76 40.52 -23.93
C ASP B 359 -4.52 39.24 -24.26
N GLY B 360 -3.80 38.26 -24.78
CA GLY B 360 -4.41 36.98 -25.09
C GLY B 360 -3.41 35.90 -25.40
N TRP B 361 -3.89 34.67 -25.48
CA TRP B 361 -3.02 33.56 -25.82
C TRP B 361 -2.87 33.38 -27.33
N TYR B 362 -3.98 33.53 -28.04
CA TYR B 362 -4.00 33.47 -29.50
C TYR B 362 -4.71 34.72 -30.03
N GLY B 363 -4.41 35.12 -31.26
CA GLY B 363 -5.04 36.30 -31.83
C GLY B 363 -4.66 36.63 -33.25
N TYR B 364 -4.86 37.88 -33.64
CA TYR B 364 -4.69 38.30 -35.02
C TYR B 364 -3.81 39.53 -35.11
N HIS B 365 -3.16 39.66 -36.25
CA HIS B 365 -2.50 40.89 -36.65
C HIS B 365 -3.06 41.24 -38.01
N HIS B 366 -3.37 42.52 -38.22
CA HIS B 366 -4.02 42.95 -39.45
C HIS B 366 -3.32 44.17 -40.03
N SER B 367 -3.48 44.36 -41.34
CA SER B 367 -3.00 45.55 -42.01
C SER B 367 -4.03 45.95 -43.04
N ASN B 368 -4.53 47.17 -42.93
CA ASN B 368 -5.39 47.72 -43.94
C ASN B 368 -5.06 49.21 -44.10
N ASP B 369 -5.90 49.94 -44.81
CA ASP B 369 -5.67 51.36 -45.00
C ASP B 369 -5.66 52.11 -43.67
N GLN B 370 -6.56 51.72 -42.77
CA GLN B 370 -6.69 52.37 -41.47
C GLN B 370 -5.56 52.01 -40.50
N GLY B 371 -4.70 51.06 -40.86
CA GLY B 371 -3.55 50.73 -40.03
C GLY B 371 -3.34 49.29 -39.60
N SER B 372 -2.78 49.12 -38.39
CA SER B 372 -2.40 47.81 -37.85
C SER B 372 -1.95 47.91 -36.38
N GLY B 373 -2.12 46.85 -35.58
CA GLY B 373 -2.75 45.61 -36.02
C GLY B 373 -2.86 44.42 -35.07
N TYR B 374 -2.58 44.55 -33.78
CA TYR B 374 -2.72 43.39 -32.86
C TYR B 374 -4.08 43.26 -32.19
N ALA B 375 -4.59 42.04 -32.11
CA ALA B 375 -5.84 41.80 -31.38
C ALA B 375 -5.98 40.36 -30.87
N ALA B 376 -6.07 40.23 -29.56
CA ALA B 376 -6.33 38.94 -28.93
C ALA B 376 -7.67 38.40 -29.39
N ASP B 377 -7.75 37.09 -29.59
CA ASP B 377 -9.04 36.46 -29.81
C ASP B 377 -9.60 36.05 -28.47
N LYS B 378 -10.71 36.66 -28.08
CA LYS B 378 -11.25 36.47 -26.74
C LYS B 378 -11.87 35.08 -26.53
N GLU B 379 -12.45 34.52 -27.58
CA GLU B 379 -13.18 33.26 -27.45
C GLU B 379 -12.25 32.07 -27.22
N SER B 380 -11.34 31.82 -28.17
CA SER B 380 -10.39 30.74 -28.00
C SER B 380 -9.48 30.99 -26.78
N THR B 381 -9.13 32.25 -26.55
CA THR B 381 -8.31 32.59 -25.38
C THR B 381 -9.02 32.17 -24.08
N GLN B 382 -10.31 32.51 -23.96
CA GLN B 382 -11.06 32.18 -22.75
C GLN B 382 -11.30 30.68 -22.61
N LYS B 383 -11.47 29.98 -23.73
CA LYS B 383 -11.60 28.53 -23.70
C LYS B 383 -10.32 27.92 -23.12
N ALA B 384 -9.18 28.46 -23.54
CA ALA B 384 -7.88 27.98 -23.06
C ALA B 384 -7.71 28.26 -21.58
N PHE B 385 -8.06 29.47 -21.15
CA PHE B 385 -7.98 29.82 -19.74
C PHE B 385 -8.84 28.86 -18.92
N ASP B 386 -10.09 28.68 -19.34
CA ASP B 386 -11.02 27.80 -18.63
C ASP B 386 -10.55 26.34 -18.64
N GLY B 387 -9.96 25.91 -19.74
CA GLY B 387 -9.49 24.55 -19.85
C GLY B 387 -8.32 24.25 -18.93
N ILE B 388 -7.28 25.07 -19.00
CA ILE B 388 -6.07 24.84 -18.21
C ILE B 388 -6.37 24.96 -16.71
N THR B 389 -7.12 25.99 -16.32
CA THR B 389 -7.59 26.13 -14.95
C THR B 389 -8.28 24.86 -14.44
N ASN B 390 -9.16 24.31 -15.26
CA ASN B 390 -9.82 23.04 -14.93
C ASN B 390 -8.83 21.89 -14.73
N LYS B 391 -7.84 21.82 -15.61
CA LYS B 391 -6.87 20.72 -15.55
C LYS B 391 -6.01 20.77 -14.30
N VAL B 392 -5.53 21.96 -13.96
CA VAL B 392 -4.74 22.17 -12.76
C VAL B 392 -5.61 21.87 -11.55
N ASN B 393 -6.84 22.36 -11.56
CA ASN B 393 -7.77 22.11 -10.46
C ASN B 393 -8.12 20.64 -10.29
N SER B 394 -8.26 19.91 -11.39
CA SER B 394 -8.50 18.48 -11.32
C SER B 394 -7.38 17.77 -10.57
N VAL B 395 -6.15 18.01 -11.01
CA VAL B 395 -4.97 17.38 -10.46
C VAL B 395 -4.80 17.68 -8.97
N ILE B 396 -5.18 18.88 -8.58
CA ILE B 396 -4.99 19.31 -7.21
C ILE B 396 -6.17 18.93 -6.31
N GLU B 397 -7.38 19.23 -6.74
CA GLU B 397 -8.56 19.04 -5.89
C GLU B 397 -8.95 17.59 -5.62
N LYS B 398 -8.65 16.69 -6.56
CA LYS B 398 -9.01 15.27 -6.42
C LYS B 398 -8.15 14.49 -5.42
N MET B 399 -7.13 15.14 -4.87
CA MET B 399 -6.26 14.49 -3.91
C MET B 399 -6.89 14.45 -2.51
N ASN B 400 -7.01 13.24 -1.96
CA ASN B 400 -7.53 13.04 -0.62
C ASN B 400 -6.50 13.45 0.42
N THR B 401 -6.97 14.01 1.53
CA THR B 401 -6.07 14.51 2.56
C THR B 401 -6.62 14.28 3.96
N GLN B 402 -6.39 13.09 4.51
CA GLN B 402 -6.81 12.79 5.88
C GLN B 402 -5.68 12.86 6.92
N PHE B 403 -6.06 13.09 8.18
CA PHE B 403 -5.09 13.28 9.25
C PHE B 403 -4.24 12.05 9.48
N GLU B 404 -2.93 12.24 9.59
CA GLU B 404 -2.02 11.11 9.74
C GLU B 404 -0.82 11.46 10.60
N ALA B 405 -0.43 10.51 11.44
CA ALA B 405 0.82 10.60 12.19
C ALA B 405 1.72 9.48 11.71
N VAL B 406 2.68 9.80 10.86
CA VAL B 406 3.51 8.80 10.18
C VAL B 406 4.46 8.02 11.11
N GLY B 407 5.38 8.73 11.78
CA GLY B 407 6.30 8.09 12.70
C GLY B 407 5.63 7.22 13.77
N LYS B 408 6.10 5.99 13.94
CA LYS B 408 5.54 5.08 14.92
C LYS B 408 6.60 4.57 15.89
N GLU B 409 6.15 3.97 16.99
CA GLU B 409 7.05 3.42 18.01
C GLU B 409 7.01 1.90 18.05
N PHE B 410 8.19 1.28 18.05
CA PHE B 410 8.33 -0.17 18.13
C PHE B 410 9.44 -0.54 19.09
N SER B 411 9.22 -1.55 19.93
CA SER B 411 10.28 -2.03 20.83
C SER B 411 11.35 -2.75 19.99
N ASN B 412 12.51 -3.06 20.57
CA ASN B 412 13.53 -3.73 19.77
C ASN B 412 13.28 -5.22 19.58
N LEU B 413 12.14 -5.71 20.09
CA LEU B 413 11.69 -7.06 19.79
C LEU B 413 10.48 -6.99 18.86
N GLU B 414 10.33 -5.87 18.18
CA GLU B 414 9.26 -5.68 17.21
C GLU B 414 9.86 -5.20 15.90
N ARG B 415 11.05 -5.67 15.58
CA ARG B 415 11.74 -5.25 14.37
C ARG B 415 10.97 -5.66 13.13
N ARG B 416 10.31 -6.81 13.18
CA ARG B 416 9.55 -7.30 12.02
C ARG B 416 8.34 -6.41 11.75
N LEU B 417 7.65 -6.04 12.81
CA LEU B 417 6.53 -5.15 12.72
C LEU B 417 7.00 -3.79 12.21
N GLU B 418 8.14 -3.35 12.72
CA GLU B 418 8.72 -2.10 12.28
C GLU B 418 9.06 -2.16 10.78
N ASN B 419 9.69 -3.27 10.37
CA ASN B 419 10.02 -3.45 8.98
C ASN B 419 8.80 -3.48 8.06
N LEU B 420 7.69 -4.01 8.56
CA LEU B 420 6.47 -4.09 7.78
C LEU B 420 5.85 -2.69 7.58
N ASN B 421 5.87 -1.88 8.64
CA ASN B 421 5.47 -0.49 8.55
C ASN B 421 6.32 0.26 7.55
N LYS B 422 7.62 0.01 7.61
CA LYS B 422 8.53 0.65 6.68
C LYS B 422 8.25 0.23 5.23
N LYS B 423 7.92 -1.05 5.04
CA LYS B 423 7.69 -1.60 3.72
C LYS B 423 6.42 -1.00 3.09
N MET B 424 5.48 -0.63 3.94
CA MET B 424 4.25 -0.03 3.48
C MET B 424 4.47 1.42 3.05
N GLU B 425 5.21 2.17 3.85
CA GLU B 425 5.45 3.57 3.55
C GLU B 425 6.30 3.70 2.29
N ASP B 426 7.28 2.81 2.16
CA ASP B 426 8.10 2.76 0.95
C ASP B 426 7.27 2.42 -0.29
N GLY B 427 6.29 1.54 -0.12
CA GLY B 427 5.41 1.13 -1.21
C GLY B 427 4.58 2.27 -1.77
N PHE B 428 3.86 2.97 -0.89
CA PHE B 428 3.10 4.14 -1.29
C PHE B 428 3.98 5.25 -1.85
N LEU B 429 5.12 5.49 -1.23
CA LEU B 429 6.07 6.47 -1.75
C LEU B 429 6.36 6.16 -3.23
N ASP B 430 6.79 4.93 -3.52
CA ASP B 430 7.07 4.52 -4.90
C ASP B 430 5.84 4.71 -5.81
N VAL B 431 4.66 4.37 -5.30
CA VAL B 431 3.45 4.55 -6.11
C VAL B 431 3.18 6.03 -6.40
N TRP B 432 3.23 6.88 -5.38
CA TRP B 432 2.96 8.31 -5.60
C TRP B 432 4.03 9.00 -6.45
N THR B 433 5.29 8.72 -6.18
CA THR B 433 6.38 9.32 -6.93
C THR B 433 6.27 9.03 -8.43
N TYR B 434 6.22 7.76 -8.79
CA TYR B 434 6.10 7.35 -10.18
C TYR B 434 4.84 7.91 -10.83
N ASN B 435 3.74 7.87 -10.10
CA ASN B 435 2.47 8.39 -10.59
C ASN B 435 2.54 9.91 -10.81
N ALA B 436 3.14 10.62 -9.87
CA ALA B 436 3.24 12.07 -9.96
C ALA B 436 4.12 12.49 -11.13
N GLU B 437 5.31 11.88 -11.23
CA GLU B 437 6.25 12.19 -12.30
C GLU B 437 5.64 11.97 -13.68
N LEU B 438 5.02 10.80 -13.88
CA LEU B 438 4.43 10.48 -15.19
C LEU B 438 3.17 11.30 -15.51
N LEU B 439 2.33 11.53 -14.52
CA LEU B 439 1.16 12.37 -14.71
C LEU B 439 1.60 13.73 -15.27
N VAL B 440 2.68 14.25 -14.70
CA VAL B 440 3.20 15.54 -15.11
C VAL B 440 3.74 15.51 -16.54
N LEU B 441 4.52 14.48 -16.85
CA LEU B 441 5.04 14.35 -18.21
C LEU B 441 3.92 14.23 -19.23
N MET B 442 2.88 13.46 -18.86
CA MET B 442 1.81 13.17 -19.81
C MET B 442 0.87 14.37 -20.00
N GLU B 443 0.52 15.06 -18.93
CA GLU B 443 -0.34 16.23 -19.03
C GLU B 443 0.36 17.40 -19.75
N ASN B 444 1.64 17.61 -19.48
CA ASN B 444 2.39 18.61 -20.23
C ASN B 444 2.33 18.39 -21.73
N GLU B 445 2.49 17.14 -22.17
CA GLU B 445 2.41 16.82 -23.59
C GLU B 445 1.04 17.22 -24.13
N ARG B 446 0.00 16.78 -23.44
CA ARG B 446 -1.38 17.14 -23.76
C ARG B 446 -1.59 18.65 -23.79
N THR B 447 -1.00 19.36 -22.84
CA THR B 447 -1.20 20.80 -22.73
C THR B 447 -0.60 21.55 -23.91
N LEU B 448 0.60 21.14 -24.31
CA LEU B 448 1.24 21.74 -25.48
C LEU B 448 0.40 21.49 -26.74
N ASP B 449 -0.13 20.27 -26.87
CA ASP B 449 -0.98 19.92 -28.02
C ASP B 449 -2.32 20.66 -28.02
N PHE B 450 -2.86 20.89 -26.82
CA PHE B 450 -4.09 21.66 -26.66
C PHE B 450 -3.89 23.08 -27.22
N HIS B 451 -2.81 23.74 -26.82
CA HIS B 451 -2.46 25.04 -27.39
C HIS B 451 -2.26 24.96 -28.91
N ASP B 452 -1.47 23.98 -29.35
CA ASP B 452 -1.21 23.77 -30.76
C ASP B 452 -2.52 23.72 -31.55
N SER B 453 -3.44 22.90 -31.07
CA SER B 453 -4.75 22.70 -31.68
C SER B 453 -5.62 23.95 -31.70
N ASN B 454 -5.59 24.72 -30.61
CA ASN B 454 -6.35 25.97 -30.57
C ASN B 454 -5.87 26.94 -31.64
N VAL B 455 -4.56 27.05 -31.80
CA VAL B 455 -3.98 27.86 -32.87
C VAL B 455 -4.43 27.34 -34.22
N LYS B 456 -4.23 26.05 -34.47
CA LYS B 456 -4.66 25.44 -35.73
C LYS B 456 -6.13 25.70 -36.03
N ASN B 457 -7.01 25.50 -35.03
CA ASN B 457 -8.43 25.76 -35.23
C ASN B 457 -8.75 27.23 -35.51
N LEU B 458 -7.97 28.14 -34.92
CA LEU B 458 -8.18 29.56 -35.17
C LEU B 458 -7.89 29.83 -36.63
N TYR B 459 -6.75 29.32 -37.10
CA TYR B 459 -6.35 29.49 -38.50
C TYR B 459 -7.41 28.97 -39.46
N ASP B 460 -7.94 27.78 -39.20
CA ASP B 460 -8.98 27.20 -40.04
C ASP B 460 -10.28 27.99 -39.96
N LYS B 461 -10.63 28.45 -38.77
CA LYS B 461 -11.80 29.28 -38.58
C LYS B 461 -11.76 30.43 -39.59
N VAL B 462 -10.60 31.07 -39.70
CA VAL B 462 -10.43 32.16 -40.66
C VAL B 462 -10.43 31.66 -42.11
N ARG B 463 -9.69 30.59 -42.38
CA ARG B 463 -9.62 30.05 -43.74
C ARG B 463 -10.99 29.65 -44.31
N MET B 464 -11.84 29.05 -43.48
CA MET B 464 -13.12 28.54 -43.96
C MET B 464 -14.16 29.65 -44.15
N GLN B 465 -13.94 30.77 -43.49
CA GLN B 465 -14.80 31.94 -43.71
C GLN B 465 -14.45 32.58 -45.05
N LEU B 466 -13.18 32.94 -45.20
CA LEU B 466 -12.71 33.70 -46.36
C LEU B 466 -12.79 32.89 -47.66
N ARG B 467 -12.54 31.60 -47.57
CA ARG B 467 -12.54 30.75 -48.75
C ARG B 467 -11.65 31.38 -49.83
N ASP B 468 -12.15 31.48 -51.06
CA ASP B 468 -11.33 32.07 -52.13
C ASP B 468 -11.37 33.60 -52.22
N ASN B 469 -12.04 34.25 -51.27
CA ASN B 469 -11.98 35.70 -51.17
C ASN B 469 -10.63 36.15 -50.65
N VAL B 470 -9.76 35.19 -50.36
CA VAL B 470 -8.41 35.47 -49.87
C VAL B 470 -7.42 34.39 -50.28
N LYS B 471 -6.14 34.76 -50.34
CA LYS B 471 -5.07 33.82 -50.63
C LYS B 471 -4.34 33.41 -49.35
N GLU B 472 -4.00 32.12 -49.24
CA GLU B 472 -3.15 31.67 -48.13
C GLU B 472 -1.68 31.89 -48.45
N LEU B 473 -1.06 32.77 -47.67
CA LEU B 473 0.30 33.23 -47.91
C LEU B 473 1.38 32.44 -47.20
N GLY B 474 1.01 31.56 -46.29
CA GLY B 474 1.99 30.89 -45.45
C GLY B 474 2.19 31.68 -44.17
N ASN B 475 2.92 31.08 -43.22
CA ASN B 475 3.21 31.71 -41.94
C ASN B 475 1.97 32.24 -41.24
N GLY B 476 0.85 31.57 -41.47
CA GLY B 476 -0.39 31.86 -40.78
C GLY B 476 -1.06 33.13 -41.28
N CYS B 477 -0.70 33.57 -42.48
CA CYS B 477 -1.18 34.84 -43.01
C CYS B 477 -2.15 34.69 -44.19
N PHE B 478 -3.09 35.62 -44.28
CA PHE B 478 -4.02 35.65 -45.39
C PHE B 478 -3.93 37.00 -46.08
N GLU B 479 -3.84 37.00 -47.40
CA GLU B 479 -3.99 38.26 -48.13
C GLU B 479 -5.34 38.35 -48.85
N PHE B 480 -6.07 39.42 -48.57
CA PHE B 480 -7.41 39.62 -49.12
C PHE B 480 -7.37 39.98 -50.60
N TYR B 481 -8.34 39.45 -51.34
CA TYR B 481 -8.50 39.79 -52.74
C TYR B 481 -9.41 41.00 -52.87
N HIS B 482 -9.66 41.65 -51.74
CA HIS B 482 -10.51 42.83 -51.70
C HIS B 482 -10.13 43.72 -50.53
N LYS B 483 -10.55 44.98 -50.58
CA LYS B 483 -10.32 45.89 -49.47
C LYS B 483 -11.08 45.40 -48.24
N CYS B 484 -10.40 45.37 -47.09
CA CYS B 484 -11.05 44.96 -45.85
C CYS B 484 -10.80 46.00 -44.76
N ASP B 485 -11.82 46.79 -44.46
CA ASP B 485 -11.73 47.84 -43.45
C ASP B 485 -11.89 47.27 -42.04
N ASP B 486 -11.68 48.12 -41.03
CA ASP B 486 -11.76 47.70 -39.64
C ASP B 486 -13.06 46.99 -39.29
N GLU B 487 -14.15 47.38 -39.95
CA GLU B 487 -15.44 46.75 -39.69
C GLU B 487 -15.45 45.33 -40.24
N CYS B 488 -14.87 45.17 -41.44
CA CYS B 488 -14.75 43.87 -42.09
C CYS B 488 -13.86 42.95 -41.27
N MET B 489 -12.74 43.48 -40.79
CA MET B 489 -11.79 42.73 -39.97
C MET B 489 -12.46 42.18 -38.71
N ASN B 490 -13.21 43.04 -38.02
CA ASN B 490 -13.99 42.63 -36.87
C ASN B 490 -14.85 41.42 -37.19
N SER B 491 -15.52 41.45 -38.34
CA SER B 491 -16.41 40.36 -38.71
C SER B 491 -15.62 39.06 -38.88
N VAL B 492 -14.42 39.17 -39.42
CA VAL B 492 -13.52 38.03 -39.48
C VAL B 492 -13.20 37.52 -38.07
N LYS B 493 -12.77 38.44 -37.20
CA LYS B 493 -12.33 38.09 -35.85
C LYS B 493 -13.46 37.54 -34.95
N ASN B 494 -14.70 37.92 -35.24
CA ASN B 494 -15.83 37.44 -34.46
C ASN B 494 -16.72 36.42 -35.19
N GLY B 495 -16.26 35.98 -36.36
CA GLY B 495 -16.86 34.84 -37.04
C GLY B 495 -18.13 35.12 -37.83
N THR B 496 -18.36 36.38 -38.20
CA THR B 496 -19.55 36.73 -38.96
C THR B 496 -19.17 37.37 -40.29
N TYR B 497 -18.10 36.87 -40.91
CA TYR B 497 -17.64 37.42 -42.17
C TYR B 497 -18.63 37.14 -43.30
N ASP B 498 -18.79 38.12 -44.18
CA ASP B 498 -19.77 38.04 -45.25
C ASP B 498 -19.10 37.68 -46.56
N TYR B 499 -19.18 36.41 -46.95
CA TYR B 499 -18.53 35.95 -48.17
C TYR B 499 -19.14 36.54 -49.46
N PRO B 500 -20.48 36.56 -49.58
CA PRO B 500 -21.14 37.30 -50.67
C PRO B 500 -20.60 38.72 -50.78
N LYS B 501 -19.66 38.86 -51.71
CA LYS B 501 -18.63 39.90 -51.73
C LYS B 501 -17.48 39.21 -52.48
N TYR B 502 -17.78 38.00 -52.95
CA TYR B 502 -16.89 37.25 -53.80
C TYR B 502 -16.57 38.07 -55.04
N GLU B 503 -17.15 39.26 -55.09
CA GLU B 503 -16.78 40.30 -56.04
C GLU B 503 -17.02 41.64 -55.36
N GLU B 504 -16.02 42.51 -55.31
CA GLU B 504 -14.65 42.29 -55.79
C GLU B 504 -14.01 41.00 -55.29
N GLU B 505 -13.13 40.41 -56.09
CA GLU B 505 -12.46 39.16 -55.75
C GLU B 505 -11.91 38.50 -56.99
N SER B 506 -12.62 38.65 -58.11
CA SER B 506 -12.15 38.20 -59.41
C SER B 506 -10.91 39.00 -59.77
N LYS B 507 -10.67 40.03 -58.98
CA LYS B 507 -9.36 40.65 -58.90
C LYS B 507 -8.30 39.55 -58.73
N ALA B 508 -8.77 38.36 -58.36
CA ALA B 508 -7.93 37.16 -58.28
C ALA B 508 -7.50 36.69 -59.67
N ALA B 509 -8.33 36.94 -60.67
CA ALA B 509 -8.01 36.57 -62.04
C ALA B 509 -7.83 37.79 -62.93
N GLN C 17 -26.36 19.33 -53.11
CA GLN C 17 -25.33 19.38 -52.07
C GLN C 17 -25.27 18.11 -51.22
N ILE C 18 -24.17 17.96 -50.50
CA ILE C 18 -24.01 16.87 -49.52
C ILE C 18 -23.34 17.43 -48.26
N CYS C 19 -23.89 17.09 -47.09
CA CYS C 19 -23.34 17.59 -45.83
C CYS C 19 -22.87 16.47 -44.92
N ILE C 20 -21.79 16.72 -44.19
CA ILE C 20 -21.30 15.81 -43.15
C ILE C 20 -21.86 16.25 -41.81
N GLY C 21 -22.23 15.29 -40.97
CA GLY C 21 -22.81 15.61 -39.68
C GLY C 21 -22.66 14.48 -38.68
N TYR C 22 -23.11 14.74 -37.45
CA TYR C 22 -23.00 13.76 -36.40
C TYR C 22 -24.31 13.66 -35.61
N HIS C 23 -24.42 12.60 -34.83
CA HIS C 23 -25.66 12.26 -34.15
C HIS C 23 -25.98 13.19 -32.98
N ALA C 24 -27.27 13.38 -32.71
CA ALA C 24 -27.69 14.10 -31.51
C ALA C 24 -28.96 13.45 -31.00
N ASN C 25 -29.23 13.63 -29.71
CA ASN C 25 -30.44 13.10 -29.11
C ASN C 25 -30.94 13.99 -27.95
N ASN C 26 -31.87 13.44 -27.17
CA ASN C 26 -32.44 14.17 -26.04
C ASN C 26 -31.82 13.75 -24.71
N SER C 27 -30.62 13.19 -24.78
CA SER C 27 -29.89 12.81 -23.58
C SER C 27 -29.51 14.04 -22.75
N THR C 28 -29.54 13.88 -21.42
CA THR C 28 -29.14 14.93 -20.50
C THR C 28 -28.06 14.43 -19.56
N GLU C 29 -27.43 13.31 -19.94
CA GLU C 29 -26.32 12.76 -19.17
C GLU C 29 -25.07 13.64 -19.23
N LYS C 30 -24.53 13.93 -18.05
CA LYS C 30 -23.37 14.80 -17.93
C LYS C 30 -22.12 14.00 -17.58
N VAL C 31 -20.97 14.41 -18.12
CA VAL C 31 -19.69 13.85 -17.71
C VAL C 31 -18.73 15.01 -17.48
N ASP C 32 -17.65 14.73 -16.76
CA ASP C 32 -16.57 15.70 -16.62
C ASP C 32 -15.36 15.19 -17.41
N THR C 33 -14.56 16.12 -17.93
CA THR C 33 -13.29 15.79 -18.57
C THR C 33 -12.21 16.57 -17.87
N ILE C 34 -10.95 16.30 -18.22
CA ILE C 34 -9.84 17.07 -17.66
C ILE C 34 -10.03 18.59 -17.85
N LEU C 35 -10.63 18.99 -18.97
CA LEU C 35 -10.73 20.41 -19.34
C LEU C 35 -12.11 21.00 -19.10
N GLU C 36 -13.09 20.14 -18.81
CA GLU C 36 -14.48 20.59 -18.76
C GLU C 36 -15.32 19.94 -17.69
N ARG C 37 -16.31 20.67 -17.20
CA ARG C 37 -17.27 20.11 -16.25
C ARG C 37 -18.66 20.11 -16.86
N ASN C 38 -19.48 19.18 -16.40
CA ASN C 38 -20.88 19.05 -16.84
C ASN C 38 -21.10 19.15 -18.33
N VAL C 39 -20.44 18.29 -19.09
CA VAL C 39 -20.63 18.19 -20.52
C VAL C 39 -21.72 17.17 -20.84
N THR C 40 -22.69 17.57 -21.65
CA THR C 40 -23.76 16.67 -22.04
C THR C 40 -23.31 15.75 -23.17
N VAL C 41 -23.47 14.45 -22.98
CA VAL C 41 -23.05 13.48 -23.98
C VAL C 41 -24.25 12.65 -24.42
N THR C 42 -24.15 12.02 -25.58
CA THR C 42 -25.28 11.26 -26.12
C THR C 42 -25.55 9.96 -25.35
N HIS C 43 -24.47 9.34 -24.86
CA HIS C 43 -24.57 8.15 -24.03
C HIS C 43 -23.39 8.13 -23.06
N ALA C 44 -23.64 7.64 -21.85
CA ALA C 44 -22.58 7.52 -20.86
C ALA C 44 -22.68 6.18 -20.12
N LYS C 45 -21.58 5.73 -19.54
CA LYS C 45 -21.59 4.50 -18.75
C LYS C 45 -21.00 4.71 -17.37
N ASP C 46 -21.83 4.57 -16.34
CA ASP C 46 -21.36 4.69 -14.97
C ASP C 46 -20.62 3.41 -14.60
N ILE C 47 -19.37 3.55 -14.17
CA ILE C 47 -18.57 2.39 -13.76
C ILE C 47 -18.40 2.29 -12.25
N LEU C 48 -19.18 3.06 -11.52
CA LEU C 48 -19.18 2.99 -10.06
C LEU C 48 -20.47 2.32 -9.61
N GLU C 49 -20.35 1.20 -8.91
CA GLU C 49 -21.54 0.50 -8.43
C GLU C 49 -21.97 1.03 -7.07
N LYS C 50 -23.23 1.42 -6.94
CA LYS C 50 -23.73 1.92 -5.67
C LYS C 50 -25.06 1.32 -5.19
N THR C 51 -25.41 0.15 -5.72
CA THR C 51 -26.57 -0.56 -5.21
C THR C 51 -26.22 -1.93 -4.66
N HIS C 52 -26.78 -2.24 -3.49
CA HIS C 52 -26.74 -3.59 -2.93
C HIS C 52 -28.16 -4.14 -2.93
N ASN C 53 -28.31 -5.41 -2.58
CA ASN C 53 -29.64 -6.03 -2.61
C ASN C 53 -30.35 -6.01 -1.27
N GLY C 54 -29.68 -5.47 -0.25
CA GLY C 54 -30.30 -5.28 1.06
C GLY C 54 -30.33 -6.52 1.92
N LYS C 55 -29.80 -7.62 1.40
CA LYS C 55 -29.87 -8.89 2.13
C LYS C 55 -28.51 -9.46 2.54
N LEU C 56 -28.53 -10.29 3.56
CA LEU C 56 -27.38 -11.09 3.94
C LEU C 56 -27.46 -12.44 3.21
N CYS C 57 -26.40 -12.82 2.52
CA CYS C 57 -26.46 -13.96 1.59
C CYS C 57 -25.41 -15.03 1.80
N ARG C 58 -25.53 -16.11 1.03
CA ARG C 58 -24.52 -17.15 0.99
C ARG C 58 -23.37 -16.70 0.10
N LEU C 59 -22.17 -17.18 0.41
CA LEU C 59 -20.99 -16.85 -0.38
C LEU C 59 -20.58 -18.11 -1.14
N SER C 60 -20.75 -18.09 -2.46
CA SER C 60 -20.43 -19.26 -3.29
C SER C 60 -21.06 -20.54 -2.76
N GLY C 61 -22.39 -20.51 -2.59
CA GLY C 61 -23.13 -21.68 -2.17
C GLY C 61 -23.00 -22.03 -0.69
N ILE C 62 -22.01 -21.45 -0.02
CA ILE C 62 -21.76 -21.80 1.37
C ILE C 62 -22.18 -20.69 2.34
N PRO C 63 -23.09 -21.02 3.28
CA PRO C 63 -23.69 -20.06 4.22
C PRO C 63 -22.70 -19.58 5.28
N PRO C 64 -23.04 -18.47 5.97
CA PRO C 64 -22.28 -17.99 7.12
C PRO C 64 -22.73 -18.71 8.37
N LEU C 65 -21.86 -18.76 9.38
CA LEU C 65 -22.26 -19.17 10.71
C LEU C 65 -22.89 -17.98 11.41
N GLU C 66 -24.17 -18.06 11.76
CA GLU C 66 -24.84 -16.96 12.44
C GLU C 66 -24.84 -17.14 13.96
N LEU C 67 -24.20 -16.22 14.67
CA LEU C 67 -24.07 -16.35 16.11
C LEU C 67 -25.02 -15.45 16.91
N GLY C 68 -25.79 -14.62 16.23
CA GLY C 68 -26.72 -13.73 16.91
C GLY C 68 -26.01 -12.79 17.86
N ASP C 69 -26.42 -12.77 19.13
CA ASP C 69 -25.64 -11.99 20.09
C ASP C 69 -24.82 -12.87 21.04
N CYS C 70 -24.32 -13.97 20.50
CA CYS C 70 -23.29 -14.74 21.20
C CYS C 70 -21.94 -14.45 20.57
N SER C 71 -20.89 -14.46 21.39
CA SER C 71 -19.54 -14.32 20.88
C SER C 71 -18.99 -15.70 20.55
N ILE C 72 -17.91 -15.74 19.80
CA ILE C 72 -17.31 -17.03 19.44
C ILE C 72 -16.87 -17.81 20.68
N ALA C 73 -16.31 -17.12 21.66
CA ALA C 73 -15.90 -17.77 22.91
C ALA C 73 -17.11 -18.33 23.66
N GLY C 74 -18.20 -17.56 23.66
CA GLY C 74 -19.40 -17.95 24.36
C GLY C 74 -19.98 -19.21 23.75
N TRP C 75 -19.87 -19.30 22.43
CA TRP C 75 -20.38 -20.43 21.67
C TRP C 75 -19.53 -21.68 21.84
N LEU C 76 -18.22 -21.54 21.85
CA LEU C 76 -17.34 -22.71 21.91
C LEU C 76 -17.24 -23.26 23.33
N LEU C 77 -17.25 -22.37 24.31
CA LEU C 77 -17.24 -22.77 25.71
C LEU C 77 -18.57 -23.38 26.15
N GLY C 78 -19.63 -23.03 25.43
CA GLY C 78 -20.97 -23.49 25.77
C GLY C 78 -21.66 -22.63 26.82
N ASN C 79 -21.54 -21.31 26.72
CA ASN C 79 -22.32 -20.40 27.55
C ASN C 79 -23.80 -20.80 27.44
N PRO C 80 -24.43 -21.13 28.58
CA PRO C 80 -25.80 -21.65 28.60
C PRO C 80 -26.77 -20.81 27.76
N GLU C 81 -26.48 -19.51 27.70
CA GLU C 81 -27.30 -18.59 26.93
C GLU C 81 -27.15 -18.78 25.42
N CYS C 82 -26.33 -19.75 25.02
CA CYS C 82 -26.06 -19.98 23.61
C CYS C 82 -26.49 -21.37 23.15
N ASP C 83 -27.28 -22.06 23.98
CA ASP C 83 -27.72 -23.42 23.71
C ASP C 83 -28.51 -23.58 22.41
N ARG C 84 -29.46 -22.68 22.20
CA ARG C 84 -30.36 -22.77 21.05
C ARG C 84 -29.77 -22.06 19.85
N LEU C 85 -28.50 -22.30 19.58
CA LEU C 85 -27.79 -21.56 18.56
C LEU C 85 -28.19 -21.98 17.14
N LEU C 86 -27.96 -23.25 16.82
CA LEU C 86 -28.13 -23.76 15.45
C LEU C 86 -26.91 -23.46 14.58
N SER C 87 -25.84 -24.23 14.81
CA SER C 87 -24.66 -24.11 13.98
C SER C 87 -24.80 -25.01 12.76
N VAL C 88 -24.03 -24.69 11.73
CA VAL C 88 -23.92 -25.54 10.55
C VAL C 88 -22.58 -26.26 10.64
N PRO C 89 -22.34 -27.23 9.75
CA PRO C 89 -21.07 -27.95 9.83
C PRO C 89 -20.04 -27.35 8.88
N GLU C 90 -20.46 -26.32 8.16
CA GLU C 90 -19.62 -25.68 7.14
C GLU C 90 -20.10 -24.26 6.89
N TRP C 91 -19.18 -23.29 6.84
CA TRP C 91 -19.55 -21.90 6.63
C TRP C 91 -18.43 -21.13 5.94
N SER C 92 -18.77 -20.07 5.23
CA SER C 92 -17.78 -19.30 4.46
C SER C 92 -17.41 -17.99 5.14
N TYR C 93 -18.21 -17.57 6.12
CA TYR C 93 -17.85 -16.42 6.98
C TYR C 93 -18.70 -16.41 8.24
N ILE C 94 -18.38 -15.49 9.15
CA ILE C 94 -19.09 -15.47 10.41
C ILE C 94 -19.80 -14.15 10.58
N VAL C 95 -21.05 -14.22 10.99
CA VAL C 95 -21.85 -13.01 11.25
C VAL C 95 -22.04 -12.82 12.75
N GLU C 96 -21.76 -11.62 13.22
CA GLU C 96 -21.87 -11.32 14.63
C GLU C 96 -22.54 -9.98 14.76
N LYS C 97 -23.19 -9.73 15.89
CA LYS C 97 -23.71 -8.40 16.20
C LYS C 97 -22.55 -7.55 16.70
N GLU C 98 -22.65 -6.24 16.51
CA GLU C 98 -21.56 -5.33 16.83
C GLU C 98 -20.97 -5.61 18.21
N ASN C 99 -21.85 -5.77 19.20
CA ASN C 99 -21.43 -6.08 20.56
C ASN C 99 -22.21 -7.26 21.12
N PRO C 100 -21.70 -8.48 20.93
CA PRO C 100 -22.36 -9.68 21.42
C PRO C 100 -22.56 -9.59 22.94
N VAL C 101 -23.68 -10.08 23.42
CA VAL C 101 -24.01 -9.98 24.84
C VAL C 101 -23.56 -11.22 25.61
N ASN C 102 -23.41 -12.33 24.90
CA ASN C 102 -23.13 -13.61 25.54
C ASN C 102 -21.75 -14.17 25.20
N GLY C 103 -20.80 -13.92 26.09
CA GLY C 103 -19.45 -14.44 25.95
C GLY C 103 -19.09 -15.21 27.20
N LEU C 104 -18.12 -14.71 27.95
CA LEU C 104 -17.76 -15.34 29.21
C LEU C 104 -18.73 -14.94 30.32
N CYS C 105 -19.71 -15.79 30.57
CA CYS C 105 -20.63 -15.53 31.67
C CYS C 105 -19.85 -15.50 32.98
N TYR C 106 -19.00 -16.50 33.18
CA TYR C 106 -18.04 -16.44 34.28
C TYR C 106 -16.85 -15.57 33.85
N PRO C 107 -16.62 -14.47 34.57
CA PRO C 107 -15.70 -13.42 34.14
C PRO C 107 -14.28 -13.93 33.92
N GLY C 108 -13.56 -13.34 32.98
CA GLY C 108 -12.16 -13.67 32.79
C GLY C 108 -11.58 -13.20 31.47
N SER C 109 -10.79 -14.06 30.85
CA SER C 109 -10.09 -13.70 29.62
C SER C 109 -9.78 -14.92 28.76
N PHE C 110 -9.41 -14.66 27.51
CA PHE C 110 -9.18 -15.73 26.53
C PHE C 110 -7.88 -15.44 25.77
N ASN C 111 -6.83 -16.18 26.08
CA ASN C 111 -5.54 -15.96 25.44
C ASN C 111 -5.57 -16.18 23.92
N ASP C 112 -4.88 -15.32 23.17
CA ASP C 112 -4.82 -15.40 21.71
C ASP C 112 -6.20 -15.62 21.10
N TYR C 113 -7.19 -14.92 21.67
CA TYR C 113 -8.57 -15.04 21.22
C TYR C 113 -8.71 -14.66 19.75
N GLU C 114 -8.04 -13.59 19.34
CA GLU C 114 -8.12 -13.08 17.98
C GLU C 114 -7.52 -14.07 16.97
N GLU C 115 -6.43 -14.73 17.36
CA GLU C 115 -5.83 -15.75 16.52
C GLU C 115 -6.81 -16.91 16.35
N LEU C 116 -7.54 -17.22 17.41
CA LEU C 116 -8.53 -18.28 17.35
C LEU C 116 -9.64 -17.88 16.39
N LYS C 117 -10.15 -16.66 16.54
CA LYS C 117 -11.26 -16.20 15.71
C LYS C 117 -10.89 -16.18 14.26
N HIS C 118 -9.68 -15.76 13.95
CA HIS C 118 -9.19 -15.76 12.59
C HIS C 118 -9.15 -17.16 11.98
N LEU C 119 -8.82 -18.15 12.80
CA LEU C 119 -8.67 -19.54 12.35
C LEU C 119 -9.99 -20.16 11.89
N ILE C 120 -11.10 -19.80 12.54
CA ILE C 120 -12.38 -20.44 12.26
C ILE C 120 -13.35 -19.57 11.46
N THR C 121 -12.85 -18.51 10.84
CA THR C 121 -13.71 -17.64 10.04
C THR C 121 -14.33 -18.39 8.86
N SER C 122 -13.62 -19.42 8.39
CA SER C 122 -14.06 -20.18 7.22
C SER C 122 -13.60 -21.64 7.33
N VAL C 123 -14.56 -22.56 7.46
CA VAL C 123 -14.24 -23.94 7.73
C VAL C 123 -14.97 -24.93 6.82
N THR C 124 -14.55 -26.18 6.90
CA THR C 124 -15.13 -27.29 6.17
C THR C 124 -14.08 -28.36 6.22
N HIS C 125 -14.16 -29.27 7.20
CA HIS C 125 -15.35 -29.58 7.99
C HIS C 125 -15.30 -28.98 9.42
N PHE C 126 -16.41 -29.06 10.16
CA PHE C 126 -16.42 -28.65 11.58
C PHE C 126 -17.41 -29.46 12.42
N GLU C 127 -16.91 -30.17 13.43
CA GLU C 127 -17.74 -31.08 14.21
C GLU C 127 -17.32 -31.19 15.67
N LYS C 128 -18.27 -30.98 16.59
CA LYS C 128 -18.00 -31.14 18.00
C LYS C 128 -17.98 -32.62 18.38
N VAL C 129 -16.94 -33.04 19.10
CA VAL C 129 -16.84 -34.44 19.54
C VAL C 129 -16.38 -34.55 20.99
N LYS C 130 -16.90 -35.56 21.69
CA LYS C 130 -16.54 -35.79 23.09
C LYS C 130 -15.17 -36.47 23.18
N ILE C 131 -14.25 -35.86 23.91
CA ILE C 131 -12.88 -36.36 23.99
C ILE C 131 -12.46 -36.79 25.39
N LEU C 132 -13.00 -36.14 26.42
CA LEU C 132 -12.69 -36.48 27.80
C LEU C 132 -13.95 -36.52 28.66
N PRO C 133 -14.77 -37.57 28.51
CA PRO C 133 -16.05 -37.65 29.23
C PRO C 133 -15.86 -37.29 30.70
N ARG C 134 -16.72 -36.42 31.22
CA ARG C 134 -16.52 -35.89 32.56
C ARG C 134 -16.66 -36.92 33.68
N ASP C 135 -17.43 -37.97 33.43
CA ASP C 135 -17.66 -38.98 34.46
C ASP C 135 -16.42 -39.81 34.73
N GLN C 136 -15.40 -39.66 33.89
CA GLN C 136 -14.18 -40.42 34.10
C GLN C 136 -13.15 -39.67 34.96
N TRP C 137 -13.50 -38.46 35.39
CA TRP C 137 -12.75 -37.78 36.44
C TRP C 137 -13.23 -38.31 37.80
N THR C 138 -12.81 -39.51 38.16
CA THR C 138 -13.39 -40.21 39.30
C THR C 138 -12.88 -39.75 40.66
N GLN C 139 -11.72 -39.09 40.68
CA GLN C 139 -11.09 -38.66 41.92
C GLN C 139 -11.36 -37.18 42.24
N HIS C 140 -12.17 -36.54 41.42
CA HIS C 140 -12.48 -35.13 41.60
C HIS C 140 -13.98 -34.87 41.57
N THR C 141 -14.41 -33.81 42.24
CA THR C 141 -15.78 -33.33 42.11
C THR C 141 -15.88 -32.55 40.80
N THR C 142 -16.92 -32.81 40.02
CA THR C 142 -17.06 -32.20 38.70
C THR C 142 -18.34 -31.38 38.54
N THR C 143 -19.14 -31.27 39.58
CA THR C 143 -20.45 -30.63 39.45
C THR C 143 -20.43 -29.12 39.68
N GLY C 144 -19.26 -28.57 40.00
CA GLY C 144 -19.15 -27.16 40.33
C GLY C 144 -19.72 -26.22 39.29
N GLY C 145 -20.38 -25.15 39.75
CA GLY C 145 -20.93 -24.14 38.86
C GLY C 145 -20.99 -22.74 39.47
N SER C 146 -21.66 -21.84 38.78
CA SER C 146 -21.71 -20.44 39.23
C SER C 146 -23.00 -19.74 38.87
N ARG C 147 -23.45 -18.86 39.78
CA ARG C 147 -24.60 -18.00 39.53
C ARG C 147 -24.30 -16.95 38.45
N ALA C 148 -23.03 -16.85 38.06
CA ALA C 148 -22.66 -15.99 36.94
C ALA C 148 -23.18 -16.59 35.65
N CYS C 149 -23.31 -17.91 35.62
CA CYS C 149 -23.80 -18.65 34.46
C CYS C 149 -25.20 -19.17 34.74
N ALA C 150 -25.92 -18.42 35.57
CA ALA C 150 -27.20 -18.85 36.12
C ALA C 150 -28.20 -19.30 35.06
N VAL C 151 -28.82 -20.43 35.33
CA VAL C 151 -29.93 -20.91 34.52
C VAL C 151 -31.08 -21.24 35.43
N LEU C 152 -32.09 -20.36 35.46
CA LEU C 152 -33.43 -20.75 35.89
C LEU C 152 -33.79 -20.81 37.39
N ASP C 153 -33.13 -20.07 38.28
CA ASP C 153 -31.83 -19.46 38.06
C ASP C 153 -30.93 -20.02 39.16
N ASN C 154 -30.35 -21.17 38.86
CA ASN C 154 -29.47 -21.87 39.78
C ASN C 154 -28.05 -21.76 39.27
N PRO C 155 -27.07 -22.08 40.12
CA PRO C 155 -25.72 -22.10 39.56
C PRO C 155 -25.68 -23.04 38.34
N SER C 156 -24.91 -22.67 37.32
CA SER C 156 -24.63 -23.56 36.21
C SER C 156 -23.21 -23.31 35.74
N PHE C 157 -22.89 -23.72 34.51
CA PHE C 157 -21.53 -23.58 34.03
C PHE C 157 -21.44 -23.78 32.53
N PHE C 158 -20.36 -23.26 31.94
CA PHE C 158 -20.04 -23.55 30.54
C PHE C 158 -20.29 -25.04 30.30
N ARG C 159 -21.10 -25.35 29.29
CA ARG C 159 -21.57 -26.72 29.09
C ARG C 159 -20.54 -27.66 28.45
N ASN C 160 -19.54 -27.09 27.79
CA ASN C 160 -18.48 -27.91 27.18
C ASN C 160 -17.28 -28.11 28.13
N MET C 161 -17.32 -27.47 29.29
CA MET C 161 -16.20 -27.52 30.22
C MET C 161 -16.58 -28.12 31.57
N VAL C 162 -15.55 -28.42 32.35
CA VAL C 162 -15.68 -29.14 33.61
C VAL C 162 -14.84 -28.48 34.68
N LEU C 164 -13.13 -28.76 37.81
CA LEU C 164 -12.67 -29.77 38.75
C LEU C 164 -12.49 -29.15 40.13
N THR C 165 -13.12 -29.76 41.14
CA THR C 165 -12.88 -29.37 42.52
C THR C 165 -12.57 -30.57 43.43
N LYS C 166 -11.91 -30.29 44.55
CA LYS C 166 -11.47 -31.33 45.46
C LYS C 166 -12.64 -32.24 45.85
N LYS C 167 -12.34 -33.51 46.10
CA LYS C 167 -13.36 -34.47 46.52
C LYS C 167 -13.16 -34.83 47.99
N GLY C 168 -14.19 -34.63 48.79
CA GLY C 168 -14.02 -34.72 50.23
C GLY C 168 -13.11 -33.59 50.66
N SER C 169 -11.87 -33.94 50.98
CA SER C 169 -10.87 -32.93 51.33
C SER C 169 -9.54 -33.20 50.62
N ASN C 170 -9.61 -33.84 49.47
CA ASN C 170 -8.39 -34.14 48.73
C ASN C 170 -8.51 -33.86 47.25
N TYR C 171 -7.51 -33.15 46.71
CA TYR C 171 -7.43 -32.88 45.28
C TYR C 171 -6.16 -33.53 44.72
N PRO C 172 -6.27 -34.78 44.26
CA PRO C 172 -5.13 -35.51 43.70
C PRO C 172 -4.77 -34.94 42.35
N ILE C 173 -3.59 -35.27 41.85
CA ILE C 173 -3.20 -34.78 40.54
C ILE C 173 -4.28 -35.15 39.53
N ALA C 174 -4.65 -34.19 38.70
CA ALA C 174 -5.62 -34.42 37.65
C ALA C 174 -4.85 -34.62 36.36
N LYS C 175 -4.85 -35.86 35.89
CA LYS C 175 -3.99 -36.26 34.79
C LYS C 175 -4.77 -37.14 33.82
N ARG C 176 -5.05 -36.62 32.64
CA ARG C 176 -5.72 -37.36 31.59
C ARG C 176 -5.17 -36.92 30.25
N SER C 177 -5.32 -37.76 29.24
CA SER C 177 -4.83 -37.44 27.91
C SER C 177 -5.83 -37.89 26.84
N TYR C 178 -5.73 -37.27 25.68
CA TYR C 178 -6.55 -37.65 24.55
C TYR C 178 -5.69 -37.80 23.31
N ASN C 179 -5.93 -38.87 22.56
CA ASN C 179 -5.29 -39.05 21.25
C ASN C 179 -6.26 -38.68 20.13
N ASN C 180 -5.84 -37.76 19.27
CA ASN C 180 -6.68 -37.33 18.16
C ASN C 180 -6.71 -38.35 17.02
N THR C 181 -7.56 -39.37 17.19
CA THR C 181 -7.73 -40.41 16.19
C THR C 181 -8.87 -40.09 15.24
N SER C 182 -9.33 -38.84 15.25
CA SER C 182 -10.57 -38.45 14.55
C SER C 182 -10.42 -38.26 13.04
N GLY C 183 -9.20 -38.04 12.57
CA GLY C 183 -8.97 -37.87 11.14
C GLY C 183 -8.73 -36.43 10.70
N GLU C 184 -9.02 -35.49 11.58
CA GLU C 184 -8.80 -34.07 11.27
C GLU C 184 -8.15 -33.36 12.45
N GLN C 185 -7.53 -32.23 12.19
CA GLN C 185 -7.00 -31.41 13.27
C GLN C 185 -8.14 -31.04 14.21
N MET C 186 -7.82 -30.95 15.50
CA MET C 186 -8.85 -30.70 16.49
C MET C 186 -8.57 -29.48 17.37
N LEU C 187 -9.57 -28.63 17.52
CA LEU C 187 -9.43 -27.48 18.39
C LEU C 187 -9.80 -27.90 19.82
N ILE C 188 -8.93 -27.58 20.77
CA ILE C 188 -9.20 -27.89 22.16
C ILE C 188 -8.93 -26.67 23.06
N ILE C 189 -9.91 -26.34 23.88
CA ILE C 189 -9.83 -25.19 24.76
C ILE C 189 -9.84 -25.67 26.20
N TRP C 190 -9.03 -25.04 27.05
CA TRP C 190 -9.04 -25.34 28.48
C TRP C 190 -8.82 -24.04 29.24
N GLY C 191 -8.99 -24.09 30.55
CA GLY C 191 -8.85 -22.90 31.36
C GLY C 191 -8.16 -23.13 32.66
N ILE C 192 -7.92 -22.03 33.37
CA ILE C 192 -7.45 -22.06 34.74
C ILE C 192 -8.27 -21.03 35.52
N HIS C 193 -8.62 -21.38 36.76
CA HIS C 193 -9.46 -20.53 37.58
C HIS C 193 -8.59 -19.75 38.58
N HIS C 194 -8.84 -18.45 38.70
CA HIS C 194 -8.09 -17.59 39.61
C HIS C 194 -8.99 -17.17 40.77
N PRO C 195 -8.83 -17.79 41.94
CA PRO C 195 -9.73 -17.55 43.09
C PRO C 195 -9.59 -16.16 43.74
N ASN C 196 -10.45 -15.86 44.71
CA ASN C 196 -10.51 -14.55 45.35
C ASN C 196 -9.45 -14.30 46.41
N ASP C 197 -9.04 -15.38 47.07
CA ASP C 197 -8.03 -15.29 48.13
C ASP C 197 -7.50 -16.68 48.41
N ASP C 198 -6.44 -16.76 49.19
CA ASP C 198 -5.84 -18.06 49.48
C ASP C 198 -6.82 -19.02 50.14
N ALA C 199 -7.69 -18.45 50.98
CA ALA C 199 -8.70 -19.25 51.67
C ALA C 199 -9.68 -19.93 50.72
N GLU C 200 -10.05 -19.24 49.64
CA GLU C 200 -10.98 -19.81 48.68
C GLU C 200 -10.24 -20.86 47.83
N GLN C 201 -8.96 -20.61 47.61
CA GLN C 201 -8.09 -21.54 46.90
C GLN C 201 -8.03 -22.88 47.65
N ARG C 202 -7.87 -22.82 48.97
CA ARG C 202 -7.82 -24.01 49.81
C ARG C 202 -9.17 -24.71 49.87
N THR C 203 -10.23 -23.91 49.88
CA THR C 203 -11.58 -24.45 49.95
C THR C 203 -11.95 -25.22 48.70
N LEU C 204 -11.52 -24.71 47.55
CA LEU C 204 -11.82 -25.34 46.27
C LEU C 204 -10.86 -26.49 45.95
N TYR C 205 -9.56 -26.27 46.18
CA TYR C 205 -8.55 -27.17 45.65
C TYR C 205 -7.63 -27.79 46.70
N GLN C 206 -7.85 -27.44 47.96
CA GLN C 206 -7.02 -27.97 49.06
C GLN C 206 -5.59 -27.42 49.06
N ASN C 207 -4.88 -27.61 47.96
CA ASN C 207 -3.49 -27.14 47.85
C ASN C 207 -3.41 -25.68 47.45
N VAL C 208 -2.27 -25.03 47.70
CA VAL C 208 -2.12 -23.61 47.36
C VAL C 208 -1.24 -23.32 46.15
N GLY C 209 -0.01 -23.84 46.15
CA GLY C 209 0.88 -23.56 45.03
C GLY C 209 0.66 -24.51 43.87
N THR C 210 -0.44 -24.33 43.14
CA THR C 210 -0.84 -25.30 42.13
C THR C 210 -0.46 -24.87 40.72
N TYR C 211 -0.69 -25.76 39.74
CA TYR C 211 -0.41 -25.43 38.35
C TYR C 211 -1.32 -26.18 37.39
N VAL C 212 -1.40 -25.66 36.16
CA VAL C 212 -2.12 -26.32 35.08
C VAL C 212 -1.13 -26.49 33.92
N SER C 213 -0.75 -27.72 33.61
CA SER C 213 0.15 -28.01 32.49
C SER C 213 -0.58 -28.70 31.36
N VAL C 214 -0.38 -28.22 30.14
CA VAL C 214 -0.93 -28.84 28.95
C VAL C 214 0.20 -29.02 27.93
N GLY C 215 0.32 -30.22 27.39
CA GLY C 215 1.38 -30.53 26.46
C GLY C 215 0.96 -31.42 25.31
N THR C 216 1.39 -31.04 24.12
CA THR C 216 1.24 -31.87 22.94
C THR C 216 2.65 -32.03 22.41
N SER C 217 2.82 -32.51 21.19
CA SER C 217 4.18 -32.66 20.67
C SER C 217 4.72 -31.34 20.10
N THR C 218 3.89 -30.31 20.05
CA THR C 218 4.36 -28.98 19.66
C THR C 218 4.11 -27.91 20.73
N LEU C 219 3.10 -28.12 21.56
CA LEU C 219 2.75 -27.11 22.56
C LEU C 219 3.12 -27.53 23.97
N ASN C 220 3.78 -26.63 24.66
CA ASN C 220 4.11 -26.78 26.07
C ASN C 220 3.66 -25.56 26.86
N LYS C 221 2.52 -25.64 27.55
CA LYS C 221 2.03 -24.48 28.26
C LYS C 221 1.70 -24.74 29.73
N ARG C 222 2.19 -23.86 30.60
CA ARG C 222 1.82 -23.93 32.02
C ARG C 222 1.23 -22.61 32.55
N SER C 223 0.17 -22.74 33.34
CA SER C 223 -0.45 -21.60 34.00
C SER C 223 -0.46 -21.81 35.51
N ILE C 224 -0.23 -20.75 36.27
CA ILE C 224 -0.41 -20.81 37.71
C ILE C 224 -1.50 -19.85 38.14
N PRO C 225 -2.15 -20.12 39.28
CA PRO C 225 -3.19 -19.22 39.77
C PRO C 225 -2.62 -17.85 40.08
N GLU C 226 -3.30 -16.80 39.64
CA GLU C 226 -2.92 -15.44 40.01
C GLU C 226 -4.04 -14.83 40.86
N ILE C 227 -3.89 -14.95 42.18
CA ILE C 227 -4.89 -14.41 43.11
C ILE C 227 -4.75 -12.91 43.36
N ALA C 228 -5.86 -12.20 43.22
CA ALA C 228 -5.90 -10.77 43.49
C ALA C 228 -7.30 -10.39 43.97
N THR C 229 -7.39 -9.31 44.74
CA THR C 229 -8.69 -8.77 45.14
C THR C 229 -9.31 -8.03 43.96
N ARG C 230 -10.54 -8.39 43.62
CA ARG C 230 -11.16 -7.93 42.39
C ARG C 230 -12.63 -7.61 42.59
N PRO C 231 -13.14 -6.61 41.84
CA PRO C 231 -14.56 -6.27 41.89
C PRO C 231 -15.41 -7.38 41.26
N LYS C 232 -16.65 -7.48 41.68
CA LYS C 232 -17.56 -8.46 41.10
C LYS C 232 -17.95 -8.09 39.68
N VAL C 233 -17.77 -9.05 38.78
CA VAL C 233 -18.30 -8.99 37.42
C VAL C 233 -19.26 -10.15 37.31
N ASN C 234 -20.48 -9.87 36.82
CA ASN C 234 -21.56 -10.85 36.85
C ASN C 234 -21.73 -11.48 38.22
N GLY C 235 -21.42 -10.71 39.26
CA GLY C 235 -21.60 -11.17 40.63
C GLY C 235 -20.41 -11.89 41.25
N GLN C 236 -19.35 -12.07 40.46
CA GLN C 236 -18.23 -12.90 40.90
C GLN C 236 -16.89 -12.15 40.93
N GLY C 237 -16.10 -12.38 41.97
CA GLY C 237 -14.78 -11.79 42.09
C GLY C 237 -13.72 -12.63 41.40
N GLY C 238 -14.00 -13.92 41.23
CA GLY C 238 -13.05 -14.85 40.64
C GLY C 238 -12.96 -14.65 39.14
N ARG C 239 -11.93 -15.21 38.52
CA ARG C 239 -11.78 -15.13 37.06
C ARG C 239 -11.36 -16.46 36.50
N MET C 240 -11.69 -16.68 35.23
CA MET C 240 -11.19 -17.84 34.51
C MET C 240 -10.44 -17.38 33.26
N GLU C 241 -9.28 -18.02 33.04
CA GLU C 241 -8.41 -17.69 31.93
C GLU C 241 -8.34 -18.90 30.99
N PHE C 242 -8.83 -18.71 29.77
CA PHE C 242 -8.90 -19.80 28.82
C PHE C 242 -7.79 -19.72 27.79
N SER C 243 -7.31 -20.89 27.37
CA SER C 243 -6.27 -21.01 26.35
C SER C 243 -6.71 -22.07 25.35
N TRP C 244 -6.00 -22.17 24.23
CA TRP C 244 -6.40 -23.08 23.17
C TRP C 244 -5.21 -23.59 22.35
N THR C 245 -5.40 -24.74 21.72
CA THR C 245 -4.40 -25.30 20.82
C THR C 245 -5.07 -26.09 19.71
N LEU C 246 -4.32 -26.30 18.64
CA LEU C 246 -4.80 -27.07 17.51
C LEU C 246 -4.05 -28.40 17.54
N LEU C 247 -4.74 -29.46 17.91
CA LEU C 247 -4.11 -30.76 18.05
C LEU C 247 -4.06 -31.49 16.70
N GLU C 248 -2.85 -31.77 16.22
CA GLU C 248 -2.70 -32.50 14.97
C GLU C 248 -3.24 -33.92 15.07
N THR C 249 -3.55 -34.50 13.92
CA THR C 249 -3.98 -35.89 13.83
C THR C 249 -2.92 -36.82 14.38
N TRP C 250 -3.35 -37.79 15.19
CA TRP C 250 -2.48 -38.82 15.72
C TRP C 250 -1.53 -38.31 16.80
N ASP C 251 -1.67 -37.05 17.18
CA ASP C 251 -0.91 -36.51 18.31
C ASP C 251 -1.74 -36.67 19.58
N VAL C 252 -1.06 -36.63 20.73
CA VAL C 252 -1.74 -36.71 22.02
C VAL C 252 -1.72 -35.35 22.72
N ILE C 253 -2.75 -35.06 23.51
CA ILE C 253 -2.70 -33.91 24.41
C ILE C 253 -2.72 -34.39 25.86
N ASN C 254 -1.72 -33.96 26.63
CA ASN C 254 -1.64 -34.29 28.05
C ASN C 254 -2.05 -33.11 28.95
N PHE C 255 -3.11 -33.33 29.74
CA PHE C 255 -3.45 -32.42 30.83
C PHE C 255 -2.87 -32.95 32.12
N GLU C 256 -2.13 -32.09 32.83
CA GLU C 256 -1.61 -32.44 34.14
C GLU C 256 -1.72 -31.25 35.09
N SER C 257 -2.47 -31.40 36.17
CA SER C 257 -2.72 -30.28 37.09
C SER C 257 -2.86 -30.70 38.55
N THR C 258 -2.24 -29.92 39.43
CA THR C 258 -2.38 -30.11 40.87
C THR C 258 -3.51 -29.26 41.46
N GLY C 259 -4.29 -28.61 40.60
CA GLY C 259 -5.35 -27.71 41.03
C GLY C 259 -5.66 -26.61 40.03
N ASN C 260 -6.93 -26.22 39.96
CA ASN C 260 -7.36 -25.02 39.20
C ASN C 260 -7.74 -25.24 37.74
N LEU C 261 -7.57 -26.46 37.25
CA LEU C 261 -7.88 -26.79 35.86
C LEU C 261 -9.36 -26.70 35.55
N ILE C 262 -9.70 -25.98 34.50
CA ILE C 262 -11.04 -26.01 33.94
C ILE C 262 -10.94 -26.84 32.66
N ALA C 263 -11.45 -28.07 32.72
CA ALA C 263 -11.15 -29.05 31.69
C ALA C 263 -12.19 -29.07 30.59
N PRO C 264 -11.75 -29.35 29.36
CA PRO C 264 -12.67 -29.54 28.23
C PRO C 264 -13.29 -30.92 28.33
N GLU C 265 -14.54 -31.08 27.90
CA GLU C 265 -15.11 -32.40 27.73
C GLU C 265 -15.22 -32.70 26.24
N TYR C 266 -15.35 -31.65 25.45
CA TYR C 266 -15.43 -31.79 23.99
C TYR C 266 -14.26 -31.12 23.26
N GLY C 267 -14.06 -31.52 22.01
CA GLY C 267 -13.13 -30.86 21.10
C GLY C 267 -13.84 -30.59 19.78
N PHE C 268 -13.19 -29.85 18.89
CA PHE C 268 -13.81 -29.55 17.61
C PHE C 268 -12.93 -29.98 16.45
N LYS C 269 -13.40 -30.98 15.71
CA LYS C 269 -12.77 -31.38 14.46
C LYS C 269 -12.92 -30.23 13.49
N ILE C 270 -11.85 -29.88 12.80
CA ILE C 270 -11.89 -28.73 11.92
C ILE C 270 -10.99 -28.91 10.69
N SER C 271 -11.61 -28.82 9.52
CA SER C 271 -10.86 -28.79 8.27
C SER C 271 -10.97 -27.40 7.65
N LYS C 272 -9.83 -26.80 7.37
CA LYS C 272 -9.80 -25.41 6.95
C LYS C 272 -9.42 -25.35 5.48
N ARG C 273 -10.17 -24.59 4.71
CA ARG C 273 -9.83 -24.42 3.31
C ARG C 273 -9.01 -23.16 3.11
N GLY C 274 -9.57 -22.02 3.49
CA GLY C 274 -8.86 -20.76 3.47
C GLY C 274 -9.25 -19.90 4.66
N SER C 275 -9.02 -18.61 4.55
CA SER C 275 -9.35 -17.69 5.63
C SER C 275 -10.42 -16.69 5.17
N SER C 276 -11.27 -16.26 6.10
CA SER C 276 -12.37 -15.37 5.77
C SER C 276 -12.35 -14.26 6.78
N GLY C 277 -13.51 -13.92 7.33
CA GLY C 277 -13.58 -12.89 8.36
C GLY C 277 -14.90 -12.83 9.10
N ILE C 278 -14.99 -11.95 10.08
CA ILE C 278 -16.23 -11.76 10.80
C ILE C 278 -16.91 -10.53 10.25
N MET C 279 -18.22 -10.57 10.12
CA MET C 279 -18.97 -9.42 9.70
C MET C 279 -19.93 -8.98 10.80
N LYS C 280 -19.87 -7.70 11.17
CA LYS C 280 -20.79 -7.15 12.15
C LYS C 280 -22.02 -6.58 11.45
N THR C 281 -23.17 -7.19 11.72
CA THR C 281 -24.43 -6.74 11.14
C THR C 281 -25.60 -7.28 11.96
N GLU C 282 -26.77 -6.66 11.81
CA GLU C 282 -27.96 -7.10 12.50
C GLU C 282 -28.75 -8.07 11.64
N LYS C 283 -28.39 -8.15 10.37
CA LYS C 283 -29.16 -8.92 9.40
C LYS C 283 -29.10 -10.42 9.63
N THR C 284 -30.05 -11.13 9.05
CA THR C 284 -30.08 -12.59 9.11
C THR C 284 -30.11 -13.17 7.69
N LEU C 285 -29.58 -14.39 7.55
CA LEU C 285 -29.49 -15.03 6.24
C LEU C 285 -30.85 -15.13 5.55
N GLU C 286 -30.97 -14.59 4.34
CA GLU C 286 -32.27 -14.53 3.67
C GLU C 286 -32.44 -15.47 2.48
N ASN C 287 -31.40 -16.22 2.15
CA ASN C 287 -31.48 -17.22 1.08
C ASN C 287 -31.30 -16.63 -0.31
N CYS C 288 -30.10 -16.09 -0.54
CA CYS C 288 -29.71 -15.66 -1.87
C CYS C 288 -28.25 -15.99 -2.05
N GLU C 289 -27.78 -15.93 -3.29
CA GLU C 289 -26.39 -16.21 -3.57
C GLU C 289 -25.64 -14.91 -3.85
N THR C 290 -24.36 -14.89 -3.50
CA THR C 290 -23.52 -13.74 -3.80
C THR C 290 -22.04 -14.14 -3.98
N LYS C 291 -21.26 -13.26 -4.59
CA LYS C 291 -19.81 -13.44 -4.60
C LYS C 291 -19.17 -12.35 -3.73
N CYS C 292 -20.00 -11.40 -3.31
CA CYS C 292 -19.50 -10.27 -2.54
C CYS C 292 -20.55 -9.78 -1.55
N GLN C 293 -20.23 -9.89 -0.26
CA GLN C 293 -21.17 -9.50 0.78
C GLN C 293 -20.69 -8.25 1.52
N THR C 294 -21.60 -7.34 1.81
CA THR C 294 -21.31 -6.23 2.72
C THR C 294 -22.34 -6.20 3.85
N PRO C 295 -22.04 -5.48 4.94
CA PRO C 295 -22.95 -5.45 6.09
C PRO C 295 -24.31 -4.79 5.79
N LEU C 296 -24.44 -4.19 4.62
CA LEU C 296 -25.70 -3.57 4.23
C LEU C 296 -26.45 -4.48 3.26
N GLY C 297 -25.71 -5.35 2.60
CA GLY C 297 -26.29 -6.24 1.60
C GLY C 297 -25.24 -6.66 0.60
N ALA C 298 -25.62 -7.54 -0.32
CA ALA C 298 -24.69 -8.10 -1.30
C ALA C 298 -24.57 -7.29 -2.59
N ILE C 299 -23.50 -7.55 -3.34
CA ILE C 299 -23.22 -6.80 -4.55
C ILE C 299 -23.13 -7.72 -5.76
N ASN C 300 -24.01 -7.52 -6.73
CA ASN C 300 -23.99 -8.29 -7.96
C ASN C 300 -23.68 -7.38 -9.14
N THR C 301 -22.40 -7.30 -9.50
CA THR C 301 -21.94 -6.27 -10.42
C THR C 301 -20.68 -6.65 -11.19
N THR C 302 -20.49 -6.03 -12.34
CA THR C 302 -19.29 -6.27 -13.14
C THR C 302 -18.37 -5.04 -13.16
N LEU C 303 -18.82 -3.96 -12.52
CA LEU C 303 -18.05 -2.71 -12.48
C LEU C 303 -16.82 -2.87 -11.59
N PRO C 304 -15.76 -2.10 -11.87
CA PRO C 304 -14.49 -2.21 -11.15
C PRO C 304 -14.46 -1.46 -9.80
N PHE C 305 -15.43 -0.59 -9.55
CA PHE C 305 -15.42 0.20 -8.33
C PHE C 305 -16.77 0.16 -7.64
N HIS C 306 -16.80 0.43 -6.34
CA HIS C 306 -18.06 0.60 -5.63
C HIS C 306 -17.85 1.53 -4.46
N ASN C 307 -18.94 2.07 -3.92
CA ASN C 307 -18.85 2.93 -2.74
C ASN C 307 -19.86 2.54 -1.67
N ILE C 308 -20.26 1.28 -1.65
CA ILE C 308 -21.28 0.86 -0.70
C ILE C 308 -20.79 0.84 0.75
N HIS C 309 -19.65 0.20 0.99
CA HIS C 309 -19.18 0.01 2.35
C HIS C 309 -17.78 -0.59 2.31
N PRO C 310 -16.89 -0.14 3.19
CA PRO C 310 -15.49 -0.59 3.17
C PRO C 310 -15.33 -2.06 3.59
N LEU C 311 -16.13 -2.51 4.54
CA LEU C 311 -15.94 -3.84 5.11
C LEU C 311 -16.69 -4.91 4.34
N THR C 312 -16.08 -5.41 3.28
CA THR C 312 -16.69 -6.41 2.43
C THR C 312 -16.02 -7.77 2.60
N ILE C 313 -16.74 -8.82 2.23
CA ILE C 313 -16.19 -10.16 2.20
C ILE C 313 -16.55 -10.81 0.88
N GLY C 314 -15.54 -11.30 0.17
CA GLY C 314 -15.75 -11.96 -1.11
C GLY C 314 -14.84 -11.41 -2.19
N GLU C 315 -15.29 -11.53 -3.44
CA GLU C 315 -14.54 -11.04 -4.59
C GLU C 315 -15.17 -9.74 -5.04
N CYS C 316 -14.61 -8.63 -4.57
CA CYS C 316 -15.29 -7.35 -4.64
C CYS C 316 -14.58 -6.31 -5.49
N PRO C 317 -15.34 -5.36 -6.04
CA PRO C 317 -14.79 -4.19 -6.74
C PRO C 317 -13.94 -3.36 -5.77
N LYS C 318 -13.05 -2.51 -6.28
CA LYS C 318 -12.29 -1.63 -5.42
C LYS C 318 -13.22 -0.60 -4.80
N TYR C 319 -13.05 -0.37 -3.50
CA TYR C 319 -13.87 0.59 -2.79
C TYR C 319 -13.28 1.98 -2.93
N VAL C 320 -14.07 2.93 -3.40
CA VAL C 320 -13.57 4.29 -3.57
C VAL C 320 -14.41 5.34 -2.84
N LYS C 321 -13.81 6.49 -2.56
CA LYS C 321 -14.48 7.58 -1.84
C LYS C 321 -15.46 8.34 -2.73
N SER C 322 -15.61 7.91 -3.97
CA SER C 322 -16.33 8.67 -4.98
C SER C 322 -17.85 8.55 -4.95
N ASP C 323 -18.52 9.62 -5.39
CA ASP C 323 -19.96 9.65 -5.53
C ASP C 323 -20.39 9.25 -6.93
N ARG C 324 -19.47 9.33 -7.86
CA ARG C 324 -19.81 9.27 -9.28
C ARG C 324 -18.57 9.07 -10.15
N LEU C 325 -18.60 8.03 -10.98
CA LEU C 325 -17.55 7.79 -11.97
C LEU C 325 -18.24 7.48 -13.29
N VAL C 326 -18.50 8.51 -14.08
CA VAL C 326 -19.24 8.35 -15.33
C VAL C 326 -18.36 8.50 -16.55
N LEU C 327 -18.23 7.41 -17.29
CA LEU C 327 -17.43 7.34 -18.51
C LEU C 327 -18.29 7.77 -19.69
N ALA C 328 -17.79 8.66 -20.54
CA ALA C 328 -18.52 9.05 -21.74
C ALA C 328 -18.32 7.98 -22.80
N THR C 329 -19.40 7.60 -23.46
CA THR C 329 -19.28 6.66 -24.56
C THR C 329 -19.70 7.32 -25.86
N GLY C 330 -20.83 8.04 -25.82
CA GLY C 330 -21.32 8.79 -26.96
C GLY C 330 -20.51 10.06 -27.18
N LEU C 331 -20.94 10.90 -28.12
CA LEU C 331 -20.23 12.15 -28.39
C LEU C 331 -20.92 13.30 -27.67
N ARG C 332 -20.30 14.46 -27.64
CA ARG C 332 -20.93 15.65 -27.09
C ARG C 332 -22.32 15.88 -27.73
N ASN C 333 -23.35 16.00 -26.90
CA ASN C 333 -24.70 16.20 -27.41
C ASN C 333 -24.95 17.67 -27.75
N VAL C 334 -25.12 17.95 -29.04
CA VAL C 334 -25.28 19.32 -29.51
C VAL C 334 -26.51 19.48 -30.41
N PRO C 335 -27.71 19.26 -29.86
CA PRO C 335 -28.91 19.38 -30.70
C PRO C 335 -29.06 20.77 -31.30
N GLY C 341 -13.54 20.77 -29.37
CA GLY C 341 -12.65 19.63 -29.43
C GLY C 341 -11.32 19.93 -30.13
N LEU C 342 -10.40 18.97 -30.07
CA LEU C 342 -9.06 19.16 -30.64
C LEU C 342 -9.08 19.28 -32.16
N PHE C 343 -10.06 18.66 -32.81
CA PHE C 343 -10.05 18.57 -34.26
C PHE C 343 -10.99 19.55 -34.97
N GLY C 344 -11.78 20.28 -34.18
CA GLY C 344 -12.53 21.42 -34.67
C GLY C 344 -13.82 21.19 -35.42
N ALA C 345 -14.36 19.99 -35.37
CA ALA C 345 -15.61 19.70 -36.09
C ALA C 345 -16.83 19.74 -35.16
N ILE C 346 -16.88 18.83 -34.20
CA ILE C 346 -18.01 18.81 -33.28
C ILE C 346 -18.08 20.12 -32.47
N ALA C 347 -19.24 20.78 -32.55
CA ALA C 347 -19.40 22.13 -31.99
C ALA C 347 -18.34 23.08 -32.54
N GLY C 348 -17.75 22.71 -33.68
CA GLY C 348 -16.77 23.54 -34.35
C GLY C 348 -17.36 24.14 -35.62
N PHE C 349 -16.76 23.82 -36.76
CA PHE C 349 -17.27 24.35 -38.02
C PHE C 349 -18.56 23.65 -38.43
N ILE C 350 -18.84 22.51 -37.82
CA ILE C 350 -20.15 21.89 -37.95
C ILE C 350 -20.91 22.16 -36.65
N GLU C 351 -21.71 23.23 -36.63
CA GLU C 351 -22.24 23.82 -35.40
C GLU C 351 -23.06 22.93 -34.46
N GLY C 352 -23.78 21.95 -35.02
CA GLY C 352 -24.73 21.18 -34.24
C GLY C 352 -24.99 19.78 -34.72
N GLY C 353 -25.67 19.00 -33.88
CA GLY C 353 -25.99 17.61 -34.18
C GLY C 353 -27.24 17.47 -35.04
N TRP C 354 -27.53 16.23 -35.41
CA TRP C 354 -28.73 15.94 -36.20
C TRP C 354 -29.63 14.98 -35.45
N GLN C 355 -30.68 15.50 -34.85
CA GLN C 355 -31.69 14.64 -34.21
C GLN C 355 -32.14 13.55 -35.19
N GLY C 356 -32.22 13.90 -36.46
CA GLY C 356 -32.82 13.03 -37.47
C GLY C 356 -32.08 11.75 -37.83
N MET C 357 -30.76 11.75 -37.69
CA MET C 357 -29.97 10.58 -38.07
C MET C 357 -29.84 9.55 -36.95
N VAL C 358 -30.56 8.45 -37.09
CA VAL C 358 -30.72 7.49 -36.00
C VAL C 358 -29.83 6.25 -36.11
N ASP C 359 -29.33 5.97 -37.31
CA ASP C 359 -28.64 4.71 -37.55
C ASP C 359 -27.13 4.74 -37.31
N GLY C 360 -26.60 5.86 -36.85
CA GLY C 360 -25.17 5.94 -36.59
C GLY C 360 -24.72 7.21 -35.90
N TRP C 361 -23.44 7.24 -35.52
CA TRP C 361 -22.87 8.40 -34.86
C TRP C 361 -22.52 9.47 -35.88
N TYR C 362 -22.05 9.03 -37.04
CA TYR C 362 -21.59 9.94 -38.09
C TYR C 362 -22.32 9.60 -39.38
N GLY C 363 -22.46 10.60 -40.26
CA GLY C 363 -23.19 10.41 -41.49
C GLY C 363 -23.37 11.64 -42.38
N TYR C 364 -24.30 11.52 -43.31
CA TYR C 364 -24.46 12.53 -44.35
C TYR C 364 -25.90 12.98 -44.49
N HIS C 365 -26.08 14.23 -44.88
CA HIS C 365 -27.36 14.69 -45.39
C HIS C 365 -27.16 15.17 -46.81
N HIS C 366 -27.97 14.65 -47.73
CA HIS C 366 -27.81 14.99 -49.13
C HIS C 366 -29.03 15.75 -49.63
N SER C 367 -28.88 16.51 -50.70
CA SER C 367 -29.98 17.24 -51.29
C SER C 367 -29.91 17.19 -52.82
N ASN C 368 -30.95 16.62 -53.42
CA ASN C 368 -30.98 16.35 -54.85
C ASN C 368 -32.21 16.94 -55.50
N ASP C 369 -32.38 16.66 -56.79
CA ASP C 369 -33.65 16.88 -57.45
C ASP C 369 -34.59 15.76 -57.03
N GLN C 370 -33.99 14.66 -56.59
CA GLN C 370 -34.73 13.49 -56.16
C GLN C 370 -35.20 13.54 -54.70
N GLY C 371 -34.57 14.36 -53.88
CA GLY C 371 -35.01 14.52 -52.49
C GLY C 371 -33.92 14.70 -51.43
N SER C 372 -34.26 14.34 -50.19
CA SER C 372 -33.37 14.43 -49.02
C SER C 372 -33.79 13.30 -48.06
N GLY C 373 -32.90 12.87 -47.15
CA GLY C 373 -31.58 13.43 -46.98
C GLY C 373 -30.58 12.75 -46.04
N TYR C 374 -31.03 11.98 -45.03
CA TYR C 374 -30.08 11.40 -44.05
C TYR C 374 -29.59 9.99 -44.38
N ALA C 375 -28.32 9.73 -44.08
CA ALA C 375 -27.74 8.39 -44.23
C ALA C 375 -26.51 8.19 -43.33
N ALA C 376 -26.61 7.27 -42.38
CA ALA C 376 -25.50 6.98 -41.48
C ALA C 376 -24.32 6.36 -42.21
N ASP C 377 -23.12 6.62 -41.71
CA ASP C 377 -21.93 5.97 -42.24
C ASP C 377 -21.62 4.79 -41.35
N LYS C 378 -22.03 3.59 -41.77
CA LYS C 378 -21.89 2.41 -40.92
C LYS C 378 -20.43 2.01 -40.69
N GLU C 379 -19.55 2.40 -41.60
CA GLU C 379 -18.13 2.06 -41.48
C GLU C 379 -17.45 2.80 -40.32
N SER C 380 -17.45 4.14 -40.38
CA SER C 380 -16.81 4.93 -39.33
C SER C 380 -17.56 4.84 -38.00
N THR C 381 -18.85 4.55 -38.05
CA THR C 381 -19.62 4.34 -36.83
C THR C 381 -19.20 3.04 -36.16
N GLN C 382 -19.10 1.97 -36.94
CA GLN C 382 -18.73 0.68 -36.41
C GLN C 382 -17.33 0.72 -35.83
N LYS C 383 -16.41 1.31 -36.57
CA LYS C 383 -15.03 1.48 -36.10
C LYS C 383 -15.02 2.20 -34.75
N ALA C 384 -15.72 3.33 -34.67
CA ALA C 384 -15.87 4.08 -33.43
C ALA C 384 -16.42 3.23 -32.30
N PHE C 385 -17.53 2.52 -32.57
CA PHE C 385 -18.17 1.70 -31.54
C PHE C 385 -17.24 0.60 -31.04
N ASP C 386 -16.52 -0.05 -31.94
CA ASP C 386 -15.55 -1.07 -31.55
C ASP C 386 -14.46 -0.45 -30.66
N GLY C 387 -14.00 0.73 -31.07
CA GLY C 387 -13.02 1.47 -30.29
C GLY C 387 -13.50 1.73 -28.88
N ILE C 388 -14.65 2.36 -28.75
CA ILE C 388 -15.17 2.67 -27.43
C ILE C 388 -15.49 1.43 -26.61
N THR C 389 -15.92 0.37 -27.27
CA THR C 389 -16.13 -0.91 -26.59
C THR C 389 -14.84 -1.44 -25.98
N ASN C 390 -13.74 -1.33 -26.73
CA ASN C 390 -12.44 -1.73 -26.21
C ASN C 390 -11.98 -0.88 -25.03
N LYS C 391 -12.26 0.41 -25.09
CA LYS C 391 -11.88 1.33 -24.02
C LYS C 391 -12.60 0.94 -22.73
N VAL C 392 -13.91 0.75 -22.82
CA VAL C 392 -14.72 0.46 -21.65
C VAL C 392 -14.24 -0.81 -20.94
N ASN C 393 -14.08 -1.91 -21.68
CA ASN C 393 -13.67 -3.15 -21.02
C ASN C 393 -12.16 -3.32 -20.76
N SER C 394 -11.36 -2.44 -21.33
CA SER C 394 -9.99 -2.30 -20.88
C SER C 394 -10.00 -1.75 -19.47
N VAL C 395 -10.81 -0.72 -19.26
CA VAL C 395 -10.94 -0.13 -17.93
C VAL C 395 -11.49 -1.15 -16.95
N ILE C 396 -12.60 -1.78 -17.32
CA ILE C 396 -13.30 -2.69 -16.43
C ILE C 396 -12.57 -4.01 -16.18
N GLU C 397 -12.03 -4.60 -17.24
CA GLU C 397 -11.52 -5.97 -17.15
C GLU C 397 -10.07 -6.15 -16.69
N LYS C 398 -9.29 -5.07 -16.69
CA LYS C 398 -7.90 -5.15 -16.24
C LYS C 398 -7.83 -5.17 -14.72
N MET C 399 -8.98 -5.05 -14.08
CA MET C 399 -9.07 -4.98 -12.62
C MET C 399 -9.09 -6.36 -11.98
N ASN C 400 -8.23 -6.57 -11.00
CA ASN C 400 -8.14 -7.84 -10.28
C ASN C 400 -9.19 -7.95 -9.17
N THR C 401 -9.64 -9.16 -8.88
CA THR C 401 -10.72 -9.36 -7.92
C THR C 401 -10.58 -10.67 -7.14
N GLN C 402 -9.49 -10.80 -6.39
CA GLN C 402 -9.29 -12.00 -5.57
C GLN C 402 -10.01 -11.89 -4.23
N PHE C 403 -10.40 -13.05 -3.70
CA PHE C 403 -11.16 -13.11 -2.46
C PHE C 403 -10.49 -12.28 -1.36
N GLU C 404 -11.28 -11.52 -0.63
CA GLU C 404 -10.77 -10.72 0.49
C GLU C 404 -11.81 -10.52 1.58
N ALA C 405 -11.34 -10.48 2.83
CA ALA C 405 -12.17 -10.11 3.97
C ALA C 405 -11.54 -8.90 4.65
N VAL C 406 -12.19 -7.75 4.55
CA VAL C 406 -11.57 -6.49 4.98
C VAL C 406 -11.52 -6.30 6.50
N GLY C 407 -12.63 -6.51 7.18
CA GLY C 407 -12.67 -6.32 8.62
C GLY C 407 -11.80 -7.32 9.39
N LYS C 408 -11.06 -6.82 10.38
CA LYS C 408 -10.17 -7.66 11.17
C LYS C 408 -10.32 -7.42 12.68
N GLU C 409 -9.78 -8.32 13.49
CA GLU C 409 -9.95 -8.25 14.93
C GLU C 409 -8.63 -7.97 15.66
N PHE C 410 -8.66 -7.01 16.58
CA PHE C 410 -7.50 -6.69 17.39
C PHE C 410 -7.89 -6.45 18.85
N SER C 411 -7.12 -7.01 19.79
CA SER C 411 -7.36 -6.81 21.22
C SER C 411 -6.97 -5.38 21.59
N ASN C 412 -7.39 -4.90 22.75
CA ASN C 412 -7.14 -3.51 23.06
C ASN C 412 -5.69 -3.18 23.43
N LEU C 413 -4.83 -4.21 23.42
CA LEU C 413 -3.39 -4.01 23.53
C LEU C 413 -2.69 -4.19 22.17
N GLU C 414 -3.45 -4.09 21.09
CA GLU C 414 -2.89 -4.12 19.75
C GLU C 414 -3.35 -2.90 18.96
N ARG C 415 -3.45 -1.76 19.63
CA ARG C 415 -3.87 -0.53 18.98
C ARG C 415 -2.92 -0.09 17.86
N ARG C 416 -1.62 -0.29 18.06
CA ARG C 416 -0.64 0.11 17.05
C ARG C 416 -0.84 -0.71 15.79
N LEU C 417 -0.99 -2.02 16.00
CA LEU C 417 -1.26 -2.96 14.92
C LEU C 417 -2.56 -2.62 14.16
N GLU C 418 -3.60 -2.24 14.90
CA GLU C 418 -4.89 -1.87 14.30
C GLU C 418 -4.74 -0.57 13.50
N ASN C 419 -3.90 0.32 14.00
CA ASN C 419 -3.60 1.57 13.29
C ASN C 419 -2.80 1.32 12.00
N LEU C 420 -1.82 0.44 12.06
CA LEU C 420 -1.07 0.01 10.89
C LEU C 420 -2.02 -0.51 9.81
N ASN C 421 -3.00 -1.31 10.22
CA ASN C 421 -4.00 -1.84 9.30
C ASN C 421 -4.87 -0.75 8.66
N LYS C 422 -5.30 0.22 9.48
CA LYS C 422 -6.13 1.32 9.01
C LYS C 422 -5.34 2.21 8.06
N LYS C 423 -4.09 2.43 8.39
CA LYS C 423 -3.20 3.22 7.58
C LYS C 423 -3.09 2.59 6.19
N MET C 424 -2.97 1.27 6.17
CA MET C 424 -2.88 0.55 4.92
C MET C 424 -4.17 0.65 4.09
N GLU C 425 -5.31 0.44 4.74
CA GLU C 425 -6.59 0.52 4.04
C GLU C 425 -6.82 1.93 3.51
N ASP C 426 -6.45 2.92 4.31
CA ASP C 426 -6.57 4.32 3.93
C ASP C 426 -5.63 4.68 2.79
N GLY C 427 -4.45 4.08 2.78
CA GLY C 427 -3.49 4.29 1.71
C GLY C 427 -4.01 3.82 0.36
N PHE C 428 -4.58 2.63 0.32
CA PHE C 428 -5.13 2.08 -0.93
C PHE C 428 -6.42 2.78 -1.34
N LEU C 429 -7.21 3.19 -0.35
CA LEU C 429 -8.40 3.95 -0.62
C LEU C 429 -8.01 5.23 -1.35
N ASP C 430 -6.98 5.90 -0.87
CA ASP C 430 -6.50 7.14 -1.49
C ASP C 430 -5.95 6.93 -2.91
N VAL C 431 -5.14 5.90 -3.08
CA VAL C 431 -4.57 5.60 -4.39
C VAL C 431 -5.67 5.29 -5.39
N TRP C 432 -6.60 4.41 -5.01
CA TRP C 432 -7.65 3.99 -5.94
C TRP C 432 -8.62 5.11 -6.25
N THR C 433 -9.02 5.86 -5.24
CA THR C 433 -9.96 6.95 -5.42
C THR C 433 -9.39 8.00 -6.36
N TYR C 434 -8.17 8.43 -6.10
CA TYR C 434 -7.52 9.43 -6.95
C TYR C 434 -7.39 8.93 -8.38
N ASN C 435 -6.86 7.73 -8.55
CA ASN C 435 -6.55 7.22 -9.88
C ASN C 435 -7.81 6.91 -10.70
N ALA C 436 -8.91 6.61 -10.02
CA ALA C 436 -10.16 6.35 -10.71
C ALA C 436 -10.80 7.66 -11.18
N GLU C 437 -10.81 8.67 -10.32
CA GLU C 437 -11.32 9.98 -10.69
C GLU C 437 -10.54 10.51 -11.88
N LEU C 438 -9.22 10.47 -11.79
CA LEU C 438 -8.36 10.99 -12.86
C LEU C 438 -8.39 10.17 -14.16
N LEU C 439 -8.61 8.87 -14.05
CA LEU C 439 -8.77 8.03 -15.23
C LEU C 439 -10.01 8.45 -16.02
N VAL C 440 -11.10 8.68 -15.30
CA VAL C 440 -12.35 9.04 -15.95
C VAL C 440 -12.24 10.40 -16.65
N LEU C 441 -11.69 11.38 -15.95
CA LEU C 441 -11.48 12.70 -16.54
C LEU C 441 -10.61 12.64 -17.80
N MET C 442 -9.46 11.99 -17.69
CA MET C 442 -8.53 11.90 -18.81
C MET C 442 -9.16 11.19 -20.01
N GLU C 443 -9.76 10.03 -19.77
CA GLU C 443 -10.31 9.23 -20.86
C GLU C 443 -11.56 9.83 -21.48
N ASN C 444 -12.29 10.60 -20.69
CA ASN C 444 -13.46 11.30 -21.21
C ASN C 444 -13.07 12.38 -22.21
N GLU C 445 -11.97 13.08 -21.94
CA GLU C 445 -11.50 14.11 -22.86
C GLU C 445 -11.03 13.46 -24.16
N ARG C 446 -10.39 12.30 -24.06
CA ARG C 446 -9.93 11.57 -25.24
C ARG C 446 -11.06 10.97 -26.06
N THR C 447 -12.12 10.52 -25.40
CA THR C 447 -13.28 9.99 -26.08
C THR C 447 -14.00 11.07 -26.89
N LEU C 448 -14.12 12.27 -26.31
CA LEU C 448 -14.78 13.35 -27.01
C LEU C 448 -13.94 13.76 -28.22
N ASP C 449 -12.63 13.82 -28.02
CA ASP C 449 -11.69 14.13 -29.08
C ASP C 449 -11.67 13.04 -30.16
N PHE C 450 -11.87 11.80 -29.75
CA PHE C 450 -11.91 10.66 -30.68
C PHE C 450 -13.12 10.80 -31.62
N HIS C 451 -14.29 11.08 -31.05
CA HIS C 451 -15.47 11.36 -31.87
C HIS C 451 -15.23 12.56 -32.79
N ASP C 452 -14.63 13.62 -32.24
CA ASP C 452 -14.34 14.81 -33.03
C ASP C 452 -13.48 14.49 -34.25
N SER C 453 -12.47 13.66 -34.05
CA SER C 453 -11.57 13.21 -35.11
C SER C 453 -12.25 12.38 -36.19
N ASN C 454 -13.17 11.51 -35.78
CA ASN C 454 -13.91 10.68 -36.72
C ASN C 454 -14.77 11.53 -37.65
N VAL C 455 -15.36 12.58 -37.10
CA VAL C 455 -16.17 13.49 -37.89
C VAL C 455 -15.31 14.22 -38.92
N LYS C 456 -14.20 14.77 -38.44
CA LYS C 456 -13.25 15.49 -39.27
C LYS C 456 -12.72 14.61 -40.39
N ASN C 457 -12.33 13.38 -40.06
CA ASN C 457 -11.77 12.47 -41.05
C ASN C 457 -12.79 12.13 -42.14
N LEU C 458 -14.05 12.00 -41.74
CA LEU C 458 -15.11 11.68 -42.69
C LEU C 458 -15.33 12.86 -43.63
N TYR C 459 -15.34 14.06 -43.04
CA TYR C 459 -15.42 15.30 -43.81
C TYR C 459 -14.30 15.37 -44.84
N ASP C 460 -13.08 15.05 -44.42
CA ASP C 460 -11.93 15.09 -45.31
C ASP C 460 -11.98 14.00 -46.39
N LYS C 461 -12.53 12.83 -46.07
CA LYS C 461 -12.67 11.78 -47.08
C LYS C 461 -13.47 12.29 -48.27
N VAL C 462 -14.50 13.07 -47.98
CA VAL C 462 -15.40 13.60 -48.98
C VAL C 462 -14.71 14.71 -49.76
N ARG C 463 -14.17 15.68 -49.02
CA ARG C 463 -13.42 16.77 -49.62
C ARG C 463 -12.35 16.29 -50.59
N MET C 464 -11.52 15.33 -50.16
CA MET C 464 -10.43 14.83 -50.98
C MET C 464 -10.92 14.03 -52.18
N GLN C 465 -12.21 13.69 -52.17
CA GLN C 465 -12.84 12.98 -53.26
C GLN C 465 -13.43 13.93 -54.30
N LEU C 466 -13.93 15.06 -53.82
CA LEU C 466 -14.61 16.01 -54.68
C LEU C 466 -13.62 16.94 -55.40
N ARG C 467 -12.57 17.34 -54.70
CA ARG C 467 -11.55 18.21 -55.26
C ARG C 467 -12.16 19.47 -55.87
N ASP C 468 -12.07 19.59 -57.20
CA ASP C 468 -12.58 20.75 -57.91
C ASP C 468 -14.09 20.80 -58.08
N ASN C 469 -14.71 19.62 -58.15
CA ASN C 469 -16.10 19.52 -58.55
C ASN C 469 -17.10 20.02 -57.50
N VAL C 470 -16.63 20.69 -56.47
CA VAL C 470 -17.52 21.13 -55.40
C VAL C 470 -16.97 22.32 -54.61
N LYS C 471 -17.88 23.13 -54.08
CA LYS C 471 -17.49 24.22 -53.19
C LYS C 471 -17.50 23.78 -51.72
N GLU C 472 -16.46 24.15 -51.00
CA GLU C 472 -16.43 23.91 -49.57
C GLU C 472 -17.05 25.12 -48.89
N LEU C 473 -18.27 24.94 -48.38
CA LEU C 473 -19.03 26.05 -47.78
C LEU C 473 -18.53 26.47 -46.39
N GLY C 474 -18.08 25.51 -45.59
CA GLY C 474 -17.49 25.82 -44.29
C GLY C 474 -18.44 25.62 -43.11
N ASN C 475 -19.47 24.80 -43.31
CA ASN C 475 -20.45 24.52 -42.28
C ASN C 475 -20.74 23.02 -42.26
N GLY C 476 -19.89 22.28 -42.98
CA GLY C 476 -20.05 20.84 -43.12
C GLY C 476 -20.55 20.45 -44.48
N CYS C 477 -20.89 21.43 -45.30
CA CYS C 477 -21.55 21.19 -46.58
C CYS C 477 -20.68 21.35 -47.82
N PHE C 478 -21.01 20.55 -48.85
CA PHE C 478 -20.37 20.62 -50.15
C PHE C 478 -21.41 20.88 -51.24
N GLU C 479 -21.15 21.88 -52.07
CA GLU C 479 -22.09 22.30 -53.09
C GLU C 479 -21.53 21.95 -54.47
N PHE C 480 -22.11 20.93 -55.08
CA PHE C 480 -21.58 20.39 -56.34
C PHE C 480 -21.58 21.39 -57.49
N TYR C 481 -20.58 21.29 -58.36
CA TYR C 481 -20.55 22.05 -59.60
C TYR C 481 -21.19 21.26 -60.73
N HIS C 482 -21.88 20.18 -60.37
CA HIS C 482 -22.59 19.36 -61.35
C HIS C 482 -23.83 18.74 -60.73
N LYS C 483 -24.70 18.19 -61.57
CA LYS C 483 -25.87 17.48 -61.07
C LYS C 483 -25.43 16.14 -60.53
N CYS C 484 -25.60 15.94 -59.22
CA CYS C 484 -25.28 14.67 -58.60
C CYS C 484 -26.56 13.99 -58.16
N ASP C 485 -26.97 12.96 -58.89
CA ASP C 485 -28.20 12.25 -58.55
C ASP C 485 -27.95 11.27 -57.43
N ASP C 486 -28.90 10.37 -57.18
CA ASP C 486 -28.80 9.45 -56.06
C ASP C 486 -27.66 8.44 -56.20
N GLU C 487 -27.48 7.91 -57.40
CA GLU C 487 -26.38 6.99 -57.66
C GLU C 487 -25.04 7.65 -57.39
N CYS C 488 -24.93 8.90 -57.81
CA CYS C 488 -23.71 9.67 -57.60
C CYS C 488 -23.46 9.96 -56.12
N MET C 489 -24.51 10.31 -55.40
CA MET C 489 -24.42 10.53 -53.96
C MET C 489 -23.88 9.27 -53.28
N ASN C 490 -24.38 8.12 -53.71
CA ASN C 490 -23.98 6.85 -53.12
C ASN C 490 -22.50 6.55 -53.32
N SER C 491 -21.95 6.98 -54.45
CA SER C 491 -20.53 6.80 -54.71
C SER C 491 -19.69 7.72 -53.82
N VAL C 492 -20.25 8.86 -53.44
CA VAL C 492 -19.59 9.75 -52.49
C VAL C 492 -19.54 9.09 -51.12
N LYS C 493 -20.65 8.49 -50.70
CA LYS C 493 -20.74 7.84 -49.41
C LYS C 493 -19.89 6.55 -49.33
N ASN C 494 -19.86 5.78 -50.42
CA ASN C 494 -19.07 4.53 -50.45
C ASN C 494 -17.63 4.73 -50.95
N GLY C 495 -17.22 5.99 -51.08
CA GLY C 495 -15.86 6.34 -51.42
C GLY C 495 -15.36 5.88 -52.78
N THR C 496 -16.22 5.98 -53.79
CA THR C 496 -15.83 5.64 -55.15
C THR C 496 -16.21 6.73 -56.15
N TYR C 497 -16.49 7.93 -55.64
CA TYR C 497 -16.84 9.07 -56.48
C TYR C 497 -15.91 9.20 -57.69
N ASP C 498 -16.50 9.29 -58.87
CA ASP C 498 -15.73 9.40 -60.10
C ASP C 498 -15.47 10.88 -60.42
N TYR C 499 -14.28 11.35 -60.06
CA TYR C 499 -13.90 12.73 -60.33
C TYR C 499 -13.84 13.04 -61.83
N PRO C 500 -13.09 12.23 -62.61
CA PRO C 500 -12.90 12.49 -64.04
C PRO C 500 -14.21 12.61 -64.81
N LYS C 501 -15.19 11.77 -64.47
CA LYS C 501 -16.47 11.77 -65.17
C LYS C 501 -17.20 13.11 -65.14
N TYR C 502 -17.17 13.77 -63.98
CA TYR C 502 -17.91 15.02 -63.82
C TYR C 502 -17.01 16.25 -63.97
N GLU C 503 -15.78 16.02 -64.39
CA GLU C 503 -14.80 17.09 -64.52
C GLU C 503 -15.12 18.10 -65.64
N GLU C 504 -16.40 18.21 -65.99
CA GLU C 504 -16.84 19.22 -66.94
C GLU C 504 -16.91 20.59 -66.26
N GLU C 505 -16.90 20.56 -64.92
CA GLU C 505 -16.93 21.76 -64.08
C GLU C 505 -17.90 22.86 -64.53
N SER C 506 -17.37 23.86 -65.25
CA SER C 506 -18.13 25.06 -65.59
C SER C 506 -18.64 25.72 -64.32
N LYS C 507 -17.71 26.08 -63.44
CA LYS C 507 -18.04 26.65 -62.14
C LYS C 507 -18.79 27.97 -62.30
#